data_8G3L
#
_entry.id   8G3L
#
_cell.length_a   1.00
_cell.length_b   1.00
_cell.length_c   1.00
_cell.angle_alpha   90.00
_cell.angle_beta   90.00
_cell.angle_gamma   90.00
#
_symmetry.space_group_name_H-M   'P 1'
#
loop_
_entity.id
_entity.type
_entity.pdbx_description
1 polymer 'Bacitracin export permease protein BceB'
2 polymer 'Bacitracin export ATP-binding protein BceA'
3 polymer 'Sensor protein BceS'
4 non-polymer 'PALMITIC ACID'
5 non-polymer '[(2~{R})-1-[2-azanylethoxy(oxidanyl)phosphoryl]oxy-3-hexadecanoyloxy-propan-2-yl] (~{Z})-octadec-9-enoate'
6 non-polymer 'OLEIC ACID'
#
loop_
_entity_poly.entity_id
_entity_poly.type
_entity_poly.pdbx_seq_one_letter_code
_entity_poly.pdbx_strand_id
1 'polypeptide(L)'
;MNINQLILRNLKKNLRNYYLYVFALIFSVALYFAFVTLQYDPAINEVKASIKGAAAIKTASILLVAVVAIFILYANTIFI
KRRSKEIGLFQLIGMTKHKIFRILSAENVMLYFGSLAIGVAAGFSISKLVLMILFKIVDVKADAKLHFSEQALVQTVIVF
CGIYLLIMIMNYTFIKKQSILSLFKVTSSTEDKVKKISFFQMLIGALGIVLILTGYYVSSELFGGKFKTINELFVAMSFI
LGSVIIGTFLFYKGSVTFISNIIRKSKGGYLNISEVLSLSSIMFRMKSNALLLTIITTVSALAIGLLSLAYISYYSSEKT
AEQNVAADFSFMNEKDAKLFENKLRESNISFVKKATPVLQANVDIANIMDGTPKEMQGDPGNMQLAVVSDKDVKGVDVAA
GEAVFSGYTDLLQKIMVFKDSGVIKVKSKHETQPLKYKGLREEFLVSYTFTSGGMPAVIVDDSLFKQLDKDKDPRIQLAQ
STFIGVNVKHDDQMEKANELFQQVNKKNEHLSRLDTSAAQKSLFGMVMFIVGFLGLTFLITSGCILYFKQMGESEDEKPS
YTILRKLGFTQGDLIKGIRIKQMYNFGIPLVVGLFHSYFAVQSGWFLFGSEVWAPMIMVMVLYTALYSIFGFLSVLYYKK
VIKSSL
;
A
2 'polypeptide(L)'
;MSGHHHHHHVILEANKIRKSYGNKLNKQEVLKGIDIHIEKGEFVSIMGASGSGKTTLLNVLSSIDQVSHGTIHINGNDMT
AMKEKQLAEFRKQHLGFIFQDYNLLDTLTVKENILLPLSITKLSKKEANRKFEEVAKELGIYELRDKYPNEISGGQKQRT
SAGRAFIHDPSIIFADEPTGALDSKSASDLLNKLSQLNQKRNATIIMVTHDPVAASYCGRVIFIKDGQMYTQLNKGGQDR
QTFFQDIMKTQGVLGGVQHEH
;
B,C
3 'polypeptide(L)'
;MIKAFLIERRSWIAAFLFQQALMLFIAFVDPSISFGNVLYMVYLCILFFIIFLWFRYRKETAFYKSLKTWENNLDVTAIN
EPETPFEAMVERSIAGQTEHLKQTAARHRLALENEKDELMAWIHEVKTPLTAMHLIIDRMEEKALKSQLSYEWLRIHLLL
DQQLHQKRISFIENDLSVEFIQLQPLIFKEIKDLQSWCIQKGIGFDIQLEAKEVLSDAKWLAFIIRQLLTNAVKYSEASE
IEIKSFQKGEQTQLQVKDCGRGIDPKDVPRIFDKGFTSTTDHHDQASTGMGLYLAKKAAAPLLIHIDVESEFGAGTVFTL
TFPIRNQFEHVISV
;
D,E
#
loop_
_chem_comp.id
_chem_comp.type
_chem_comp.name
_chem_comp.formula
6OU non-polymer '[(2~{R})-1-[2-azanylethoxy(oxidanyl)phosphoryl]oxy-3-hexadecanoyloxy-propan-2-yl] (~{Z})-octadec-9-enoate' 'C39 H76 N O8 P'
OLA non-polymer 'OLEIC ACID' 'C18 H34 O2'
PLM non-polymer 'PALMITIC ACID' 'C16 H32 O2'
#
# COMPACT_ATOMS: atom_id res chain seq x y z
N MET A 1 12.87 -11.75 -26.31
CA MET A 1 14.02 -10.90 -26.62
C MET A 1 15.33 -11.69 -26.45
N ASN A 2 16.43 -10.98 -26.28
CA ASN A 2 17.70 -11.63 -25.97
C ASN A 2 17.62 -12.35 -24.63
N ILE A 3 18.30 -13.49 -24.56
CA ILE A 3 18.24 -14.32 -23.36
C ILE A 3 19.00 -13.68 -22.21
N ASN A 4 20.13 -13.05 -22.52
CA ASN A 4 21.09 -12.66 -21.48
C ASN A 4 20.49 -11.68 -20.48
N GLN A 5 19.76 -10.68 -20.96
CA GLN A 5 19.18 -9.70 -20.06
C GLN A 5 18.10 -10.32 -19.18
N LEU A 6 17.35 -11.27 -19.73
CA LEU A 6 16.39 -12.01 -18.92
C LEU A 6 17.10 -12.75 -17.78
N ILE A 7 18.22 -13.40 -18.10
CA ILE A 7 18.99 -14.12 -17.08
C ILE A 7 19.47 -13.15 -16.01
N LEU A 8 19.98 -11.99 -16.42
CA LEU A 8 20.55 -11.02 -15.48
C LEU A 8 19.48 -10.44 -14.55
N ARG A 9 18.31 -10.10 -15.11
CA ARG A 9 17.23 -9.59 -14.27
C ARG A 9 16.77 -10.64 -13.28
N ASN A 10 16.69 -11.90 -13.72
CA ASN A 10 16.35 -12.97 -12.81
C ASN A 10 17.37 -13.10 -11.69
N LEU A 11 18.66 -12.96 -12.02
CA LEU A 11 19.69 -13.08 -11.00
C LEU A 11 19.59 -11.97 -9.96
N LYS A 12 19.34 -10.74 -10.40
CA LYS A 12 19.16 -9.66 -9.42
C LYS A 12 17.94 -9.92 -8.53
N LYS A 13 16.84 -10.37 -9.13
CA LYS A 13 15.64 -10.65 -8.34
C LYS A 13 15.89 -11.75 -7.32
N ASN A 14 16.61 -12.80 -7.72
CA ASN A 14 16.94 -13.88 -6.79
C ASN A 14 17.84 -13.37 -5.67
N LEU A 15 18.84 -12.57 -6.00
CA LEU A 15 19.78 -12.11 -5.00
C LEU A 15 19.10 -11.23 -3.96
N ARG A 16 18.12 -10.43 -4.38
CA ARG A 16 17.38 -9.62 -3.41
C ARG A 16 16.51 -10.47 -2.50
N ASN A 17 15.81 -11.47 -3.07
CA ASN A 17 14.81 -12.21 -2.30
C ASN A 17 15.45 -13.16 -1.30
N TYR A 18 16.47 -13.90 -1.72
CA TYR A 18 17.16 -14.87 -0.87
C TYR A 18 18.50 -14.26 -0.47
N TYR A 19 18.50 -13.50 0.63
CA TYR A 19 19.78 -13.03 1.16
C TYR A 19 20.24 -13.83 2.35
N LEU A 20 19.32 -14.48 3.06
CA LEU A 20 19.73 -15.40 4.12
C LEU A 20 20.41 -16.63 3.55
N TYR A 21 20.02 -17.08 2.36
CA TYR A 21 20.73 -18.19 1.73
C TYR A 21 22.18 -17.82 1.46
N VAL A 22 22.43 -16.62 0.94
CA VAL A 22 23.80 -16.21 0.65
C VAL A 22 24.59 -15.98 1.93
N PHE A 23 23.95 -15.41 2.95
CA PHE A 23 24.64 -15.27 4.23
C PHE A 23 25.06 -16.61 4.79
N ALA A 24 24.16 -17.60 4.75
CA ALA A 24 24.49 -18.92 5.27
C ALA A 24 25.61 -19.57 4.47
N LEU A 25 25.61 -19.39 3.15
CA LEU A 25 26.70 -19.94 2.35
C LEU A 25 28.04 -19.33 2.75
N ILE A 26 28.10 -18.02 2.90
CA ILE A 26 29.36 -17.35 3.25
C ILE A 26 29.84 -17.81 4.63
N PHE A 27 28.91 -17.87 5.60
CA PHE A 27 29.28 -18.31 6.95
C PHE A 27 29.82 -19.73 6.96
N SER A 28 29.15 -20.65 6.25
CA SER A 28 29.58 -22.05 6.26
C SER A 28 30.95 -22.21 5.60
N VAL A 29 31.18 -21.54 4.47
CA VAL A 29 32.49 -21.65 3.83
C VAL A 29 33.58 -21.11 4.74
N ALA A 30 33.30 -19.98 5.42
CA ALA A 30 34.28 -19.40 6.32
C ALA A 30 34.66 -20.37 7.44
N LEU A 31 33.65 -20.98 8.06
CA LEU A 31 33.95 -21.91 9.17
C LEU A 31 34.72 -23.12 8.71
N TYR A 32 34.38 -23.69 7.55
CA TYR A 32 35.15 -24.84 7.08
C TYR A 32 36.61 -24.46 6.81
N PHE A 33 36.83 -23.31 6.17
CA PHE A 33 38.20 -22.86 5.93
C PHE A 33 38.95 -22.70 7.24
N ALA A 34 38.31 -22.10 8.24
CA ALA A 34 38.98 -21.85 9.52
C ALA A 34 39.38 -23.16 10.20
N PHE A 35 38.46 -24.14 10.27
CA PHE A 35 38.81 -25.40 10.93
C PHE A 35 39.89 -26.16 10.20
N VAL A 36 39.85 -26.20 8.87
CA VAL A 36 40.90 -26.95 8.18
C VAL A 36 42.26 -26.26 8.33
N THR A 37 42.28 -24.92 8.34
CA THR A 37 43.55 -24.23 8.61
C THR A 37 44.05 -24.54 10.01
N LEU A 38 43.16 -24.51 11.00
CA LEU A 38 43.58 -24.74 12.38
C LEU A 38 44.02 -26.19 12.61
N GLN A 39 43.56 -27.12 11.78
CA GLN A 39 43.96 -28.51 11.94
C GLN A 39 45.45 -28.70 11.67
N TYR A 40 45.99 -28.02 10.66
CA TYR A 40 47.38 -28.19 10.25
C TYR A 40 48.34 -27.25 10.96
N ASP A 41 47.84 -26.35 11.79
CA ASP A 41 48.67 -25.37 12.46
C ASP A 41 49.53 -26.05 13.51
N PRO A 42 50.86 -25.94 13.46
CA PRO A 42 51.71 -26.70 14.39
C PRO A 42 51.50 -26.36 15.86
N ALA A 43 50.98 -25.19 16.18
CA ALA A 43 50.75 -24.83 17.57
C ALA A 43 49.60 -25.61 18.19
N ILE A 44 48.85 -26.37 17.41
CA ILE A 44 47.79 -27.21 17.96
C ILE A 44 48.33 -28.35 18.80
N ASN A 45 49.63 -28.58 18.78
CA ASN A 45 50.25 -29.64 19.56
C ASN A 45 50.54 -29.23 21.00
N GLU A 46 50.27 -27.99 21.37
CA GLU A 46 50.43 -27.55 22.75
C GLU A 46 49.31 -28.03 23.64
N VAL A 47 48.14 -28.31 23.08
CA VAL A 47 46.99 -28.74 23.89
C VAL A 47 47.26 -30.16 24.35
N LYS A 48 47.56 -30.31 25.64
CA LYS A 48 47.92 -31.60 26.21
C LYS A 48 46.75 -32.13 27.04
N ALA A 49 46.22 -33.28 26.63
CA ALA A 49 45.18 -33.97 27.37
C ALA A 49 45.09 -35.39 26.84
N SER A 50 44.10 -36.14 27.33
CA SER A 50 43.92 -37.52 26.89
C SER A 50 43.61 -37.59 25.41
N ILE A 51 42.76 -36.69 24.92
CA ILE A 51 42.39 -36.69 23.52
C ILE A 51 43.61 -36.32 22.67
N LYS A 52 43.64 -36.85 21.45
CA LYS A 52 44.87 -36.84 20.67
C LYS A 52 45.30 -35.44 20.22
N GLY A 53 44.45 -34.43 20.39
CA GLY A 53 44.79 -33.09 19.96
C GLY A 53 44.13 -32.70 18.66
N ALA A 54 44.88 -32.72 17.57
CA ALA A 54 44.35 -32.39 16.25
C ALA A 54 43.60 -33.54 15.60
N ALA A 55 43.24 -34.58 16.36
CA ALA A 55 42.38 -35.63 15.85
C ALA A 55 40.91 -35.39 16.17
N ALA A 56 40.59 -34.36 16.96
CA ALA A 56 39.21 -33.95 17.17
C ALA A 56 38.75 -32.90 16.18
N ILE A 57 39.67 -32.06 15.70
CA ILE A 57 39.33 -31.07 14.68
C ILE A 57 38.89 -31.76 13.40
N LYS A 58 39.52 -32.88 13.07
CA LYS A 58 39.11 -33.64 11.88
C LYS A 58 37.69 -34.16 12.02
N THR A 59 37.34 -34.67 13.20
CA THR A 59 35.97 -35.11 13.45
C THR A 59 34.99 -33.94 13.33
N ALA A 60 35.37 -32.78 13.85
CA ALA A 60 34.50 -31.61 13.71
C ALA A 60 34.26 -31.26 12.24
N SER A 61 35.31 -31.30 11.43
CA SER A 61 35.16 -30.99 10.01
C SER A 61 34.23 -31.99 9.32
N ILE A 62 34.44 -33.28 9.59
CA ILE A 62 33.60 -34.31 8.97
C ILE A 62 32.14 -34.11 9.35
N LEU A 63 31.88 -33.80 10.63
CA LEU A 63 30.49 -33.59 11.05
C LEU A 63 29.89 -32.32 10.47
N LEU A 64 30.69 -31.26 10.33
CA LEU A 64 30.20 -29.99 9.83
C LEU A 64 29.74 -30.09 8.38
N VAL A 65 30.52 -30.80 7.55
CA VAL A 65 30.18 -30.82 6.14
C VAL A 65 28.84 -31.52 5.90
N ALA A 66 28.45 -32.45 6.77
CA ALA A 66 27.17 -33.14 6.60
C ALA A 66 25.99 -32.20 6.82
N VAL A 67 26.03 -31.41 7.89
CA VAL A 67 24.97 -30.42 8.13
C VAL A 67 24.89 -29.44 6.97
N VAL A 68 26.05 -28.95 6.50
CA VAL A 68 26.02 -27.98 5.42
C VAL A 68 25.43 -28.58 4.15
N ALA A 69 25.82 -29.83 3.82
CA ALA A 69 25.29 -30.47 2.62
C ALA A 69 23.79 -30.66 2.71
N ILE A 70 23.28 -31.09 3.86
CA ILE A 70 21.84 -31.31 3.98
C ILE A 70 21.08 -30.00 3.81
N PHE A 71 21.56 -28.93 4.45
CA PHE A 71 20.89 -27.63 4.32
C PHE A 71 20.85 -27.19 2.87
N ILE A 72 21.97 -27.32 2.17
CA ILE A 72 22.02 -26.84 0.78
C ILE A 72 21.07 -27.64 -0.11
N LEU A 73 21.09 -28.97 0.00
CA LEU A 73 20.25 -29.80 -0.86
C LEU A 73 18.78 -29.49 -0.62
N TYR A 74 18.36 -29.41 0.64
CA TYR A 74 16.96 -29.13 0.93
C TYR A 74 16.56 -27.73 0.48
N ALA A 75 17.42 -26.74 0.67
CA ALA A 75 17.07 -25.39 0.24
C ALA A 75 16.84 -25.36 -1.26
N ASN A 76 17.72 -25.99 -2.04
CA ASN A 76 17.52 -25.93 -3.49
C ASN A 76 16.29 -26.71 -3.93
N THR A 77 15.93 -27.80 -3.24
CA THR A 77 14.69 -28.45 -3.65
C THR A 77 13.46 -27.64 -3.25
N ILE A 78 13.56 -26.75 -2.27
CA ILE A 78 12.49 -25.78 -2.06
C ILE A 78 12.47 -24.76 -3.20
N PHE A 79 13.65 -24.29 -3.60
CA PHE A 79 13.72 -23.19 -4.56
C PHE A 79 13.19 -23.59 -5.92
N ILE A 80 13.56 -24.77 -6.41
CA ILE A 80 13.17 -25.14 -7.77
C ILE A 80 11.65 -25.24 -7.88
N LYS A 81 10.99 -25.72 -6.83
CA LYS A 81 9.58 -26.03 -6.94
C LYS A 81 8.73 -24.79 -7.16
N ARG A 82 9.26 -23.60 -6.88
CA ARG A 82 8.52 -22.36 -7.03
C ARG A 82 8.67 -21.78 -8.43
N ARG A 83 9.21 -22.54 -9.37
CA ARG A 83 9.36 -22.13 -10.76
C ARG A 83 8.68 -23.10 -11.70
N SER A 84 7.61 -23.75 -11.23
CA SER A 84 6.91 -24.70 -12.09
C SER A 84 6.07 -23.98 -13.13
N LYS A 85 5.48 -22.84 -12.77
CA LYS A 85 4.70 -22.07 -13.72
C LYS A 85 5.55 -21.62 -14.89
N GLU A 86 6.75 -21.11 -14.62
CA GLU A 86 7.61 -20.61 -15.68
C GLU A 86 8.10 -21.74 -16.58
N ILE A 87 8.42 -22.90 -16.00
CA ILE A 87 8.82 -24.05 -16.82
C ILE A 87 7.67 -24.47 -17.72
N GLY A 88 6.45 -24.55 -17.17
CA GLY A 88 5.32 -24.91 -17.98
C GLY A 88 5.07 -23.93 -19.12
N LEU A 89 5.18 -22.63 -18.82
CA LEU A 89 4.97 -21.62 -19.85
C LEU A 89 6.02 -21.72 -20.95
N PHE A 90 7.30 -21.86 -20.57
CA PHE A 90 8.34 -21.97 -21.59
C PHE A 90 8.17 -23.22 -22.43
N GLN A 91 7.64 -24.28 -21.84
CA GLN A 91 7.38 -25.50 -22.61
C GLN A 91 6.17 -25.33 -23.51
N LEU A 92 5.20 -24.52 -23.10
CA LEU A 92 4.01 -24.30 -23.92
C LEU A 92 4.29 -23.35 -25.08
N ILE A 93 5.21 -22.40 -24.91
CA ILE A 93 5.52 -21.47 -25.99
C ILE A 93 6.17 -22.20 -27.16
N GLY A 94 6.99 -23.21 -26.87
CA GLY A 94 7.51 -24.06 -27.93
C GLY A 94 8.95 -24.50 -27.73
N MET A 95 9.69 -23.74 -26.93
CA MET A 95 11.09 -24.02 -26.70
C MET A 95 11.26 -25.23 -25.79
N THR A 96 12.31 -26.00 -26.04
CA THR A 96 12.43 -27.37 -25.55
C THR A 96 12.83 -27.39 -24.06
N LYS A 97 13.30 -28.54 -23.59
CA LYS A 97 13.76 -28.68 -22.21
C LYS A 97 15.24 -28.39 -22.03
N HIS A 98 16.07 -28.79 -22.99
CA HIS A 98 17.49 -28.47 -22.92
C HIS A 98 17.77 -27.04 -23.23
N LYS A 99 16.71 -26.24 -23.40
CA LYS A 99 16.82 -24.80 -23.45
C LYS A 99 16.31 -24.13 -22.18
N ILE A 100 15.46 -24.81 -21.41
CA ILE A 100 15.07 -24.30 -20.10
C ILE A 100 16.11 -24.64 -19.05
N PHE A 101 16.78 -25.78 -19.18
CA PHE A 101 17.82 -26.15 -18.24
C PHE A 101 18.94 -25.12 -18.27
N ARG A 102 19.34 -24.68 -19.46
CA ARG A 102 20.42 -23.71 -19.60
C ARG A 102 20.02 -22.29 -19.22
N ILE A 103 18.73 -22.01 -19.02
CA ILE A 103 18.33 -20.72 -18.43
C ILE A 103 18.29 -20.80 -16.93
N LEU A 104 17.64 -21.80 -16.37
CA LEU A 104 17.46 -21.79 -14.92
C LEU A 104 18.59 -22.48 -14.18
N SER A 105 19.63 -22.93 -14.88
CA SER A 105 20.84 -23.41 -14.22
C SER A 105 22.06 -22.55 -14.51
N ALA A 106 21.92 -21.50 -15.31
CA ALA A 106 23.02 -20.58 -15.57
C ALA A 106 22.88 -19.29 -14.77
N GLU A 107 21.92 -19.23 -13.85
CA GLU A 107 21.86 -18.15 -12.88
C GLU A 107 21.99 -18.64 -11.44
N ASN A 108 22.31 -19.92 -11.24
CA ASN A 108 22.75 -20.37 -9.93
C ASN A 108 24.25 -20.57 -9.86
N VAL A 109 24.89 -20.92 -10.98
CA VAL A 109 26.34 -21.03 -11.03
C VAL A 109 27.01 -19.66 -10.96
N MET A 110 26.23 -18.58 -10.98
CA MET A 110 26.79 -17.27 -10.67
C MET A 110 26.71 -16.97 -9.18
N LEU A 111 25.52 -17.14 -8.59
CA LEU A 111 25.32 -16.84 -7.18
C LEU A 111 26.17 -17.74 -6.29
N TYR A 112 26.14 -19.05 -6.57
CA TYR A 112 26.88 -20.00 -5.74
C TYR A 112 28.37 -19.74 -5.80
N PHE A 113 28.92 -19.51 -6.99
CA PHE A 113 30.36 -19.35 -7.11
C PHE A 113 30.83 -17.99 -6.63
N GLY A 114 29.99 -16.95 -6.77
CA GLY A 114 30.35 -15.68 -6.15
C GLY A 114 30.41 -15.76 -4.64
N SER A 115 29.43 -16.45 -4.03
CA SER A 115 29.45 -16.59 -2.57
C SER A 115 30.59 -17.49 -2.11
N LEU A 116 30.92 -18.51 -2.90
CA LEU A 116 32.08 -19.34 -2.55
C LEU A 116 33.37 -18.54 -2.64
N ALA A 117 33.51 -17.66 -3.62
CA ALA A 117 34.70 -16.83 -3.70
C ALA A 117 34.77 -15.83 -2.55
N ILE A 118 33.63 -15.29 -2.12
CA ILE A 118 33.65 -14.40 -0.95
C ILE A 118 34.00 -15.16 0.32
N GLY A 119 33.54 -16.41 0.44
CA GLY A 119 33.76 -17.15 1.67
C GLY A 119 35.22 -17.47 1.95
N VAL A 120 35.97 -17.88 0.92
CA VAL A 120 37.39 -18.14 1.10
C VAL A 120 38.15 -16.87 1.45
N ALA A 121 37.82 -15.76 0.78
CA ALA A 121 38.50 -14.50 1.05
C ALA A 121 38.16 -13.94 2.43
N ALA A 122 37.04 -14.33 3.01
CA ALA A 122 36.64 -13.88 4.35
C ALA A 122 36.81 -14.97 5.38
N GLY A 123 37.49 -16.07 5.06
CA GLY A 123 37.86 -17.07 6.04
C GLY A 123 39.32 -16.98 6.38
N PHE A 124 40.07 -16.23 5.57
CA PHE A 124 41.47 -15.95 5.88
C PHE A 124 41.59 -14.91 6.98
N SER A 125 40.58 -14.06 7.15
CA SER A 125 40.63 -12.97 8.12
C SER A 125 40.27 -13.40 9.53
N ILE A 126 39.61 -14.54 9.70
CA ILE A 126 39.01 -14.91 10.98
C ILE A 126 39.71 -16.09 11.63
N SER A 127 40.70 -16.70 10.96
CA SER A 127 41.35 -17.89 11.48
C SER A 127 42.15 -17.61 12.73
N LYS A 128 42.88 -16.48 12.78
CA LYS A 128 43.66 -16.17 13.97
C LYS A 128 42.77 -15.92 15.17
N LEU A 129 41.63 -15.26 14.97
CA LEU A 129 40.69 -15.07 16.05
C LEU A 129 40.13 -16.40 16.54
N VAL A 130 39.83 -17.32 15.63
CA VAL A 130 39.35 -18.64 16.04
C VAL A 130 40.40 -19.37 16.85
N LEU A 131 41.66 -19.32 16.41
CA LEU A 131 42.72 -20.01 17.13
C LEU A 131 42.94 -19.42 18.53
N MET A 132 42.90 -18.09 18.65
CA MET A 132 43.07 -17.47 19.96
C MET A 132 41.92 -17.79 20.88
N ILE A 133 40.69 -17.85 20.34
CA ILE A 133 39.57 -18.29 21.15
C ILE A 133 39.79 -19.69 21.66
N LEU A 134 40.35 -20.57 20.84
CA LEU A 134 40.64 -21.93 21.30
C LEU A 134 41.67 -21.92 22.40
N PHE A 135 42.75 -21.16 22.24
CA PHE A 135 43.82 -21.18 23.23
C PHE A 135 43.38 -20.60 24.56
N LYS A 136 42.49 -19.62 24.55
CA LYS A 136 42.08 -19.00 25.82
C LYS A 136 41.39 -20.00 26.74
N ILE A 137 40.54 -20.88 26.18
CA ILE A 137 39.75 -21.80 26.99
C ILE A 137 40.64 -22.82 27.67
N VAL A 138 41.56 -23.44 26.91
CA VAL A 138 42.40 -24.51 27.44
C VAL A 138 43.59 -24.01 28.24
N ASP A 139 43.77 -22.68 28.34
CA ASP A 139 44.81 -22.05 29.15
C ASP A 139 46.22 -22.49 28.73
N VAL A 140 46.60 -22.11 27.52
CA VAL A 140 47.97 -22.32 27.07
C VAL A 140 48.57 -20.97 26.69
N LYS A 141 49.88 -20.85 26.90
CA LYS A 141 50.61 -19.63 26.59
C LYS A 141 51.45 -19.91 25.35
N ALA A 142 51.01 -19.36 24.22
CA ALA A 142 51.70 -19.57 22.95
C ALA A 142 51.37 -18.39 22.05
N ASP A 143 51.88 -18.46 20.81
CA ASP A 143 51.77 -17.37 19.86
C ASP A 143 50.96 -17.80 18.64
N ALA A 144 49.95 -17.01 18.31
CA ALA A 144 49.14 -17.23 17.12
C ALA A 144 49.65 -16.34 16.00
N LYS A 145 49.78 -16.92 14.81
CA LYS A 145 50.30 -16.22 13.66
C LYS A 145 49.30 -16.27 12.52
N LEU A 146 49.43 -15.33 11.59
CA LEU A 146 48.53 -15.21 10.45
C LEU A 146 49.19 -15.85 9.24
N HIS A 147 48.65 -16.97 8.78
CA HIS A 147 49.15 -17.65 7.60
C HIS A 147 47.98 -18.24 6.83
N PHE A 148 48.23 -18.60 5.56
CA PHE A 148 47.15 -18.94 4.66
C PHE A 148 46.80 -20.43 4.63
N SER A 149 47.79 -21.33 4.73
CA SER A 149 47.54 -22.77 4.77
C SER A 149 46.80 -23.24 3.52
N GLU A 150 47.50 -23.21 2.41
CA GLU A 150 46.94 -23.56 1.11
C GLU A 150 46.51 -25.00 1.01
N GLN A 151 46.50 -25.81 2.08
CA GLN A 151 45.77 -27.08 2.03
C GLN A 151 44.26 -26.88 2.21
N ALA A 152 43.87 -25.95 3.09
CA ALA A 152 42.46 -25.72 3.36
C ALA A 152 41.74 -25.12 2.15
N LEU A 153 42.43 -24.30 1.35
CA LEU A 153 41.86 -23.82 0.11
C LEU A 153 41.45 -24.98 -0.80
N VAL A 154 42.36 -25.93 -1.01
CA VAL A 154 42.05 -27.08 -1.86
C VAL A 154 40.91 -27.89 -1.27
N GLN A 155 40.99 -28.14 0.04
CA GLN A 155 40.02 -29.00 0.70
C GLN A 155 38.63 -28.35 0.78
N THR A 156 38.53 -27.05 0.59
CA THR A 156 37.20 -26.43 0.50
C THR A 156 36.67 -26.41 -0.94
N VAL A 157 37.54 -26.08 -1.90
CA VAL A 157 37.10 -26.06 -3.29
C VAL A 157 36.52 -27.42 -3.69
N ILE A 158 37.22 -28.51 -3.33
CA ILE A 158 36.78 -29.82 -3.77
C ILE A 158 35.41 -30.17 -3.18
N VAL A 159 35.24 -29.91 -1.88
CA VAL A 159 34.00 -30.28 -1.22
C VAL A 159 32.81 -29.55 -1.82
N PHE A 160 32.93 -28.24 -1.97
CA PHE A 160 31.74 -27.51 -2.41
C PHE A 160 31.47 -27.72 -3.90
N CYS A 161 32.51 -28.02 -4.69
CA CYS A 161 32.25 -28.45 -6.08
C CYS A 161 31.46 -29.75 -6.12
N GLY A 162 31.81 -30.72 -5.27
CA GLY A 162 31.03 -31.95 -5.23
C GLY A 162 29.57 -31.72 -4.90
N ILE A 163 29.29 -30.90 -3.89
CA ILE A 163 27.90 -30.64 -3.53
C ILE A 163 27.16 -29.98 -4.68
N TYR A 164 27.83 -29.06 -5.40
CA TYR A 164 27.13 -28.42 -6.52
C TYR A 164 26.80 -29.41 -7.64
N LEU A 165 27.72 -30.33 -7.93
CA LEU A 165 27.38 -31.37 -8.90
C LEU A 165 26.12 -32.12 -8.48
N LEU A 166 26.01 -32.41 -7.19
CA LEU A 166 24.80 -33.11 -6.73
C LEU A 166 23.55 -32.27 -6.97
N ILE A 167 23.63 -30.96 -6.75
CA ILE A 167 22.45 -30.10 -6.97
C ILE A 167 22.01 -30.15 -8.43
N MET A 168 22.97 -30.04 -9.35
CA MET A 168 22.58 -30.07 -10.77
C MET A 168 21.89 -31.39 -11.12
N ILE A 169 22.44 -32.50 -10.63
CA ILE A 169 21.80 -33.79 -10.90
C ILE A 169 20.37 -33.81 -10.37
N MET A 170 20.14 -33.22 -9.20
CA MET A 170 18.79 -33.25 -8.63
C MET A 170 17.83 -32.33 -9.38
N ASN A 171 18.33 -31.26 -10.02
CA ASN A 171 17.44 -30.37 -10.78
C ASN A 171 17.02 -31.01 -12.10
N TYR A 172 17.93 -31.73 -12.75
CA TYR A 172 17.62 -32.27 -14.07
C TYR A 172 16.43 -33.22 -14.01
N THR A 173 16.36 -34.06 -12.97
CA THR A 173 15.26 -35.01 -12.86
C THR A 173 13.91 -34.30 -12.76
N PHE A 174 13.84 -33.26 -11.94
CA PHE A 174 12.58 -32.54 -11.80
C PHE A 174 12.16 -31.90 -13.10
N ILE A 175 13.10 -31.32 -13.84
CA ILE A 175 12.72 -30.72 -15.12
C ILE A 175 12.25 -31.80 -16.09
N LYS A 176 12.91 -32.95 -16.10
CA LYS A 176 12.56 -34.00 -17.06
C LYS A 176 11.20 -34.60 -16.77
N LYS A 177 10.89 -34.87 -15.51
CA LYS A 177 9.65 -35.57 -15.22
C LYS A 177 8.44 -34.65 -15.11
N GLN A 178 8.65 -33.33 -15.15
CA GLN A 178 7.56 -32.37 -15.03
C GLN A 178 7.11 -31.86 -16.40
N SER A 179 7.29 -32.66 -17.44
CA SER A 179 6.98 -32.26 -18.80
C SER A 179 5.50 -32.44 -19.15
N ILE A 180 4.64 -32.58 -18.14
CA ILE A 180 3.24 -32.87 -18.42
C ILE A 180 2.52 -31.67 -19.04
N LEU A 181 3.10 -30.46 -18.93
CA LEU A 181 2.46 -29.24 -19.39
C LEU A 181 1.11 -29.07 -18.68
N SER A 182 1.21 -28.96 -17.35
CA SER A 182 0.05 -28.88 -16.47
C SER A 182 0.09 -27.51 -15.80
N LEU A 183 -0.49 -26.52 -16.46
CA LEU A 183 -0.53 -25.16 -15.94
C LEU A 183 -1.78 -24.93 -15.12
N LYS A 195 -13.92 -28.89 6.56
CA LYS A 195 -12.88 -29.52 7.36
C LYS A 195 -13.37 -29.81 8.77
N LYS A 196 -13.58 -31.10 9.07
CA LYS A 196 -14.04 -31.51 10.39
C LYS A 196 -13.18 -32.65 10.89
N ILE A 197 -12.88 -32.62 12.19
CA ILE A 197 -11.99 -33.61 12.78
C ILE A 197 -12.70 -34.95 12.93
N SER A 198 -11.94 -36.03 12.87
CA SER A 198 -12.47 -37.38 12.89
C SER A 198 -12.16 -38.02 14.24
N PHE A 199 -12.50 -39.31 14.35
CA PHE A 199 -12.16 -40.06 15.56
C PHE A 199 -10.69 -40.44 15.55
N PHE A 200 -10.15 -40.78 14.38
CA PHE A 200 -8.75 -41.18 14.30
C PHE A 200 -7.82 -40.05 14.70
N GLN A 201 -8.08 -38.85 14.21
CA GLN A 201 -7.27 -37.68 14.54
C GLN A 201 -7.54 -37.16 15.94
N MET A 202 -8.27 -37.93 16.73
CA MET A 202 -8.44 -37.69 18.15
C MET A 202 -7.59 -38.66 18.97
N LEU A 203 -7.65 -39.94 18.63
CA LEU A 203 -6.79 -40.92 19.28
C LEU A 203 -5.32 -40.62 19.00
N ILE A 204 -4.99 -40.30 17.75
CA ILE A 204 -3.61 -39.97 17.42
C ILE A 204 -3.20 -38.68 18.12
N GLY A 205 -4.15 -37.79 18.41
CA GLY A 205 -3.81 -36.57 19.11
C GLY A 205 -3.53 -36.79 20.58
N ALA A 206 -4.29 -37.67 21.22
CA ALA A 206 -4.05 -37.95 22.63
C ALA A 206 -2.81 -38.81 22.84
N LEU A 207 -2.53 -39.72 21.89
CA LEU A 207 -1.38 -40.59 22.05
C LEU A 207 -0.06 -39.82 22.03
N GLY A 208 0.01 -38.70 21.30
CA GLY A 208 1.23 -37.92 21.33
C GLY A 208 1.56 -37.38 22.70
N ILE A 209 0.57 -36.78 23.36
CA ILE A 209 0.77 -36.25 24.70
C ILE A 209 1.05 -37.38 25.68
N VAL A 210 0.41 -38.54 25.49
CA VAL A 210 0.66 -39.65 26.40
C VAL A 210 2.08 -40.18 26.23
N LEU A 211 2.57 -40.27 25.00
CA LEU A 211 3.90 -40.84 24.78
C LEU A 211 5.01 -39.85 25.10
N ILE A 212 4.76 -38.54 25.08
CA ILE A 212 5.81 -37.60 25.44
C ILE A 212 6.19 -37.74 26.91
N LEU A 213 5.20 -37.79 27.80
CA LEU A 213 5.49 -37.74 29.23
C LEU A 213 5.98 -39.06 29.80
N THR A 214 5.70 -40.19 29.13
CA THR A 214 6.24 -41.46 29.62
C THR A 214 7.75 -41.44 29.60
N GLY A 215 8.35 -40.88 28.56
CA GLY A 215 9.79 -40.73 28.52
C GLY A 215 10.31 -39.88 29.67
N TYR A 216 9.64 -38.76 29.95
CA TYR A 216 10.09 -37.90 31.04
C TYR A 216 10.04 -38.64 32.36
N TYR A 217 8.95 -39.36 32.62
CA TYR A 217 8.82 -40.05 33.91
C TYR A 217 9.84 -41.17 34.06
N VAL A 218 10.05 -41.97 33.02
CA VAL A 218 11.06 -43.01 33.13
C VAL A 218 12.44 -42.40 33.27
N SER A 219 12.68 -41.26 32.63
CA SER A 219 13.97 -40.56 32.77
C SER A 219 14.21 -40.10 34.19
N SER A 220 13.17 -39.62 34.87
CA SER A 220 13.37 -39.08 36.22
C SER A 220 13.76 -40.15 37.23
N GLU A 221 13.63 -41.44 36.90
CA GLU A 221 14.11 -42.48 37.79
C GLU A 221 15.53 -42.91 37.45
N LEU A 222 15.71 -43.54 36.28
CA LEU A 222 17.02 -44.00 35.80
C LEU A 222 17.89 -44.57 36.90
N PHE A 223 18.94 -43.84 37.29
CA PHE A 223 19.84 -44.29 38.35
C PHE A 223 19.12 -44.21 39.70
N GLY A 224 18.18 -45.12 39.87
CA GLY A 224 17.41 -45.19 41.11
C GLY A 224 17.46 -46.56 41.75
N GLY A 225 16.33 -47.00 42.31
CA GLY A 225 16.26 -48.32 42.89
C GLY A 225 16.11 -49.46 41.91
N LYS A 226 15.93 -49.15 40.63
CA LYS A 226 15.75 -50.13 39.58
C LYS A 226 16.81 -49.92 38.50
N PHE A 227 16.73 -50.76 37.46
CA PHE A 227 17.65 -50.70 36.32
C PHE A 227 19.11 -50.77 36.74
N LYS A 228 19.39 -51.37 37.90
CA LYS A 228 20.74 -51.34 38.47
C LYS A 228 21.55 -52.53 37.95
N THR A 229 21.89 -52.46 36.67
CA THR A 229 22.69 -53.49 36.03
C THR A 229 23.35 -52.88 34.80
N ILE A 230 24.53 -53.40 34.46
CA ILE A 230 25.27 -52.88 33.31
C ILE A 230 24.53 -53.13 32.01
N ASN A 231 23.75 -54.21 31.93
CA ASN A 231 23.05 -54.57 30.70
C ASN A 231 21.56 -54.25 30.72
N GLU A 232 21.03 -53.76 31.84
CA GLU A 232 19.64 -53.34 31.90
C GLU A 232 19.49 -51.83 31.73
N LEU A 233 20.53 -51.16 31.27
CA LEU A 233 20.50 -49.71 31.12
C LEU A 233 20.20 -49.28 29.69
N PHE A 234 20.79 -49.98 28.71
CA PHE A 234 20.58 -49.62 27.32
C PHE A 234 19.11 -49.76 26.92
N VAL A 235 18.41 -50.74 27.49
CA VAL A 235 16.98 -50.87 27.21
C VAL A 235 16.23 -49.63 27.68
N ALA A 236 16.53 -49.14 28.88
CA ALA A 236 15.85 -47.95 29.39
C ALA A 236 16.16 -46.73 28.53
N MET A 237 17.43 -46.56 28.15
CA MET A 237 17.78 -45.40 27.33
C MET A 237 17.08 -45.48 25.97
N SER A 238 17.06 -46.65 25.35
CA SER A 238 16.39 -46.80 24.07
C SER A 238 14.90 -46.51 24.19
N PHE A 239 14.27 -46.99 25.26
CA PHE A 239 12.85 -46.73 25.44
C PHE A 239 12.58 -45.24 25.56
N ILE A 240 13.37 -44.54 26.37
CA ILE A 240 13.11 -43.10 26.56
C ILE A 240 13.27 -42.35 25.25
N LEU A 241 14.37 -42.60 24.54
CA LEU A 241 14.57 -41.88 23.27
C LEU A 241 13.46 -42.17 22.28
N GLY A 242 13.13 -43.44 22.07
CA GLY A 242 12.10 -43.77 21.11
C GLY A 242 10.74 -43.18 21.49
N SER A 243 10.39 -43.28 22.77
CA SER A 243 9.12 -42.75 23.22
C SER A 243 9.02 -41.25 22.96
N VAL A 244 10.06 -40.50 23.34
CA VAL A 244 9.97 -39.05 23.21
C VAL A 244 9.96 -38.63 21.75
N ILE A 245 10.75 -39.29 20.90
CA ILE A 245 10.77 -38.92 19.49
C ILE A 245 9.42 -39.20 18.82
N ILE A 246 8.87 -40.39 19.07
CA ILE A 246 7.57 -40.71 18.46
C ILE A 246 6.48 -39.79 19.00
N GLY A 247 6.52 -39.50 20.30
CA GLY A 247 5.55 -38.59 20.87
C GLY A 247 5.62 -37.21 20.26
N THR A 248 6.83 -36.71 19.98
CA THR A 248 6.95 -35.43 19.30
C THR A 248 6.35 -35.48 17.91
N PHE A 249 6.68 -36.52 17.14
CA PHE A 249 6.17 -36.58 15.77
C PHE A 249 4.65 -36.62 15.75
N LEU A 250 4.04 -37.45 16.59
CA LEU A 250 2.58 -37.48 16.62
C LEU A 250 1.98 -36.27 17.31
N PHE A 251 2.78 -35.50 18.06
CA PHE A 251 2.31 -34.25 18.64
C PHE A 251 2.17 -33.18 17.56
N TYR A 252 3.04 -33.20 16.57
CA TYR A 252 2.88 -32.23 15.48
C TYR A 252 1.76 -32.62 14.55
N LYS A 253 1.53 -33.91 14.34
CA LYS A 253 0.48 -34.38 13.45
C LYS A 253 -0.75 -34.80 14.26
N GLY A 254 -1.39 -33.83 14.88
CA GLY A 254 -2.67 -34.10 15.51
C GLY A 254 -2.97 -33.48 16.86
N SER A 255 -1.98 -33.32 17.72
CA SER A 255 -2.25 -32.70 19.01
C SER A 255 -2.31 -31.18 18.93
N VAL A 256 -1.72 -30.58 17.89
CA VAL A 256 -1.90 -29.15 17.67
C VAL A 256 -3.31 -28.88 17.17
N THR A 257 -3.81 -29.71 16.25
CA THR A 257 -5.17 -29.57 15.77
C THR A 257 -6.19 -29.77 16.89
N PHE A 258 -5.95 -30.76 17.76
CA PHE A 258 -6.87 -31.02 18.86
C PHE A 258 -7.00 -29.82 19.79
N ILE A 259 -5.88 -29.30 20.28
CA ILE A 259 -5.93 -28.18 21.22
C ILE A 259 -6.52 -26.96 20.54
N SER A 260 -6.09 -26.68 19.31
CA SER A 260 -6.59 -25.49 18.63
C SER A 260 -8.08 -25.61 18.33
N ASN A 261 -8.55 -26.82 18.00
CA ASN A 261 -9.97 -27.04 17.77
C ASN A 261 -10.78 -26.82 19.05
N ILE A 262 -10.26 -27.27 20.19
CA ILE A 262 -10.94 -27.02 21.46
C ILE A 262 -11.02 -25.53 21.74
N ILE A 263 -9.89 -24.83 21.59
CA ILE A 263 -9.87 -23.39 21.87
C ILE A 263 -10.85 -22.66 20.97
N ARG A 264 -10.88 -23.02 19.69
CA ARG A 264 -11.81 -22.37 18.76
C ARG A 264 -13.25 -22.67 19.13
N LYS A 265 -13.60 -23.95 19.29
CA LYS A 265 -14.96 -24.29 19.69
C LYS A 265 -15.10 -24.31 21.22
N SER A 266 -14.55 -23.27 21.83
CA SER A 266 -14.95 -22.89 23.18
C SER A 266 -15.13 -21.38 23.30
N LYS A 267 -15.11 -20.64 22.19
CA LYS A 267 -15.33 -19.21 22.20
C LYS A 267 -16.63 -18.80 21.52
N GLY A 268 -17.37 -19.74 20.95
CA GLY A 268 -18.58 -19.40 20.22
C GLY A 268 -18.27 -19.00 18.78
N GLY A 269 -18.46 -17.73 18.47
CA GLY A 269 -18.07 -17.22 17.18
C GLY A 269 -17.39 -15.87 17.26
N TYR A 270 -17.36 -15.30 18.47
CA TYR A 270 -16.85 -13.96 18.70
C TYR A 270 -15.32 -13.98 18.65
N LEU A 271 -14.78 -13.70 17.46
CA LEU A 271 -13.34 -13.75 17.24
C LEU A 271 -12.80 -12.37 16.90
N ASN A 272 -11.60 -12.06 17.39
CA ASN A 272 -10.92 -10.83 17.03
C ASN A 272 -10.27 -11.01 15.66
N ILE A 273 -9.38 -10.09 15.30
CA ILE A 273 -8.59 -10.29 14.10
C ILE A 273 -7.30 -11.04 14.40
N SER A 274 -6.77 -10.93 15.63
CA SER A 274 -5.60 -11.72 16.00
C SER A 274 -5.90 -13.20 15.93
N GLU A 275 -7.06 -13.61 16.44
CA GLU A 275 -7.38 -15.03 16.48
C GLU A 275 -7.75 -15.56 15.10
N VAL A 276 -8.46 -14.77 14.27
CA VAL A 276 -8.76 -15.25 12.94
C VAL A 276 -7.50 -15.31 12.10
N LEU A 277 -6.51 -14.46 12.39
CA LEU A 277 -5.26 -14.56 11.64
C LEU A 277 -4.41 -15.73 12.12
N SER A 278 -4.46 -16.06 13.42
CA SER A 278 -3.63 -17.13 13.98
C SER A 278 -4.23 -18.51 13.77
N LEU A 279 -5.41 -18.75 14.35
CA LEU A 279 -6.00 -20.08 14.40
C LEU A 279 -6.50 -20.56 13.05
N SER A 280 -6.54 -19.71 12.04
CA SER A 280 -6.89 -20.15 10.70
C SER A 280 -5.70 -20.67 9.93
N SER A 281 -4.52 -20.67 10.50
CA SER A 281 -3.36 -21.24 9.84
C SER A 281 -2.58 -22.19 10.74
N ILE A 282 -2.56 -21.95 12.05
CA ILE A 282 -1.88 -22.86 12.95
C ILE A 282 -2.57 -24.23 12.97
N MET A 283 -3.90 -24.25 12.84
CA MET A 283 -4.61 -25.52 12.79
C MET A 283 -4.32 -26.29 11.52
N PHE A 284 -4.11 -25.59 10.40
CA PHE A 284 -4.16 -26.21 9.08
C PHE A 284 -2.81 -26.48 8.45
N ARG A 285 -1.81 -25.61 8.63
CA ARG A 285 -0.53 -25.79 7.96
C ARG A 285 0.59 -26.28 8.86
N MET A 286 0.42 -26.24 10.18
CA MET A 286 1.44 -26.78 11.06
C MET A 286 1.55 -28.29 10.90
N LYS A 287 0.42 -28.96 10.63
CA LYS A 287 0.43 -30.41 10.47
C LYS A 287 1.15 -30.82 9.18
N SER A 288 1.15 -29.97 8.16
CA SER A 288 1.78 -30.33 6.90
C SER A 288 3.30 -30.48 7.03
N ASN A 289 3.89 -29.87 8.04
CA ASN A 289 5.34 -29.94 8.29
C ASN A 289 5.54 -30.66 9.61
N ALA A 290 5.59 -32.00 9.55
CA ALA A 290 5.80 -32.80 10.74
C ALA A 290 7.08 -33.62 10.70
N LEU A 291 7.65 -33.85 9.53
CA LEU A 291 8.96 -34.48 9.44
C LEU A 291 10.07 -33.46 9.41
N LEU A 292 9.76 -32.17 9.59
CA LEU A 292 10.74 -31.11 9.66
C LEU A 292 10.86 -30.53 11.06
N LEU A 293 9.75 -30.13 11.66
CA LEU A 293 9.80 -29.60 13.01
C LEU A 293 10.27 -30.65 14.01
N THR A 294 10.00 -31.92 13.73
CA THR A 294 10.51 -33.00 14.58
C THR A 294 12.03 -32.99 14.64
N ILE A 295 12.67 -32.95 13.47
CA ILE A 295 14.12 -32.94 13.40
C ILE A 295 14.68 -31.68 14.05
N ILE A 296 14.06 -30.52 13.78
CA ILE A 296 14.55 -29.27 14.35
C ILE A 296 14.53 -29.34 15.87
N THR A 297 13.40 -29.78 16.45
CA THR A 297 13.28 -29.80 17.90
C THR A 297 14.26 -30.79 18.53
N THR A 298 14.32 -32.01 18.02
CA THR A 298 15.19 -32.99 18.65
C THR A 298 16.66 -32.59 18.56
N VAL A 299 17.10 -32.09 17.41
CA VAL A 299 18.51 -31.76 17.27
C VAL A 299 18.88 -30.54 18.11
N SER A 300 17.99 -29.55 18.21
CA SER A 300 18.29 -28.42 19.07
C SER A 300 18.40 -28.87 20.52
N ALA A 301 17.56 -29.84 20.92
CA ALA A 301 17.68 -30.40 22.25
C ALA A 301 19.05 -31.04 22.47
N LEU A 302 19.53 -31.81 21.49
CA LEU A 302 20.88 -32.37 21.62
C LEU A 302 21.92 -31.28 21.83
N ALA A 303 21.87 -30.23 21.00
CA ALA A 303 22.90 -29.20 21.09
C ALA A 303 22.94 -28.56 22.47
N ILE A 304 21.77 -28.09 22.95
CA ILE A 304 21.74 -27.42 24.25
C ILE A 304 22.18 -28.36 25.36
N GLY A 305 21.67 -29.59 25.36
CA GLY A 305 21.97 -30.50 26.45
C GLY A 305 23.43 -30.85 26.53
N LEU A 306 24.04 -31.18 25.39
CA LEU A 306 25.45 -31.56 25.38
C LEU A 306 26.32 -30.39 25.81
N LEU A 307 26.05 -29.18 25.30
CA LEU A 307 26.86 -28.04 25.70
C LEU A 307 26.73 -27.76 27.19
N SER A 308 25.51 -27.86 27.74
CA SER A 308 25.32 -27.59 29.16
C SER A 308 26.10 -28.58 30.02
N LEU A 309 26.05 -29.87 29.67
CA LEU A 309 26.77 -30.87 30.46
C LEU A 309 28.28 -30.65 30.38
N ALA A 310 28.80 -30.37 29.18
CA ALA A 310 30.23 -30.13 29.03
C ALA A 310 30.66 -28.93 29.84
N TYR A 311 29.83 -27.88 29.88
CA TYR A 311 30.17 -26.72 30.69
C TYR A 311 30.12 -27.03 32.17
N ILE A 312 29.16 -27.84 32.60
CA ILE A 312 29.05 -28.14 34.02
C ILE A 312 30.27 -28.91 34.50
N SER A 313 30.82 -29.77 33.65
CA SER A 313 32.02 -30.51 34.02
C SER A 313 33.31 -29.67 33.98
N TYR A 314 33.20 -28.35 33.88
CA TYR A 314 34.35 -27.46 33.71
C TYR A 314 34.64 -26.60 34.93
N TYR A 315 33.63 -26.01 35.56
CA TYR A 315 33.86 -25.30 36.83
C TYR A 315 34.38 -26.24 37.91
N SER A 316 33.77 -27.40 38.04
CA SER A 316 34.09 -28.25 39.19
C SER A 316 35.42 -28.93 39.06
N SER A 317 36.24 -28.57 38.06
CA SER A 317 37.55 -29.20 37.91
C SER A 317 38.44 -28.89 39.11
N GLU A 318 38.46 -27.62 39.54
CA GLU A 318 39.32 -27.26 40.67
C GLU A 318 38.89 -27.97 41.94
N LYS A 319 37.59 -28.03 42.21
CA LYS A 319 37.11 -28.71 43.41
C LYS A 319 37.44 -30.20 43.38
N THR A 320 37.18 -30.87 42.24
CA THR A 320 37.45 -32.30 42.21
C THR A 320 38.94 -32.59 42.25
N ALA A 321 39.77 -31.69 41.72
CA ALA A 321 41.21 -31.88 41.84
C ALA A 321 41.67 -31.70 43.27
N GLU A 322 41.11 -30.73 43.97
CA GLU A 322 41.47 -30.54 45.37
C GLU A 322 40.96 -31.68 46.24
N GLN A 323 39.91 -32.38 45.80
CA GLN A 323 39.39 -33.49 46.59
C GLN A 323 40.08 -34.81 46.30
N ASN A 324 40.43 -35.07 45.04
CA ASN A 324 41.06 -36.35 44.70
C ASN A 324 42.40 -36.52 45.40
N VAL A 325 43.16 -35.44 45.53
CA VAL A 325 44.37 -35.42 46.36
C VAL A 325 44.12 -34.44 47.50
N ALA A 326 44.20 -34.95 48.74
CA ALA A 326 43.89 -34.10 49.89
C ALA A 326 44.92 -32.98 50.03
N ALA A 327 46.19 -33.29 49.83
CA ALA A 327 47.26 -32.33 49.96
C ALA A 327 47.71 -31.82 48.59
N ASP A 328 48.46 -30.72 48.60
CA ASP A 328 48.94 -30.14 47.36
C ASP A 328 49.88 -31.08 46.62
N PHE A 329 50.48 -32.04 47.31
CA PHE A 329 51.25 -33.10 46.69
C PHE A 329 51.04 -34.37 47.49
N SER A 330 50.94 -35.50 46.80
CA SER A 330 50.71 -36.78 47.44
C SER A 330 51.82 -37.75 47.03
N PHE A 331 52.42 -38.40 48.01
CA PHE A 331 53.65 -39.15 47.81
C PHE A 331 53.45 -40.59 48.24
N MET A 332 54.14 -41.50 47.55
CA MET A 332 54.02 -42.92 47.82
C MET A 332 55.29 -43.55 48.40
N ASN A 333 56.44 -42.92 48.25
CA ASN A 333 57.70 -43.50 48.69
C ASN A 333 58.44 -42.50 49.58
N GLU A 334 59.10 -43.02 50.60
CA GLU A 334 59.80 -42.16 51.56
C GLU A 334 60.99 -41.46 50.94
N LYS A 335 61.78 -42.16 50.13
CA LYS A 335 62.99 -41.55 49.56
C LYS A 335 62.64 -40.43 48.60
N ASP A 336 61.61 -40.61 47.77
CA ASP A 336 61.19 -39.54 46.87
C ASP A 336 60.71 -38.33 47.64
N ALA A 337 59.95 -38.55 48.71
CA ALA A 337 59.50 -37.43 49.54
C ALA A 337 60.68 -36.71 50.16
N LYS A 338 61.65 -37.46 50.69
CA LYS A 338 62.78 -36.82 51.37
C LYS A 338 63.64 -36.06 50.38
N LEU A 339 63.84 -36.57 49.17
CA LEU A 339 64.64 -35.83 48.20
C LEU A 339 63.90 -34.61 47.68
N PHE A 340 62.58 -34.71 47.53
CA PHE A 340 61.80 -33.53 47.17
C PHE A 340 61.89 -32.47 48.25
N GLU A 341 61.83 -32.88 49.51
CA GLU A 341 61.97 -31.93 50.61
C GLU A 341 63.37 -31.31 50.64
N ASN A 342 64.39 -32.13 50.35
CA ASN A 342 65.75 -31.60 50.27
C ASN A 342 65.86 -30.56 49.16
N LYS A 343 65.24 -30.82 48.01
CA LYS A 343 65.22 -29.82 46.94
C LYS A 343 64.49 -28.56 47.39
N LEU A 344 63.38 -28.72 48.11
CA LEU A 344 62.63 -27.57 48.61
C LEU A 344 63.43 -26.77 49.62
N ARG A 345 64.38 -27.41 50.29
CA ARG A 345 65.11 -26.73 51.36
C ARG A 345 65.86 -25.50 50.83
N GLU A 346 66.51 -25.61 49.67
CA GLU A 346 67.12 -24.45 49.05
C GLU A 346 66.17 -23.70 48.13
N SER A 347 64.90 -24.10 48.08
CA SER A 347 63.89 -23.38 47.32
C SER A 347 63.33 -22.18 48.08
N ASN A 348 63.76 -21.96 49.31
CA ASN A 348 63.28 -20.87 50.15
C ASN A 348 61.76 -20.94 50.33
N ILE A 349 61.23 -22.16 50.42
CA ILE A 349 59.82 -22.40 50.63
C ILE A 349 59.67 -23.36 51.80
N SER A 350 58.93 -22.94 52.82
CA SER A 350 58.73 -23.75 54.02
C SER A 350 57.51 -24.63 53.82
N PHE A 351 57.71 -25.94 53.87
CA PHE A 351 56.65 -26.90 53.63
C PHE A 351 56.24 -27.53 54.95
N VAL A 352 54.93 -27.63 55.17
CA VAL A 352 54.39 -28.25 56.38
C VAL A 352 54.12 -29.71 56.06
N LYS A 353 55.07 -30.58 56.41
CA LYS A 353 54.91 -32.00 56.18
C LYS A 353 54.11 -32.63 57.31
N LYS A 354 53.16 -33.49 56.96
CA LYS A 354 52.44 -34.29 57.92
C LYS A 354 52.31 -35.71 57.41
N ALA A 355 52.22 -36.66 58.33
CA ALA A 355 52.09 -38.08 57.99
C ALA A 355 50.98 -38.70 58.81
N THR A 356 50.34 -39.71 58.23
CA THR A 356 49.25 -40.40 58.90
C THR A 356 49.15 -41.83 58.38
N PRO A 357 49.38 -42.83 59.24
CA PRO A 357 49.18 -44.22 58.80
C PRO A 357 47.72 -44.50 58.54
N VAL A 358 47.47 -45.44 57.63
CA VAL A 358 46.12 -45.83 57.25
C VAL A 358 45.99 -47.34 57.43
N LEU A 359 44.91 -47.77 58.08
CA LEU A 359 44.58 -49.19 58.23
C LEU A 359 43.32 -49.48 57.44
N GLN A 360 43.37 -50.51 56.61
CA GLN A 360 42.29 -50.83 55.69
C GLN A 360 41.61 -52.13 56.11
N ALA A 361 40.30 -52.10 56.26
CA ALA A 361 39.54 -53.27 56.67
C ALA A 361 38.18 -53.25 55.98
N ASN A 362 37.28 -54.10 56.45
CA ASN A 362 35.92 -54.20 55.92
C ASN A 362 34.89 -54.21 57.04
N VAL A 363 33.73 -53.61 56.78
CA VAL A 363 32.67 -53.46 57.76
C VAL A 363 31.33 -53.74 57.09
N ASP A 364 30.24 -53.53 57.85
CA ASP A 364 28.89 -53.68 57.35
C ASP A 364 28.02 -52.57 57.93
N ILE A 365 27.40 -51.79 57.05
CA ILE A 365 26.44 -50.76 57.46
C ILE A 365 25.14 -50.95 56.69
N ALA A 366 24.83 -52.19 56.33
CA ALA A 366 23.62 -52.46 55.56
C ALA A 366 22.36 -52.01 56.29
N ASN A 367 22.43 -51.86 57.62
CA ASN A 367 21.30 -51.32 58.37
C ASN A 367 21.07 -49.84 58.07
N ILE A 368 22.14 -49.09 57.82
CA ILE A 368 22.02 -47.63 57.65
C ILE A 368 21.49 -47.24 56.30
N MET A 369 21.33 -48.19 55.37
CA MET A 369 20.82 -47.91 54.04
C MET A 369 19.30 -47.77 54.10
N ASP A 370 18.78 -46.62 53.70
CA ASP A 370 17.35 -46.36 53.70
C ASP A 370 16.68 -46.68 52.39
N GLY A 371 17.43 -47.15 51.39
CA GLY A 371 16.86 -47.40 50.08
C GLY A 371 16.39 -48.82 49.89
N THR A 372 17.04 -49.55 49.00
CA THR A 372 16.69 -50.92 48.69
C THR A 372 17.93 -51.81 48.77
N PRO A 373 17.74 -53.09 49.10
CA PRO A 373 18.90 -54.01 49.11
C PRO A 373 19.56 -54.16 47.75
N LYS A 374 18.87 -53.81 46.65
CA LYS A 374 19.48 -53.87 45.34
C LYS A 374 20.64 -52.88 45.20
N GLU A 375 20.68 -51.84 46.04
CA GLU A 375 21.79 -50.90 46.05
C GLU A 375 22.93 -51.48 46.89
N MET A 376 23.55 -52.54 46.35
CA MET A 376 24.62 -53.21 47.06
C MET A 376 25.98 -52.59 46.74
N GLN A 377 26.31 -52.47 45.46
CA GLN A 377 27.63 -52.00 45.01
C GLN A 377 28.73 -52.80 45.69
N GLY A 378 28.55 -54.11 45.77
CA GLY A 378 29.42 -54.99 46.53
C GLY A 378 28.69 -55.60 47.71
N ASP A 379 29.42 -56.45 48.43
CA ASP A 379 28.82 -57.14 49.56
C ASP A 379 28.54 -56.16 50.68
N PRO A 380 27.32 -56.13 51.22
CA PRO A 380 27.03 -55.24 52.35
C PRO A 380 27.87 -55.53 53.58
N GLY A 381 28.25 -56.79 53.80
CA GLY A 381 29.06 -57.16 54.94
C GLY A 381 30.54 -57.27 54.70
N ASN A 382 30.99 -57.21 53.44
CA ASN A 382 32.40 -57.39 53.11
C ASN A 382 32.85 -56.33 52.09
N MET A 383 32.51 -55.07 52.36
CA MET A 383 32.98 -53.98 51.52
C MET A 383 34.17 -53.28 52.15
N GLN A 384 35.11 -52.86 51.30
CA GLN A 384 36.42 -52.40 51.75
C GLN A 384 36.36 -50.93 52.16
N LEU A 385 36.89 -50.63 53.35
CA LEU A 385 36.95 -49.26 53.85
C LEU A 385 38.33 -49.01 54.45
N ALA A 386 38.63 -47.73 54.67
CA ALA A 386 39.89 -47.30 55.24
C ALA A 386 39.65 -46.70 56.62
N VAL A 387 40.49 -47.10 57.58
CA VAL A 387 40.34 -46.73 58.98
C VAL A 387 41.57 -45.93 59.40
N VAL A 388 41.34 -44.79 60.05
CA VAL A 388 42.41 -43.92 60.51
C VAL A 388 42.22 -43.65 61.99
N SER A 389 43.30 -43.19 62.63
CA SER A 389 43.27 -42.90 64.06
C SER A 389 42.59 -41.57 64.33
N ASP A 390 42.31 -41.32 65.62
CA ASP A 390 41.70 -40.07 66.04
C ASP A 390 42.73 -39.00 66.38
N LYS A 391 43.93 -39.40 66.81
CA LYS A 391 44.96 -38.43 67.13
C LYS A 391 45.43 -37.67 65.90
N ASP A 392 45.46 -38.33 64.74
CA ASP A 392 45.87 -37.66 63.52
C ASP A 392 44.90 -36.55 63.14
N VAL A 393 43.59 -36.79 63.31
CA VAL A 393 42.60 -35.78 63.01
C VAL A 393 42.64 -34.69 64.08
N LYS A 394 42.77 -33.45 63.63
CA LYS A 394 42.85 -32.30 64.53
C LYS A 394 41.54 -31.53 64.63
N GLY A 395 40.47 -32.07 64.07
CA GLY A 395 39.20 -31.36 64.07
C GLY A 395 38.11 -32.02 64.88
N VAL A 396 38.22 -33.33 65.08
CA VAL A 396 37.23 -34.10 65.82
C VAL A 396 37.93 -34.98 66.84
N ASP A 397 37.25 -35.26 67.95
CA ASP A 397 37.75 -36.13 69.01
C ASP A 397 36.63 -37.07 69.40
N VAL A 398 36.55 -38.22 68.73
CA VAL A 398 35.51 -39.20 69.00
C VAL A 398 35.89 -40.08 70.17
N ALA A 399 34.93 -40.83 70.70
CA ALA A 399 35.14 -41.74 71.82
C ALA A 399 34.95 -43.18 71.34
N ALA A 400 35.07 -44.12 72.28
CA ALA A 400 34.93 -45.53 71.96
C ALA A 400 33.49 -45.85 71.57
N GLY A 401 33.33 -46.74 70.61
CA GLY A 401 32.01 -47.15 70.14
C GLY A 401 31.33 -46.17 69.23
N GLU A 402 32.03 -45.14 68.75
CA GLU A 402 31.45 -44.13 67.87
C GLU A 402 32.29 -44.01 66.61
N ALA A 403 31.62 -43.94 65.47
CA ALA A 403 32.26 -43.80 64.17
C ALA A 403 31.72 -42.58 63.45
N VAL A 404 32.62 -41.80 62.85
CA VAL A 404 32.26 -40.60 62.11
C VAL A 404 32.81 -40.73 60.69
N PHE A 405 31.94 -40.54 59.70
CA PHE A 405 32.34 -40.60 58.31
C PHE A 405 32.86 -39.24 57.86
N SER A 406 33.83 -39.28 56.95
CA SER A 406 34.53 -38.07 56.50
C SER A 406 34.35 -37.90 55.00
N GLY A 407 34.01 -36.69 54.58
CA GLY A 407 33.82 -36.36 53.18
C GLY A 407 32.35 -36.36 52.79
N TYR A 408 32.09 -35.79 51.61
CA TYR A 408 30.74 -35.66 51.10
C TYR A 408 30.47 -36.57 49.91
N THR A 409 31.26 -36.45 48.84
CA THR A 409 31.16 -37.30 47.66
C THR A 409 29.72 -37.34 47.12
N ASP A 410 29.31 -36.19 46.60
CA ASP A 410 27.94 -35.93 46.13
C ASP A 410 27.34 -37.08 45.34
N LEU A 411 28.16 -37.84 44.61
CA LEU A 411 27.64 -39.02 43.91
C LEU A 411 27.06 -40.03 44.87
N LEU A 412 27.74 -40.26 45.99
CA LEU A 412 27.28 -41.27 46.94
C LEU A 412 25.92 -40.90 47.53
N GLN A 413 25.72 -39.61 47.83
CA GLN A 413 24.47 -39.18 48.45
C GLN A 413 23.27 -39.50 47.56
N LYS A 414 23.47 -39.54 46.24
CA LYS A 414 22.39 -39.84 45.32
C LYS A 414 22.25 -41.33 45.03
N ILE A 415 23.25 -42.14 45.37
CA ILE A 415 23.20 -43.58 45.19
C ILE A 415 23.16 -44.30 46.53
N MET A 416 24.10 -44.00 47.42
CA MET A 416 24.15 -44.60 48.75
C MET A 416 23.40 -43.71 49.73
N VAL A 417 22.31 -44.22 50.29
CA VAL A 417 21.51 -43.46 51.25
C VAL A 417 21.96 -43.85 52.66
N PHE A 418 22.21 -42.85 53.49
CA PHE A 418 22.72 -43.06 54.84
C PHE A 418 21.69 -42.58 55.86
N LYS A 419 21.43 -43.42 56.86
CA LYS A 419 20.47 -43.12 57.92
C LYS A 419 21.20 -42.54 59.13
N ASP A 420 20.49 -42.41 60.25
CA ASP A 420 21.05 -41.89 61.48
C ASP A 420 21.85 -42.99 62.19
N SER A 421 22.18 -42.75 63.46
CA SER A 421 23.01 -43.68 64.22
C SER A 421 22.38 -45.05 64.32
N GLY A 422 23.19 -46.08 64.10
CA GLY A 422 22.75 -47.45 64.24
C GLY A 422 23.84 -48.29 64.89
N VAL A 423 24.14 -49.44 64.28
CA VAL A 423 25.23 -50.31 64.74
C VAL A 423 26.13 -50.62 63.55
N ILE A 424 27.44 -50.52 63.76
CA ILE A 424 28.44 -50.77 62.73
C ILE A 424 29.35 -51.88 63.22
N LYS A 425 29.49 -52.93 62.39
CA LYS A 425 30.28 -54.10 62.75
C LYS A 425 31.59 -54.07 61.98
N VAL A 426 32.71 -54.18 62.69
CA VAL A 426 34.02 -54.22 62.08
C VAL A 426 34.45 -55.68 61.96
N LYS A 427 34.69 -56.13 60.74
CA LYS A 427 34.99 -57.53 60.47
C LYS A 427 36.50 -57.74 60.63
N SER A 428 36.91 -58.04 61.86
CA SER A 428 38.31 -58.31 62.16
C SER A 428 38.58 -59.81 62.01
N LYS A 429 39.76 -60.25 62.44
CA LYS A 429 40.12 -61.66 62.31
C LYS A 429 39.29 -62.52 63.24
N HIS A 430 39.18 -62.13 64.52
CA HIS A 430 38.47 -62.96 65.49
C HIS A 430 37.62 -62.14 66.45
N GLU A 431 37.25 -60.91 66.09
CA GLU A 431 36.47 -60.06 66.99
C GLU A 431 35.72 -59.04 66.15
N THR A 432 34.73 -58.41 66.78
CA THR A 432 33.93 -57.37 66.11
C THR A 432 33.43 -56.42 67.18
N GLN A 433 33.98 -55.21 67.19
CA GLN A 433 33.55 -54.18 68.14
C GLN A 433 32.45 -53.35 67.51
N PRO A 434 31.24 -53.33 68.05
CA PRO A 434 30.17 -52.52 67.45
C PRO A 434 30.39 -51.04 67.67
N LEU A 435 30.07 -50.25 66.66
CA LEU A 435 30.15 -48.80 66.71
C LEU A 435 28.84 -48.21 66.20
N LYS A 436 28.73 -46.89 66.24
CA LYS A 436 27.55 -46.20 65.74
C LYS A 436 27.97 -45.03 64.87
N TYR A 437 27.09 -44.65 63.95
CA TYR A 437 27.36 -43.58 63.01
C TYR A 437 26.91 -42.26 63.63
N LYS A 438 27.87 -41.37 63.91
CA LYS A 438 27.56 -40.10 64.53
C LYS A 438 27.15 -39.05 63.50
N GLY A 439 27.97 -38.83 62.48
CA GLY A 439 27.66 -37.84 61.48
C GLY A 439 28.61 -37.96 60.30
N LEU A 440 28.33 -37.15 59.27
CA LEU A 440 29.10 -37.15 58.04
C LEU A 440 29.85 -35.83 57.91
N ARG A 441 31.15 -35.92 57.71
CA ARG A 441 31.98 -34.73 57.53
C ARG A 441 31.91 -34.30 56.07
N GLU A 442 32.75 -33.33 55.69
CA GLU A 442 32.81 -32.85 54.32
C GLU A 442 34.22 -32.65 53.79
N GLU A 443 35.25 -32.77 54.63
CA GLU A 443 36.63 -32.57 54.20
C GLU A 443 37.33 -33.92 54.06
N PHE A 444 37.95 -34.13 52.91
CA PHE A 444 38.69 -35.35 52.65
C PHE A 444 40.01 -35.35 53.42
N LEU A 445 40.53 -36.56 53.68
CA LEU A 445 41.81 -36.71 54.35
C LEU A 445 42.80 -37.58 53.62
N VAL A 446 42.37 -38.35 52.62
CA VAL A 446 43.22 -39.35 51.97
C VAL A 446 43.01 -39.26 50.46
N SER A 447 44.09 -39.41 49.70
CA SER A 447 44.02 -39.41 48.25
C SER A 447 43.24 -40.62 47.75
N TYR A 448 42.68 -40.48 46.54
CA TYR A 448 41.72 -41.47 46.06
C TYR A 448 42.33 -42.84 45.85
N THR A 449 43.66 -42.94 45.72
CA THR A 449 44.27 -44.24 45.47
C THR A 449 44.03 -45.19 46.64
N PHE A 450 44.13 -44.68 47.88
CA PHE A 450 43.92 -45.55 49.04
C PHE A 450 42.45 -45.87 49.25
N THR A 451 41.56 -44.88 49.09
CA THR A 451 40.17 -45.03 49.47
C THR A 451 39.30 -45.63 48.37
N SER A 452 39.91 -46.38 47.45
CA SER A 452 39.18 -47.06 46.35
C SER A 452 38.50 -45.97 45.51
N GLY A 453 37.28 -46.22 45.02
CA GLY A 453 36.64 -45.25 44.15
C GLY A 453 36.21 -43.97 44.84
N GLY A 454 35.23 -44.05 45.73
CA GLY A 454 34.75 -42.88 46.42
C GLY A 454 34.29 -43.17 47.84
N MET A 455 34.68 -44.32 48.37
CA MET A 455 34.26 -44.68 49.71
C MET A 455 34.87 -43.74 50.73
N PRO A 456 34.09 -43.26 51.69
CA PRO A 456 34.62 -42.31 52.67
C PRO A 456 35.60 -42.95 53.64
N ALA A 457 36.18 -42.13 54.53
CA ALA A 457 37.11 -42.61 55.53
C ALA A 457 36.49 -42.48 56.92
N VAL A 458 36.64 -43.52 57.72
CA VAL A 458 36.01 -43.57 59.04
C VAL A 458 36.96 -42.99 60.07
N ILE A 459 36.39 -42.57 61.20
CA ILE A 459 37.14 -42.06 62.34
C ILE A 459 36.85 -42.95 63.53
N VAL A 460 37.91 -43.48 64.14
CA VAL A 460 37.78 -44.35 65.30
C VAL A 460 38.63 -43.80 66.43
N ASP A 461 38.27 -44.20 67.65
CA ASP A 461 39.00 -43.74 68.83
C ASP A 461 40.42 -44.31 68.84
N ASP A 462 41.33 -43.54 69.44
CA ASP A 462 42.72 -43.98 69.50
C ASP A 462 42.86 -45.23 70.36
N SER A 463 42.04 -45.35 71.41
CA SER A 463 42.11 -46.53 72.27
C SER A 463 41.86 -47.80 71.48
N LEU A 464 40.84 -47.78 70.62
CA LEU A 464 40.60 -48.91 69.73
C LEU A 464 41.67 -49.00 68.66
N PHE A 465 42.33 -47.87 68.33
CA PHE A 465 43.40 -47.90 67.35
C PHE A 465 44.60 -48.69 67.88
N LYS A 466 44.86 -48.61 69.19
CA LYS A 466 45.94 -49.41 69.76
C LYS A 466 45.68 -50.90 69.66
N GLN A 467 44.44 -51.32 69.43
CA GLN A 467 44.17 -52.73 69.17
C GLN A 467 44.11 -53.04 67.68
N LEU A 468 43.58 -52.12 66.89
CA LEU A 468 43.52 -52.33 65.45
C LEU A 468 44.91 -52.43 64.85
N ASP A 469 45.83 -51.55 65.26
CA ASP A 469 47.20 -51.62 64.76
C ASP A 469 47.95 -52.82 65.32
N LYS A 470 47.46 -53.40 66.42
CA LYS A 470 48.04 -54.65 66.90
C LYS A 470 47.53 -55.85 66.12
N ASP A 471 46.28 -55.77 65.63
CA ASP A 471 45.71 -56.87 64.87
C ASP A 471 46.38 -57.00 63.50
N LYS A 472 46.26 -55.97 62.67
CA LYS A 472 46.89 -55.89 61.36
C LYS A 472 46.51 -57.11 60.50
N ASP A 473 45.21 -57.19 60.20
CA ASP A 473 44.67 -58.26 59.36
C ASP A 473 45.37 -58.26 58.01
N PRO A 474 46.22 -59.24 57.74
CA PRO A 474 47.05 -59.22 56.52
C PRO A 474 46.38 -59.91 55.34
N ARG A 475 45.23 -59.40 54.94
CA ARG A 475 44.49 -60.02 53.86
C ARG A 475 44.20 -59.09 52.70
N ILE A 476 43.94 -57.81 52.97
CA ILE A 476 43.56 -56.86 51.93
C ILE A 476 44.39 -55.60 52.04
N GLN A 477 45.44 -55.63 52.86
CA GLN A 477 46.27 -54.46 53.07
C GLN A 477 46.95 -54.02 51.79
N LEU A 478 47.08 -52.71 51.62
CA LEU A 478 47.68 -52.12 50.44
C LEU A 478 49.20 -52.16 50.52
N ALA A 479 49.85 -51.91 49.38
CA ALA A 479 51.30 -51.93 49.32
C ALA A 479 51.91 -50.84 50.19
N GLN A 480 51.32 -49.65 50.18
CA GLN A 480 51.83 -48.50 50.94
C GLN A 480 50.72 -48.02 51.87
N SER A 481 50.84 -48.35 53.15
CA SER A 481 49.87 -47.89 54.15
C SER A 481 50.38 -46.62 54.84
N THR A 482 50.68 -45.62 54.01
CA THR A 482 51.18 -44.34 54.52
C THR A 482 50.76 -43.23 53.57
N PHE A 483 50.48 -42.06 54.14
CA PHE A 483 50.00 -40.91 53.40
C PHE A 483 50.97 -39.73 53.49
N ILE A 484 52.25 -39.99 53.23
CA ILE A 484 53.21 -38.89 53.18
C ILE A 484 52.76 -37.91 52.12
N GLY A 485 52.40 -36.69 52.55
CA GLY A 485 51.94 -35.68 51.63
C GLY A 485 52.36 -34.29 52.04
N VAL A 486 53.09 -33.62 51.17
CA VAL A 486 53.74 -32.36 51.51
C VAL A 486 52.85 -31.18 51.14
N ASN A 487 52.78 -30.20 52.01
CA ASN A 487 52.00 -28.99 51.80
C ASN A 487 52.91 -27.89 51.28
N VAL A 488 52.36 -26.69 51.14
CA VAL A 488 53.08 -25.55 50.63
C VAL A 488 52.75 -24.34 51.50
N LYS A 489 53.58 -23.31 51.39
CA LYS A 489 53.36 -22.06 52.11
C LYS A 489 52.17 -21.34 51.49
N HIS A 490 51.91 -20.12 51.94
CA HIS A 490 50.77 -19.35 51.48
C HIS A 490 50.84 -19.12 49.97
N ASP A 491 49.73 -18.60 49.43
CA ASP A 491 49.58 -18.44 47.99
C ASP A 491 50.70 -17.57 47.42
N ASP A 492 51.58 -18.20 46.65
CA ASP A 492 52.76 -17.52 46.12
C ASP A 492 53.11 -18.16 44.79
N GLN A 493 54.34 -17.93 44.33
CA GLN A 493 54.81 -18.54 43.10
C GLN A 493 55.01 -20.03 43.33
N MET A 494 54.11 -20.85 42.76
CA MET A 494 54.17 -22.29 42.92
C MET A 494 54.64 -23.02 41.68
N GLU A 495 54.93 -22.30 40.59
CA GLU A 495 55.32 -22.96 39.35
C GLU A 495 56.73 -23.54 39.44
N LYS A 496 57.63 -22.88 40.16
CA LYS A 496 58.96 -23.45 40.35
C LYS A 496 58.88 -24.71 41.20
N ALA A 497 58.02 -24.69 42.23
CA ALA A 497 57.80 -25.89 43.02
C ALA A 497 57.21 -27.00 42.15
N ASN A 498 56.27 -26.64 41.27
CA ASN A 498 55.68 -27.63 40.38
C ASN A 498 56.73 -28.26 39.48
N GLU A 499 57.54 -27.42 38.82
CA GLU A 499 58.56 -27.96 37.91
C GLU A 499 59.61 -28.77 38.66
N LEU A 500 59.97 -28.35 39.88
CA LEU A 500 60.76 -29.22 40.75
C LEU A 500 60.07 -30.56 40.93
N PHE A 501 58.75 -30.56 41.10
CA PHE A 501 58.02 -31.80 41.29
C PHE A 501 58.10 -32.68 40.05
N GLN A 502 57.86 -32.11 38.87
CA GLN A 502 57.92 -32.95 37.67
C GLN A 502 59.34 -33.40 37.36
N GLN A 503 60.37 -32.69 37.83
CA GLN A 503 61.70 -33.24 37.66
C GLN A 503 62.08 -34.21 38.77
N VAL A 504 61.30 -34.26 39.87
CA VAL A 504 61.51 -35.29 40.87
C VAL A 504 61.12 -36.66 40.31
N ASN A 505 59.95 -36.74 39.69
CA ASN A 505 59.40 -38.03 39.25
C ASN A 505 59.52 -38.15 37.74
N LYS A 506 60.00 -39.30 37.28
CA LYS A 506 60.12 -39.60 35.86
C LYS A 506 59.21 -40.72 35.41
N LYS A 507 58.53 -41.39 36.35
CA LYS A 507 57.61 -42.47 36.04
C LYS A 507 56.15 -42.07 36.22
N ASN A 508 55.88 -40.76 36.27
CA ASN A 508 54.54 -40.18 36.40
C ASN A 508 53.64 -40.98 37.35
N GLU A 509 54.21 -41.30 38.51
CA GLU A 509 53.51 -42.05 39.55
C GLU A 509 53.28 -41.23 40.82
N HIS A 510 53.38 -39.91 40.74
CA HIS A 510 53.12 -39.01 41.86
C HIS A 510 52.08 -37.98 41.43
N LEU A 511 51.15 -37.67 42.34
CA LEU A 511 50.02 -36.81 42.03
C LEU A 511 50.24 -35.40 42.56
N SER A 512 49.83 -34.42 41.77
CA SER A 512 49.94 -33.01 42.13
C SER A 512 48.62 -32.31 41.91
N ARG A 513 48.35 -31.28 42.71
CA ARG A 513 47.08 -30.57 42.62
C ARG A 513 46.97 -29.78 41.32
N LEU A 514 48.08 -29.24 40.82
CA LEU A 514 48.05 -28.37 39.65
C LEU A 514 47.95 -29.13 38.34
N ASP A 515 48.30 -30.42 38.31
CA ASP A 515 48.31 -31.15 37.05
C ASP A 515 47.06 -31.99 36.83
N THR A 516 46.40 -32.44 37.89
CA THR A 516 45.12 -33.10 37.71
C THR A 516 43.99 -32.11 37.51
N SER A 517 44.24 -30.82 37.70
CA SER A 517 43.28 -29.77 37.43
C SER A 517 43.51 -29.09 36.10
N ALA A 518 44.43 -29.62 35.28
CA ALA A 518 44.68 -29.10 33.95
C ALA A 518 44.28 -30.07 32.85
N ALA A 519 44.44 -31.37 33.07
CA ALA A 519 43.98 -32.34 32.07
C ALA A 519 42.47 -32.27 31.89
N GLN A 520 41.72 -32.20 32.99
CA GLN A 520 40.27 -32.12 32.87
C GLN A 520 39.85 -30.82 32.20
N LYS A 521 40.49 -29.70 32.57
CA LYS A 521 40.17 -28.43 31.96
C LYS A 521 40.43 -28.46 30.45
N SER A 522 41.57 -29.01 30.04
CA SER A 522 41.88 -29.06 28.61
C SER A 522 40.89 -29.92 27.84
N LEU A 523 40.63 -31.13 28.33
CA LEU A 523 39.72 -32.03 27.62
C LEU A 523 38.33 -31.43 27.47
N PHE A 524 37.74 -30.97 28.58
CA PHE A 524 36.38 -30.49 28.48
C PHE A 524 36.29 -29.14 27.78
N GLY A 525 37.36 -28.33 27.83
CA GLY A 525 37.36 -27.13 27.04
C GLY A 525 37.35 -27.41 25.55
N MET A 526 38.11 -28.41 25.12
CA MET A 526 38.11 -28.76 23.71
C MET A 526 36.74 -29.26 23.26
N VAL A 527 36.12 -30.13 24.06
CA VAL A 527 34.80 -30.64 23.71
C VAL A 527 33.79 -29.51 23.63
N MET A 528 33.82 -28.58 24.59
CA MET A 528 32.87 -27.48 24.63
C MET A 528 33.06 -26.51 23.48
N PHE A 529 34.31 -26.25 23.09
CA PHE A 529 34.60 -25.46 21.89
C PHE A 529 33.95 -26.06 20.64
N ILE A 530 34.20 -27.34 20.39
CA ILE A 530 33.69 -27.97 19.17
C ILE A 530 32.16 -27.97 19.17
N VAL A 531 31.56 -28.36 20.30
CA VAL A 531 30.11 -28.45 20.36
C VAL A 531 29.48 -27.07 20.16
N GLY A 532 30.09 -26.02 20.72
CA GLY A 532 29.54 -24.69 20.55
C GLY A 532 29.51 -24.24 19.10
N PHE A 533 30.60 -24.51 18.38
CA PHE A 533 30.61 -24.09 16.97
C PHE A 533 29.60 -24.87 16.12
N LEU A 534 29.48 -26.18 16.34
CA LEU A 534 28.46 -26.94 15.60
C LEU A 534 27.05 -26.47 15.94
N GLY A 535 26.79 -26.15 17.22
CA GLY A 535 25.49 -25.62 17.58
C GLY A 535 25.17 -24.30 16.89
N LEU A 536 26.16 -23.42 16.77
CA LEU A 536 25.94 -22.17 16.05
C LEU A 536 25.56 -22.42 14.59
N THR A 537 26.29 -23.33 13.93
CA THR A 537 25.98 -23.61 12.52
C THR A 537 24.56 -24.14 12.37
N PHE A 538 24.17 -25.08 13.23
CA PHE A 538 22.82 -25.64 13.12
C PHE A 538 21.76 -24.57 13.38
N LEU A 539 22.00 -23.68 14.34
CA LEU A 539 21.04 -22.61 14.60
C LEU A 539 20.81 -21.77 13.36
N ILE A 540 21.88 -21.35 12.70
CA ILE A 540 21.73 -20.50 11.52
C ILE A 540 20.97 -21.21 10.41
N THR A 541 21.34 -22.46 10.13
CA THR A 541 20.69 -23.16 9.02
C THR A 541 19.21 -23.42 9.29
N SER A 542 18.86 -23.81 10.53
CA SER A 542 17.47 -24.02 10.87
C SER A 542 16.66 -22.75 10.75
N GLY A 543 17.21 -21.63 11.20
CA GLY A 543 16.49 -20.36 11.06
C GLY A 543 16.20 -20.04 9.60
N CYS A 544 17.18 -20.24 8.73
CA CYS A 544 16.95 -19.96 7.32
C CYS A 544 15.86 -20.86 6.73
N ILE A 545 15.87 -22.16 7.06
CA ILE A 545 14.85 -23.05 6.52
C ILE A 545 13.46 -22.67 7.01
N LEU A 546 13.31 -22.38 8.30
CA LEU A 546 12.00 -21.96 8.79
C LEU A 546 11.58 -20.61 8.23
N TYR A 547 12.53 -19.77 7.81
CA TYR A 547 12.16 -18.53 7.17
C TYR A 547 11.64 -18.78 5.75
N PHE A 548 12.20 -19.77 5.06
CA PHE A 548 11.86 -19.94 3.65
C PHE A 548 10.48 -20.56 3.43
N LYS A 549 9.80 -21.02 4.46
CA LYS A 549 8.45 -21.56 4.31
C LYS A 549 7.35 -20.56 4.63
N GLN A 550 7.61 -19.65 5.56
CA GLN A 550 6.69 -18.54 5.78
C GLN A 550 6.50 -17.72 4.52
N MET A 551 7.47 -17.71 3.61
CA MET A 551 7.30 -17.01 2.34
C MET A 551 6.11 -17.58 1.58
N GLY A 552 6.08 -18.90 1.40
CA GLY A 552 4.97 -19.52 0.70
C GLY A 552 3.66 -19.39 1.45
N GLU A 553 3.73 -19.52 2.78
CA GLU A 553 2.51 -19.38 3.58
C GLU A 553 1.91 -17.98 3.43
N SER A 554 2.76 -16.95 3.39
CA SER A 554 2.30 -15.59 3.17
C SER A 554 1.70 -15.43 1.78
N GLU A 555 2.36 -15.98 0.76
CA GLU A 555 1.82 -15.79 -0.59
C GLU A 555 0.56 -16.59 -0.84
N ASP A 556 0.24 -17.56 0.01
CA ASP A 556 -1.01 -18.28 -0.14
C ASP A 556 -2.22 -17.59 0.48
N GLU A 557 -1.95 -16.60 1.36
CA GLU A 557 -3.04 -15.86 2.05
C GLU A 557 -3.20 -14.46 1.45
N LYS A 558 -2.53 -14.17 0.32
CA LYS A 558 -2.68 -12.85 -0.35
C LYS A 558 -4.16 -12.52 -0.62
N PRO A 559 -5.00 -13.38 -1.25
CA PRO A 559 -6.44 -13.08 -1.41
C PRO A 559 -7.15 -12.73 -0.08
N SER A 560 -6.86 -13.46 0.99
CA SER A 560 -7.52 -13.20 2.31
C SER A 560 -7.28 -11.75 2.74
N TYR A 561 -6.04 -11.26 2.62
CA TYR A 561 -5.72 -9.86 2.98
C TYR A 561 -6.60 -8.90 2.17
N THR A 562 -6.68 -9.11 0.85
CA THR A 562 -7.50 -8.24 -0.04
C THR A 562 -8.95 -8.19 0.47
N ILE A 563 -9.58 -9.33 0.69
CA ILE A 563 -11.00 -9.39 1.15
C ILE A 563 -11.11 -8.62 2.47
N LEU A 564 -10.20 -8.90 3.42
CA LEU A 564 -10.24 -8.26 4.73
C LEU A 564 -10.09 -6.75 4.64
N ARG A 565 -9.49 -6.23 3.58
CA ARG A 565 -9.25 -4.80 3.47
C ARG A 565 -10.41 -4.03 2.86
N LYS A 566 -11.43 -4.72 2.34
CA LYS A 566 -12.63 -4.06 1.86
C LYS A 566 -13.67 -3.87 2.95
N LEU A 567 -13.46 -4.48 4.12
CA LEU A 567 -14.37 -4.31 5.25
C LEU A 567 -13.94 -3.17 6.15
N GLY A 568 -12.93 -2.41 5.75
CA GLY A 568 -12.48 -1.24 6.49
C GLY A 568 -11.21 -1.42 7.27
N PHE A 569 -10.72 -2.65 7.43
CA PHE A 569 -9.53 -2.87 8.22
C PHE A 569 -8.32 -2.24 7.55
N THR A 570 -7.57 -1.47 8.32
CA THR A 570 -6.40 -0.76 7.82
C THR A 570 -5.13 -1.54 8.12
N GLN A 571 -4.05 -1.17 7.42
CA GLN A 571 -2.84 -2.00 7.44
C GLN A 571 -2.25 -2.15 8.83
N GLY A 572 -2.49 -1.18 9.71
CA GLY A 572 -1.98 -1.29 11.07
C GLY A 572 -2.51 -2.51 11.79
N ASP A 573 -3.81 -2.75 11.70
CA ASP A 573 -4.41 -3.91 12.37
C ASP A 573 -3.89 -5.22 11.78
N LEU A 574 -3.75 -5.27 10.47
CA LEU A 574 -3.25 -6.48 9.83
C LEU A 574 -1.84 -6.81 10.32
N ILE A 575 -0.96 -5.80 10.37
CA ILE A 575 0.40 -6.07 10.83
C ILE A 575 0.42 -6.41 12.32
N LYS A 576 -0.47 -5.78 13.10
CA LYS A 576 -0.52 -6.09 14.53
C LYS A 576 -0.94 -7.54 14.78
N GLY A 577 -1.85 -8.06 13.96
CA GLY A 577 -2.17 -9.48 14.04
C GLY A 577 -1.04 -10.37 13.56
N ILE A 578 -0.35 -9.96 12.50
CA ILE A 578 0.75 -10.77 11.96
C ILE A 578 1.87 -10.93 12.97
N ARG A 579 2.09 -9.92 13.82
CA ARG A 579 3.12 -10.05 14.84
C ARG A 579 2.85 -11.25 15.75
N ILE A 580 1.63 -11.35 16.28
CA ILE A 580 1.29 -12.46 17.17
C ILE A 580 1.31 -13.78 16.42
N LYS A 581 0.88 -13.77 15.15
CA LYS A 581 0.91 -15.01 14.38
C LYS A 581 2.33 -15.52 14.25
N GLN A 582 3.28 -14.62 13.97
CA GLN A 582 4.68 -15.03 13.83
C GLN A 582 5.24 -15.50 15.17
N MET A 583 4.83 -14.85 16.25
CA MET A 583 5.25 -15.30 17.59
C MET A 583 4.83 -16.75 17.82
N TYR A 584 3.57 -17.07 17.53
CA TYR A 584 3.10 -18.44 17.74
C TYR A 584 3.78 -19.41 16.79
N ASN A 585 4.04 -18.99 15.54
CA ASN A 585 4.64 -19.90 14.57
C ASN A 585 6.09 -20.23 14.92
N PHE A 586 6.82 -19.27 15.48
CA PHE A 586 8.25 -19.45 15.74
C PHE A 586 8.55 -19.86 17.18
N GLY A 587 7.59 -19.78 18.09
CA GLY A 587 7.87 -20.13 19.46
C GLY A 587 7.62 -21.56 19.87
N ILE A 588 6.78 -22.29 19.15
CA ILE A 588 6.40 -23.65 19.55
C ILE A 588 7.58 -24.62 19.46
N PRO A 589 8.29 -24.73 18.32
CA PRO A 589 9.45 -25.64 18.32
C PRO A 589 10.49 -25.28 19.36
N LEU A 590 10.72 -23.98 19.59
CA LEU A 590 11.70 -23.58 20.59
C LEU A 590 11.29 -24.03 21.98
N VAL A 591 10.02 -23.86 22.34
CA VAL A 591 9.57 -24.24 23.67
C VAL A 591 9.67 -25.74 23.88
N VAL A 592 9.26 -26.53 22.88
CA VAL A 592 9.37 -27.98 23.04
C VAL A 592 10.84 -28.39 23.15
N GLY A 593 11.71 -27.78 22.36
CA GLY A 593 13.12 -28.09 22.46
C GLY A 593 13.71 -27.74 23.82
N LEU A 594 13.30 -26.60 24.37
CA LEU A 594 13.81 -26.20 25.69
C LEU A 594 13.36 -27.18 26.76
N PHE A 595 12.11 -27.65 26.68
CA PHE A 595 11.65 -28.65 27.66
C PHE A 595 12.44 -29.94 27.55
N HIS A 596 12.68 -30.40 26.32
CA HIS A 596 13.50 -31.59 26.11
C HIS A 596 14.88 -31.42 26.73
N SER A 597 15.53 -30.27 26.48
CA SER A 597 16.88 -30.05 26.97
C SER A 597 16.93 -29.99 28.49
N TYR A 598 15.95 -29.30 29.10
CA TYR A 598 15.91 -29.24 30.56
C TYR A 598 15.74 -30.61 31.18
N PHE A 599 14.90 -31.46 30.58
CA PHE A 599 14.73 -32.78 31.16
C PHE A 599 15.85 -33.74 30.79
N ALA A 600 16.71 -33.39 29.83
CA ALA A 600 17.90 -34.17 29.56
C ALA A 600 19.05 -33.81 30.49
N VAL A 601 19.20 -32.53 30.83
CA VAL A 601 20.27 -32.13 31.73
C VAL A 601 20.02 -32.59 33.15
N GLN A 602 18.78 -32.43 33.64
CA GLN A 602 18.50 -32.68 35.05
C GLN A 602 18.58 -34.16 35.42
N SER A 603 18.55 -35.07 34.44
CA SER A 603 18.53 -36.49 34.79
C SER A 603 19.89 -36.95 35.28
N GLY A 604 20.97 -36.55 34.61
CA GLY A 604 22.28 -37.06 34.91
C GLY A 604 23.38 -36.03 35.10
N TRP A 605 23.08 -34.91 35.75
CA TRP A 605 24.09 -33.88 35.94
C TRP A 605 25.09 -34.25 37.03
N PHE A 606 24.66 -35.00 38.06
CA PHE A 606 25.55 -35.28 39.17
C PHE A 606 26.73 -36.16 38.78
N LEU A 607 26.62 -36.92 37.69
CA LEU A 607 27.74 -37.72 37.24
C LEU A 607 28.91 -36.86 36.77
N PHE A 608 28.65 -35.60 36.42
CA PHE A 608 29.66 -34.75 35.81
C PHE A 608 30.26 -33.74 36.81
N GLY A 609 29.42 -32.91 37.41
CA GLY A 609 29.92 -31.90 38.32
C GLY A 609 28.92 -31.58 39.41
N SER A 610 29.18 -30.54 40.20
CA SER A 610 28.35 -30.19 41.34
C SER A 610 27.84 -28.76 41.23
N GLU A 611 27.43 -28.35 40.03
CA GLU A 611 26.89 -27.01 39.83
C GLU A 611 25.98 -27.01 38.62
N VAL A 612 24.70 -26.71 38.83
CA VAL A 612 23.72 -26.57 37.77
C VAL A 612 22.94 -25.28 38.04
N TRP A 613 22.27 -24.78 37.01
CA TRP A 613 21.48 -23.55 36.95
C TRP A 613 22.33 -22.30 36.83
N ALA A 614 23.64 -22.38 36.99
CA ALA A 614 24.48 -21.27 36.58
C ALA A 614 24.79 -21.36 35.09
N PRO A 615 25.22 -22.53 34.56
CA PRO A 615 25.56 -22.60 33.13
C PRO A 615 24.35 -22.75 32.22
N MET A 616 23.39 -23.55 32.66
CA MET A 616 22.27 -23.90 31.81
C MET A 616 21.43 -22.67 31.47
N ILE A 617 21.24 -21.77 32.44
CA ILE A 617 20.45 -20.57 32.19
C ILE A 617 21.10 -19.71 31.12
N MET A 618 22.40 -19.49 31.23
CA MET A 618 23.06 -18.61 30.26
C MET A 618 23.13 -19.25 28.89
N VAL A 619 23.30 -20.58 28.83
CA VAL A 619 23.31 -21.25 27.53
C VAL A 619 21.95 -21.12 26.84
N MET A 620 20.87 -21.34 27.59
CA MET A 620 19.54 -21.20 27.00
C MET A 620 19.26 -19.76 26.59
N VAL A 621 19.70 -18.78 27.38
CA VAL A 621 19.47 -17.39 27.03
C VAL A 621 20.21 -17.03 25.74
N LEU A 622 21.46 -17.47 25.60
CA LEU A 622 22.18 -17.20 24.36
C LEU A 622 21.48 -17.82 23.17
N TYR A 623 21.03 -19.09 23.30
CA TYR A 623 20.34 -19.74 22.20
C TYR A 623 19.10 -18.97 21.79
N THR A 624 18.25 -18.61 22.76
CA THR A 624 17.01 -17.91 22.44
C THR A 624 17.27 -16.54 21.82
N ALA A 625 18.23 -15.79 22.37
CA ALA A 625 18.48 -14.45 21.87
C ALA A 625 18.97 -14.47 20.45
N LEU A 626 19.85 -15.44 20.11
CA LEU A 626 20.29 -15.50 18.72
C LEU A 626 19.28 -16.16 17.81
N TYR A 627 18.29 -16.86 18.36
CA TYR A 627 17.26 -17.50 17.55
C TYR A 627 16.11 -16.58 17.19
N SER A 628 15.85 -15.57 18.03
CA SER A 628 14.72 -14.66 17.80
C SER A 628 14.91 -13.72 16.62
N ILE A 629 16.13 -13.56 16.11
CA ILE A 629 16.37 -12.64 14.99
C ILE A 629 15.58 -13.05 13.77
N PHE A 630 15.58 -14.34 13.45
CA PHE A 630 14.89 -14.81 12.26
C PHE A 630 13.39 -14.66 12.37
N GLY A 631 12.85 -14.77 13.59
CA GLY A 631 11.45 -14.46 13.79
C GLY A 631 11.16 -12.98 13.61
N PHE A 632 12.10 -12.12 14.02
CA PHE A 632 11.92 -10.68 13.84
C PHE A 632 12.00 -10.27 12.38
N LEU A 633 12.75 -11.00 11.57
CA LEU A 633 12.98 -10.64 10.18
C LEU A 633 11.87 -11.06 9.23
N SER A 634 10.85 -11.77 9.70
CA SER A 634 9.80 -12.26 8.82
C SER A 634 8.58 -11.35 8.79
N VAL A 635 8.35 -10.61 9.87
CA VAL A 635 7.27 -9.62 9.87
C VAL A 635 7.52 -8.57 8.80
N LEU A 636 8.77 -8.34 8.45
CA LEU A 636 9.08 -7.39 7.38
C LEU A 636 8.57 -7.90 6.03
N TYR A 637 8.79 -9.17 5.73
CA TYR A 637 8.27 -9.73 4.50
C TYR A 637 6.75 -9.74 4.50
N TYR A 638 6.14 -10.03 5.64
CA TYR A 638 4.68 -9.99 5.71
C TYR A 638 4.16 -8.59 5.45
N LYS A 639 4.87 -7.56 5.91
CA LYS A 639 4.48 -6.18 5.60
C LYS A 639 4.56 -5.91 4.11
N LYS A 640 5.64 -6.33 3.47
CA LYS A 640 5.78 -6.09 2.04
C LYS A 640 4.68 -6.78 1.24
N VAL A 641 4.25 -7.96 1.69
CA VAL A 641 3.12 -8.62 1.04
C VAL A 641 1.82 -7.89 1.31
N ILE A 642 1.61 -7.44 2.55
CA ILE A 642 0.34 -6.81 2.91
C ILE A 642 0.12 -5.53 2.11
N LYS A 643 1.17 -4.72 1.94
CA LYS A 643 0.98 -3.42 1.30
C LYS A 643 0.39 -3.53 -0.10
N SER A 644 0.81 -4.53 -0.88
CA SER A 644 0.48 -4.61 -2.29
C SER A 644 -0.68 -5.56 -2.57
N SER A 645 -1.67 -5.63 -1.68
CA SER A 645 -2.85 -6.47 -1.87
C SER A 645 -4.11 -5.66 -1.70
N LEU A 646 -4.15 -4.47 -2.30
CA LEU A 646 -5.26 -3.55 -2.16
C LEU A 646 -6.56 -4.13 -2.69
N ILE B 11 -31.29 13.33 5.46
CA ILE B 11 -30.14 12.72 6.13
C ILE B 11 -28.91 12.86 5.25
N LEU B 12 -29.14 13.00 3.95
CA LEU B 12 -28.07 13.16 2.97
C LEU B 12 -28.24 14.50 2.28
N GLU B 13 -27.14 15.25 2.17
CA GLU B 13 -27.16 16.56 1.51
C GLU B 13 -25.94 16.68 0.62
N ALA B 14 -26.17 16.80 -0.68
CA ALA B 14 -25.12 17.00 -1.66
C ALA B 14 -25.36 18.30 -2.40
N ASN B 15 -24.30 19.05 -2.66
CA ASN B 15 -24.39 20.38 -3.27
C ASN B 15 -23.34 20.51 -4.36
N LYS B 16 -23.73 20.21 -5.60
CA LYS B 16 -22.92 20.44 -6.79
C LYS B 16 -21.54 19.78 -6.67
N ILE B 17 -21.55 18.46 -6.53
CA ILE B 17 -20.33 17.70 -6.36
C ILE B 17 -19.75 17.35 -7.72
N ARG B 18 -18.46 17.62 -7.91
CA ARG B 18 -17.79 17.47 -9.19
C ARG B 18 -16.85 16.27 -9.17
N LYS B 19 -16.65 15.68 -10.35
CA LYS B 19 -15.70 14.58 -10.52
C LYS B 19 -15.42 14.43 -12.00
N SER B 20 -14.14 14.44 -12.36
CA SER B 20 -13.73 14.27 -13.74
C SER B 20 -12.71 13.14 -13.83
N TYR B 21 -12.97 12.19 -14.72
CA TYR B 21 -12.09 11.05 -14.92
C TYR B 21 -11.07 11.41 -15.99
N GLY B 22 -9.80 11.52 -15.59
CA GLY B 22 -8.76 11.90 -16.52
C GLY B 22 -7.45 11.23 -16.17
N ASN B 23 -6.55 11.21 -17.14
CA ASN B 23 -5.22 10.62 -17.02
C ASN B 23 -4.12 11.66 -17.10
N LYS B 24 -4.38 12.85 -16.55
CA LYS B 24 -3.48 14.00 -16.47
C LYS B 24 -3.19 14.62 -17.83
N LEU B 25 -3.69 14.06 -18.91
CA LEU B 25 -3.52 14.65 -20.23
C LEU B 25 -4.84 14.83 -20.98
N ASN B 26 -5.78 13.90 -20.81
CA ASN B 26 -7.11 14.00 -21.41
C ASN B 26 -8.15 13.86 -20.31
N LYS B 27 -9.07 14.81 -20.25
CA LYS B 27 -10.09 14.84 -19.21
C LYS B 27 -11.43 14.41 -19.80
N GLN B 28 -12.09 13.45 -19.14
CA GLN B 28 -13.38 12.94 -19.55
C GLN B 28 -14.35 13.22 -18.40
N GLU B 29 -15.05 14.35 -18.49
CA GLU B 29 -16.03 14.70 -17.47
C GLU B 29 -17.24 13.79 -17.55
N VAL B 30 -17.74 13.36 -16.40
CA VAL B 30 -18.90 12.48 -16.34
C VAL B 30 -20.00 12.98 -15.41
N LEU B 31 -19.73 13.90 -14.49
CA LEU B 31 -20.77 14.53 -13.69
C LEU B 31 -21.04 15.92 -14.23
N LYS B 32 -22.32 16.25 -14.38
CA LYS B 32 -22.73 17.48 -15.06
C LYS B 32 -23.81 18.22 -14.28
N GLY B 33 -23.59 18.43 -12.99
CA GLY B 33 -24.49 19.24 -12.21
C GLY B 33 -25.55 18.47 -11.44
N ILE B 34 -25.12 17.54 -10.61
CA ILE B 34 -26.05 16.73 -9.82
C ILE B 34 -26.30 17.41 -8.48
N ASP B 35 -27.47 17.12 -7.90
CA ASP B 35 -27.81 17.58 -6.57
C ASP B 35 -28.93 16.70 -6.03
N ILE B 36 -28.67 15.99 -4.94
CA ILE B 36 -29.58 14.98 -4.41
C ILE B 36 -29.82 15.25 -2.94
N HIS B 37 -31.09 15.15 -2.53
CA HIS B 37 -31.50 15.30 -1.13
C HIS B 37 -32.26 14.06 -0.71
N ILE B 38 -31.88 13.49 0.44
CA ILE B 38 -32.47 12.26 0.94
C ILE B 38 -32.88 12.46 2.40
N GLU B 39 -34.12 12.13 2.72
CA GLU B 39 -34.58 12.09 4.11
C GLU B 39 -34.51 10.67 4.65
N LYS B 40 -34.54 10.58 5.98
CA LYS B 40 -34.34 9.29 6.61
C LYS B 40 -35.52 8.36 6.33
N GLY B 41 -35.22 7.06 6.22
CA GLY B 41 -36.22 6.03 6.03
C GLY B 41 -36.93 6.02 4.69
N GLU B 42 -36.20 6.24 3.59
CA GLU B 42 -36.78 6.07 2.27
C GLU B 42 -35.95 5.06 1.49
N PHE B 43 -36.63 4.24 0.71
CA PHE B 43 -36.02 3.16 -0.06
C PHE B 43 -35.84 3.67 -1.48
N VAL B 44 -34.77 4.43 -1.71
CA VAL B 44 -34.54 5.09 -2.98
C VAL B 44 -33.82 4.12 -3.91
N SER B 45 -34.01 4.32 -5.20
CA SER B 45 -33.35 3.50 -6.21
C SER B 45 -32.82 4.41 -7.31
N ILE B 46 -31.65 4.06 -7.83
CA ILE B 46 -31.00 4.82 -8.89
C ILE B 46 -30.79 3.89 -10.07
N MET B 47 -31.19 4.33 -11.25
CA MET B 47 -31.06 3.52 -12.45
C MET B 47 -30.99 4.43 -13.68
N GLY B 48 -30.63 3.83 -14.81
CA GLY B 48 -30.63 4.53 -16.07
C GLY B 48 -29.42 4.26 -16.94
N ALA B 49 -29.68 3.84 -18.18
CA ALA B 49 -28.64 3.62 -19.18
C ALA B 49 -27.59 2.62 -18.72
N SER B 50 -26.52 2.50 -19.50
CA SER B 50 -25.40 1.63 -19.17
C SER B 50 -24.07 2.36 -19.17
N GLY B 51 -23.86 3.29 -20.09
CA GLY B 51 -22.65 4.07 -20.13
C GLY B 51 -22.66 5.31 -19.29
N SER B 52 -23.75 5.57 -18.56
CA SER B 52 -23.81 6.74 -17.71
C SER B 52 -22.96 6.54 -16.45
N GLY B 53 -23.03 7.50 -15.54
CA GLY B 53 -22.22 7.45 -14.35
C GLY B 53 -22.99 7.14 -13.07
N LYS B 54 -23.98 6.25 -13.14
CA LYS B 54 -24.74 5.92 -11.95
C LYS B 54 -23.88 5.14 -10.95
N THR B 55 -23.02 4.24 -11.43
CA THR B 55 -22.10 3.55 -10.53
C THR B 55 -21.10 4.53 -9.93
N THR B 56 -20.59 5.47 -10.73
CA THR B 56 -19.72 6.50 -10.19
C THR B 56 -20.49 7.39 -9.23
N LEU B 57 -21.78 7.62 -9.49
CA LEU B 57 -22.61 8.35 -8.55
C LEU B 57 -22.65 7.63 -7.20
N LEU B 58 -22.95 6.33 -7.21
CA LEU B 58 -23.03 5.59 -5.96
C LEU B 58 -21.70 5.58 -5.24
N ASN B 59 -20.60 5.49 -5.99
CA ASN B 59 -19.29 5.56 -5.36
C ASN B 59 -19.04 6.93 -4.72
N VAL B 60 -19.40 8.01 -5.40
CA VAL B 60 -19.04 9.33 -4.89
C VAL B 60 -19.93 9.75 -3.73
N LEU B 61 -21.18 9.28 -3.67
CA LEU B 61 -22.00 9.57 -2.50
C LEU B 61 -21.41 8.97 -1.23
N SER B 62 -20.80 7.78 -1.33
CA SER B 62 -20.07 7.27 -0.18
C SER B 62 -18.71 7.95 -0.10
N SER B 63 -17.84 7.41 0.75
CA SER B 63 -16.50 7.98 0.94
C SER B 63 -15.43 7.24 0.16
N ILE B 64 -15.80 6.31 -0.71
CA ILE B 64 -14.80 5.53 -1.44
C ILE B 64 -14.08 6.40 -2.47
N ASP B 65 -14.77 7.34 -3.10
CA ASP B 65 -14.19 8.17 -4.15
C ASP B 65 -14.16 9.63 -3.70
N GLN B 66 -12.98 10.23 -3.82
CA GLN B 66 -12.81 11.64 -3.45
C GLN B 66 -13.47 12.54 -4.49
N VAL B 67 -14.07 13.64 -4.02
CA VAL B 67 -14.85 14.54 -4.86
C VAL B 67 -13.96 15.68 -5.33
N SER B 68 -14.18 16.12 -6.57
CA SER B 68 -13.40 17.24 -7.10
C SER B 68 -13.83 18.56 -6.46
N HIS B 69 -15.10 18.94 -6.64
CA HIS B 69 -15.64 20.15 -6.05
C HIS B 69 -17.08 19.91 -5.64
N GLY B 70 -17.39 20.12 -4.37
CA GLY B 70 -18.74 19.94 -3.88
C GLY B 70 -18.79 19.91 -2.37
N THR B 71 -19.95 19.51 -1.86
CA THR B 71 -20.19 19.43 -0.43
C THR B 71 -21.08 18.24 -0.12
N ILE B 72 -20.68 17.45 0.88
CA ILE B 72 -21.42 16.28 1.31
C ILE B 72 -21.70 16.41 2.81
N HIS B 73 -22.98 16.31 3.18
CA HIS B 73 -23.39 16.35 4.57
C HIS B 73 -24.17 15.09 4.91
N ILE B 74 -23.62 14.28 5.79
CA ILE B 74 -24.26 13.05 6.25
C ILE B 74 -24.48 13.18 7.75
N ASN B 75 -25.73 13.05 8.19
CA ASN B 75 -26.10 13.18 9.60
C ASN B 75 -25.65 14.51 10.17
N GLY B 76 -25.69 15.57 9.36
CA GLY B 76 -25.25 16.88 9.77
C GLY B 76 -23.75 17.08 9.67
N ASN B 77 -23.00 15.98 9.83
CA ASN B 77 -21.56 16.04 9.79
C ASN B 77 -21.08 16.24 8.35
N ASP B 78 -19.91 16.84 8.20
CA ASP B 78 -19.33 17.13 6.90
C ASP B 78 -18.04 16.34 6.70
N MET B 79 -17.83 15.86 5.47
CA MET B 79 -16.67 15.05 5.16
C MET B 79 -15.90 15.48 3.92
N THR B 80 -16.35 16.52 3.22
CA THR B 80 -15.64 16.97 2.02
C THR B 80 -14.23 17.44 2.38
N ALA B 81 -14.11 18.24 3.44
CA ALA B 81 -12.81 18.63 3.98
C ALA B 81 -12.61 17.87 5.28
N MET B 82 -12.08 16.65 5.16
CA MET B 82 -11.94 15.76 6.29
C MET B 82 -10.64 14.96 6.13
N LYS B 83 -9.92 14.79 7.22
CA LYS B 83 -8.65 14.09 7.18
C LYS B 83 -8.84 12.61 6.85
N GLU B 84 -7.82 12.01 6.23
CA GLU B 84 -7.93 10.65 5.74
C GLU B 84 -8.17 9.66 6.88
N LYS B 85 -7.42 9.79 7.97
CA LYS B 85 -7.55 8.85 9.08
C LYS B 85 -8.95 8.92 9.69
N GLN B 86 -9.41 10.12 10.00
CA GLN B 86 -10.75 10.24 10.57
C GLN B 86 -11.82 9.93 9.54
N LEU B 87 -11.54 10.13 8.25
CA LEU B 87 -12.50 9.72 7.22
C LEU B 87 -12.68 8.21 7.20
N ALA B 88 -11.57 7.46 7.27
CA ALA B 88 -11.68 6.00 7.37
C ALA B 88 -12.38 5.59 8.64
N GLU B 89 -12.10 6.29 9.75
CA GLU B 89 -12.81 6.02 11.00
C GLU B 89 -14.32 6.16 10.80
N PHE B 90 -14.75 7.31 10.28
CA PHE B 90 -16.18 7.55 10.07
C PHE B 90 -16.79 6.51 9.15
N ARG B 91 -16.05 6.13 8.10
CA ARG B 91 -16.51 5.05 7.23
C ARG B 91 -16.73 3.77 8.02
N LYS B 92 -15.85 3.51 9.00
CA LYS B 92 -15.95 2.25 9.73
C LYS B 92 -17.11 2.25 10.72
N GLN B 93 -17.37 3.35 11.42
CA GLN B 93 -18.44 3.33 12.41
C GLN B 93 -19.84 3.60 11.85
N HIS B 94 -19.97 3.86 10.55
CA HIS B 94 -21.29 3.98 9.93
C HIS B 94 -21.23 3.28 8.58
N LEU B 95 -22.25 3.51 7.75
CA LEU B 95 -22.19 3.20 6.33
C LEU B 95 -21.93 1.71 6.08
N GLY B 96 -22.93 0.90 6.39
CA GLY B 96 -22.88 -0.49 5.97
C GLY B 96 -22.87 -0.62 4.46
N PHE B 97 -22.29 -1.70 3.97
CA PHE B 97 -22.14 -1.95 2.54
C PHE B 97 -22.69 -3.32 2.18
N ILE B 98 -23.23 -3.43 0.97
CA ILE B 98 -23.61 -4.70 0.38
C ILE B 98 -23.03 -4.75 -1.03
N PHE B 99 -22.13 -5.69 -1.27
CA PHE B 99 -21.39 -5.69 -2.52
C PHE B 99 -22.07 -6.55 -3.57
N GLN B 100 -21.54 -6.48 -4.79
CA GLN B 100 -21.99 -7.38 -5.86
C GLN B 100 -21.54 -8.82 -5.59
N ASP B 101 -20.31 -8.98 -5.13
CA ASP B 101 -19.75 -10.29 -4.80
C ASP B 101 -19.88 -10.54 -3.31
N TYR B 102 -19.86 -11.84 -2.94
CA TYR B 102 -20.22 -12.22 -1.58
C TYR B 102 -19.26 -11.64 -0.55
N ASN B 103 -17.96 -11.74 -0.80
CA ASN B 103 -16.93 -11.28 0.13
C ASN B 103 -17.04 -11.97 1.49
N LEU B 104 -17.15 -13.29 1.46
CA LEU B 104 -17.17 -14.11 2.67
C LEU B 104 -15.83 -14.80 2.83
N LEU B 105 -15.43 -15.03 4.08
CA LEU B 105 -14.22 -15.76 4.37
C LEU B 105 -14.54 -17.24 4.52
N ASP B 106 -13.79 -18.08 3.82
CA ASP B 106 -14.10 -19.51 3.77
C ASP B 106 -13.47 -20.31 4.90
N THR B 107 -12.66 -19.70 5.75
CA THR B 107 -12.15 -20.37 6.94
C THR B 107 -12.95 -20.03 8.19
N LEU B 108 -14.06 -19.32 8.04
CA LEU B 108 -14.95 -19.00 9.15
C LEU B 108 -16.35 -19.46 8.80
N THR B 109 -17.15 -19.75 9.83
CA THR B 109 -18.52 -20.17 9.66
C THR B 109 -19.39 -18.95 9.38
N VAL B 110 -20.72 -19.12 9.41
CA VAL B 110 -21.62 -18.00 9.19
C VAL B 110 -21.61 -17.03 10.37
N LYS B 111 -21.73 -17.56 11.58
CA LYS B 111 -21.76 -16.70 12.75
C LYS B 111 -20.48 -15.91 12.89
N GLU B 112 -19.34 -16.56 12.68
CA GLU B 112 -18.06 -15.84 12.75
C GLU B 112 -17.97 -14.77 11.68
N ASN B 113 -18.45 -15.07 10.46
CA ASN B 113 -18.37 -14.10 9.38
C ASN B 113 -19.17 -12.86 9.67
N ILE B 114 -20.39 -13.01 10.19
CA ILE B 114 -21.21 -11.82 10.43
C ILE B 114 -21.08 -11.29 11.86
N LEU B 115 -20.16 -11.84 12.65
CA LEU B 115 -19.75 -11.18 13.89
C LEU B 115 -18.34 -10.61 13.85
N LEU B 116 -17.58 -10.84 12.78
CA LEU B 116 -16.21 -10.35 12.73
C LEU B 116 -16.07 -8.83 12.82
N PRO B 117 -16.77 -8.02 12.02
CA PRO B 117 -16.54 -6.56 12.08
C PRO B 117 -16.91 -5.93 13.41
N LEU B 118 -17.80 -6.54 14.18
CA LEU B 118 -18.22 -6.04 15.47
C LEU B 118 -17.19 -6.26 16.56
N SER B 119 -16.10 -6.94 16.26
CA SER B 119 -15.10 -7.31 17.25
C SER B 119 -14.21 -6.16 17.69
N ILE B 120 -14.09 -5.10 16.88
CA ILE B 120 -13.29 -3.95 17.28
C ILE B 120 -13.95 -3.16 18.40
N THR B 121 -15.26 -2.96 18.32
CA THR B 121 -15.97 -2.16 19.31
C THR B 121 -16.03 -2.79 20.69
N LYS B 122 -15.72 -4.08 20.81
CA LYS B 122 -15.57 -4.76 22.10
C LYS B 122 -16.86 -4.71 22.92
N LEU B 123 -17.88 -5.40 22.41
CA LEU B 123 -19.18 -5.48 23.07
C LEU B 123 -19.36 -6.75 23.90
N SER B 124 -18.30 -7.21 24.55
CA SER B 124 -18.39 -8.34 25.50
C SER B 124 -18.87 -9.57 24.72
N LYS B 125 -19.60 -10.47 25.36
CA LYS B 125 -20.13 -11.65 24.69
C LYS B 125 -21.65 -11.70 24.68
N LYS B 126 -22.31 -11.41 25.80
CA LYS B 126 -23.75 -11.54 25.86
C LYS B 126 -24.43 -10.63 24.86
N GLU B 127 -24.00 -9.37 24.80
CA GLU B 127 -24.64 -8.42 23.90
C GLU B 127 -24.43 -8.79 22.44
N ALA B 128 -23.20 -9.15 22.07
CA ALA B 128 -22.91 -9.51 20.69
C ALA B 128 -23.69 -10.76 20.28
N ASN B 129 -23.74 -11.77 21.14
CA ASN B 129 -24.45 -12.99 20.80
C ASN B 129 -25.95 -12.73 20.66
N ARG B 130 -26.51 -11.92 21.58
CA ARG B 130 -27.92 -11.57 21.46
C ARG B 130 -28.22 -10.83 20.18
N LYS B 131 -27.35 -9.89 19.80
CA LYS B 131 -27.60 -9.13 18.59
C LYS B 131 -27.48 -10.00 17.34
N PHE B 132 -26.54 -10.95 17.34
CA PHE B 132 -26.48 -11.86 16.19
C PHE B 132 -27.74 -12.70 16.11
N GLU B 133 -28.23 -13.20 17.23
CA GLU B 133 -29.47 -13.97 17.18
C GLU B 133 -30.61 -13.13 16.65
N GLU B 134 -30.71 -11.88 17.10
CA GLU B 134 -31.79 -11.01 16.67
C GLU B 134 -31.72 -10.76 15.17
N VAL B 135 -30.52 -10.54 14.62
CA VAL B 135 -30.40 -10.29 13.19
C VAL B 135 -30.70 -11.55 12.39
N ALA B 136 -30.08 -12.67 12.77
CA ALA B 136 -30.14 -13.87 11.93
C ALA B 136 -31.41 -14.67 12.11
N LYS B 137 -32.25 -14.35 13.08
CA LYS B 137 -33.58 -14.96 13.10
C LYS B 137 -34.51 -14.33 12.07
N GLU B 138 -34.17 -13.14 11.58
CA GLU B 138 -35.08 -12.38 10.74
C GLU B 138 -34.79 -12.50 9.25
N LEU B 139 -33.58 -12.90 8.87
CA LEU B 139 -33.28 -13.25 7.49
C LEU B 139 -33.36 -14.74 7.23
N GLY B 140 -33.81 -15.52 8.22
CA GLY B 140 -34.00 -16.95 8.04
C GLY B 140 -32.73 -17.75 7.82
N ILE B 141 -31.63 -17.38 8.48
CA ILE B 141 -30.38 -18.10 8.40
C ILE B 141 -29.94 -18.64 9.76
N TYR B 142 -30.81 -18.58 10.77
CA TYR B 142 -30.44 -19.02 12.11
C TYR B 142 -30.21 -20.52 12.18
N GLU B 143 -30.65 -21.27 11.18
CA GLU B 143 -30.41 -22.71 11.13
C GLU B 143 -29.03 -23.06 10.58
N LEU B 144 -28.26 -22.06 10.18
CA LEU B 144 -26.94 -22.24 9.61
C LEU B 144 -25.88 -21.53 10.45
N ARG B 145 -26.01 -21.64 11.78
CA ARG B 145 -25.08 -20.95 12.67
C ARG B 145 -23.67 -21.50 12.55
N ASP B 146 -23.51 -22.78 12.23
CA ASP B 146 -22.21 -23.44 12.24
C ASP B 146 -21.90 -24.10 10.90
N LYS B 147 -22.24 -23.46 9.79
CA LYS B 147 -22.05 -24.02 8.47
C LYS B 147 -21.02 -23.21 7.70
N TYR B 148 -20.09 -23.90 7.06
CA TYR B 148 -19.12 -23.22 6.22
C TYR B 148 -19.78 -22.73 4.95
N PRO B 149 -19.21 -21.73 4.28
CA PRO B 149 -19.86 -21.19 3.09
C PRO B 149 -20.00 -22.18 1.95
N ASN B 150 -19.06 -23.13 1.79
CA ASN B 150 -19.08 -24.01 0.62
C ASN B 150 -20.01 -25.20 0.77
N GLU B 151 -20.97 -25.14 1.68
CA GLU B 151 -21.97 -26.18 1.80
C GLU B 151 -23.38 -25.69 1.48
N ILE B 152 -23.58 -24.39 1.33
CA ILE B 152 -24.92 -23.84 1.17
C ILE B 152 -25.03 -23.16 -0.19
N SER B 153 -26.27 -23.02 -0.65
CA SER B 153 -26.55 -22.54 -2.00
C SER B 153 -26.21 -21.06 -2.15
N GLY B 154 -26.08 -20.64 -3.41
CA GLY B 154 -25.69 -19.28 -3.72
C GLY B 154 -26.70 -18.23 -3.31
N GLY B 155 -27.97 -18.63 -3.13
CA GLY B 155 -28.96 -17.68 -2.65
C GLY B 155 -28.74 -17.27 -1.21
N GLN B 156 -28.34 -18.21 -0.36
CA GLN B 156 -28.23 -17.92 1.06
C GLN B 156 -27.01 -17.09 1.41
N LYS B 157 -25.96 -17.14 0.58
CA LYS B 157 -24.76 -16.38 0.92
C LYS B 157 -25.00 -14.88 0.81
N GLN B 158 -25.82 -14.45 -0.14
CA GLN B 158 -26.15 -13.03 -0.22
C GLN B 158 -26.94 -12.58 1.00
N ARG B 159 -27.86 -13.42 1.48
CA ARG B 159 -28.58 -13.07 2.70
C ARG B 159 -27.64 -13.02 3.89
N THR B 160 -26.62 -13.88 3.91
CA THR B 160 -25.61 -13.80 4.95
C THR B 160 -24.84 -12.49 4.89
N SER B 161 -24.46 -12.05 3.69
CA SER B 161 -23.76 -10.77 3.57
C SER B 161 -24.65 -9.61 4.03
N ALA B 162 -25.93 -9.64 3.67
CA ALA B 162 -26.85 -8.59 4.12
C ALA B 162 -27.00 -8.60 5.63
N GLY B 163 -27.12 -9.79 6.22
CA GLY B 163 -27.19 -9.88 7.67
C GLY B 163 -25.95 -9.33 8.34
N ARG B 164 -24.78 -9.51 7.71
CA ARG B 164 -23.58 -8.89 8.24
C ARG B 164 -23.65 -7.37 8.15
N ALA B 165 -24.19 -6.84 7.03
CA ALA B 165 -24.22 -5.40 6.86
C ALA B 165 -25.21 -4.72 7.80
N PHE B 166 -26.25 -5.43 8.23
CA PHE B 166 -27.28 -4.83 9.08
C PHE B 166 -27.09 -5.13 10.57
N ILE B 167 -25.87 -5.25 11.06
CA ILE B 167 -25.67 -5.71 12.44
C ILE B 167 -25.30 -4.58 13.40
N HIS B 168 -24.54 -3.58 12.97
CA HIS B 168 -24.16 -2.50 13.86
C HIS B 168 -25.08 -1.28 13.75
N ASP B 169 -26.17 -1.39 12.98
CA ASP B 169 -27.16 -0.33 12.82
C ASP B 169 -26.51 0.97 12.34
N PRO B 170 -26.10 1.04 11.09
CA PRO B 170 -25.52 2.27 10.55
C PRO B 170 -26.62 3.23 10.12
N SER B 171 -26.19 4.31 9.47
CA SER B 171 -27.13 5.31 8.95
C SER B 171 -27.64 4.95 7.56
N ILE B 172 -26.74 4.68 6.63
CA ILE B 172 -27.10 4.42 5.24
C ILE B 172 -26.54 3.07 4.82
N ILE B 173 -27.32 2.31 4.07
CA ILE B 173 -26.89 1.04 3.50
C ILE B 173 -26.68 1.24 2.00
N PHE B 174 -25.43 1.16 1.55
CA PHE B 174 -25.08 1.42 0.16
C PHE B 174 -25.04 0.12 -0.61
N ALA B 175 -26.21 -0.39 -0.94
CA ALA B 175 -26.31 -1.61 -1.73
C ALA B 175 -25.96 -1.34 -3.18
N ASP B 176 -25.22 -2.27 -3.79
CA ASP B 176 -24.76 -2.16 -5.17
C ASP B 176 -25.19 -3.41 -5.93
N GLU B 177 -26.42 -3.40 -6.43
CA GLU B 177 -26.92 -4.48 -7.28
C GLU B 177 -26.79 -5.83 -6.59
N PRO B 178 -27.57 -6.10 -5.54
CA PRO B 178 -27.43 -7.40 -4.87
C PRO B 178 -28.01 -8.54 -5.68
N THR B 179 -29.16 -8.32 -6.31
CA THR B 179 -29.85 -9.38 -7.04
C THR B 179 -29.38 -9.41 -8.50
N GLY B 180 -28.17 -9.92 -8.68
CA GLY B 180 -27.57 -9.96 -10.00
C GLY B 180 -27.38 -11.36 -10.54
N ALA B 181 -27.27 -12.35 -9.66
CA ALA B 181 -26.97 -13.72 -10.06
C ALA B 181 -27.90 -14.70 -9.36
N LEU B 182 -29.20 -14.42 -9.39
CA LEU B 182 -30.19 -15.22 -8.68
C LEU B 182 -31.37 -15.52 -9.57
N ASP B 183 -32.08 -16.61 -9.27
CA ASP B 183 -33.31 -16.94 -9.97
C ASP B 183 -34.45 -16.08 -9.42
N SER B 184 -35.68 -16.38 -9.86
CA SER B 184 -36.83 -15.60 -9.42
C SER B 184 -37.10 -15.80 -7.93
N LYS B 185 -37.04 -17.05 -7.45
CA LYS B 185 -37.43 -17.32 -6.08
C LYS B 185 -36.47 -16.69 -5.08
N SER B 186 -35.16 -16.87 -5.29
CA SER B 186 -34.19 -16.31 -4.36
C SER B 186 -34.22 -14.78 -4.38
N ALA B 187 -34.33 -14.19 -5.56
CA ALA B 187 -34.41 -12.74 -5.65
C ALA B 187 -35.64 -12.21 -4.94
N SER B 188 -36.79 -12.85 -5.16
CA SER B 188 -38.02 -12.40 -4.53
C SER B 188 -37.93 -12.52 -3.01
N ASP B 189 -37.40 -13.64 -2.51
CA ASP B 189 -37.25 -13.79 -1.07
C ASP B 189 -36.30 -12.75 -0.50
N LEU B 190 -35.16 -12.54 -1.15
CA LEU B 190 -34.19 -11.59 -0.64
C LEU B 190 -34.78 -10.19 -0.57
N LEU B 191 -35.48 -9.76 -1.63
CA LEU B 191 -36.05 -8.42 -1.60
C LEU B 191 -37.21 -8.30 -0.63
N ASN B 192 -38.03 -9.36 -0.47
CA ASN B 192 -39.09 -9.29 0.52
C ASN B 192 -38.51 -9.14 1.92
N LYS B 193 -37.48 -9.92 2.25
CA LYS B 193 -36.86 -9.83 3.57
C LYS B 193 -36.20 -8.46 3.76
N LEU B 194 -35.52 -7.96 2.72
CA LEU B 194 -34.87 -6.67 2.82
C LEU B 194 -35.89 -5.55 3.04
N SER B 195 -37.01 -5.59 2.31
CA SER B 195 -38.02 -4.55 2.45
C SER B 195 -38.71 -4.62 3.81
N GLN B 196 -38.99 -5.82 4.31
CA GLN B 196 -39.55 -5.95 5.65
C GLN B 196 -38.58 -5.42 6.70
N LEU B 197 -37.29 -5.74 6.55
CA LEU B 197 -36.28 -5.24 7.49
C LEU B 197 -36.21 -3.72 7.45
N ASN B 198 -36.31 -3.14 6.25
CA ASN B 198 -36.37 -1.68 6.16
C ASN B 198 -37.60 -1.13 6.84
N GLN B 199 -38.74 -1.82 6.71
CA GLN B 199 -39.96 -1.36 7.35
C GLN B 199 -39.84 -1.36 8.87
N LYS B 200 -39.31 -2.44 9.45
CA LYS B 200 -39.32 -2.57 10.90
C LYS B 200 -38.36 -1.57 11.56
N ARG B 201 -37.13 -1.48 11.06
CA ARG B 201 -36.14 -0.57 11.62
C ARG B 201 -35.94 0.62 10.69
N ASN B 202 -35.94 1.82 11.27
CA ASN B 202 -35.69 3.04 10.50
C ASN B 202 -34.25 3.01 10.02
N ALA B 203 -34.05 2.72 8.74
CA ALA B 203 -32.71 2.66 8.18
C ALA B 203 -32.82 2.86 6.68
N THR B 204 -32.31 3.99 6.18
CA THR B 204 -32.40 4.28 4.76
C THR B 204 -31.51 3.32 3.97
N ILE B 205 -31.97 2.96 2.77
CA ILE B 205 -31.27 2.04 1.88
C ILE B 205 -31.19 2.68 0.50
N ILE B 206 -29.98 2.82 -0.01
CA ILE B 206 -29.74 3.36 -1.35
C ILE B 206 -29.24 2.23 -2.22
N MET B 207 -29.92 2.01 -3.35
CA MET B 207 -29.71 0.83 -4.15
C MET B 207 -29.64 1.19 -5.62
N VAL B 208 -28.67 0.61 -6.32
CA VAL B 208 -28.52 0.77 -7.76
C VAL B 208 -28.83 -0.57 -8.41
N THR B 209 -29.84 -0.59 -9.28
CA THR B 209 -30.33 -1.85 -9.81
C THR B 209 -30.68 -1.69 -11.28
N HIS B 210 -30.67 -2.84 -11.98
CA HIS B 210 -31.09 -2.91 -13.37
C HIS B 210 -32.34 -3.76 -13.56
N ASP B 211 -32.74 -4.57 -12.58
CA ASP B 211 -33.90 -5.42 -12.70
C ASP B 211 -35.14 -4.62 -12.33
N PRO B 212 -36.03 -4.33 -13.27
CA PRO B 212 -37.20 -3.49 -12.94
C PRO B 212 -38.11 -4.10 -11.90
N VAL B 213 -38.27 -5.43 -11.88
CA VAL B 213 -39.07 -6.04 -10.83
C VAL B 213 -38.41 -5.83 -9.48
N ALA B 214 -37.07 -5.83 -9.44
CA ALA B 214 -36.37 -5.53 -8.20
C ALA B 214 -36.60 -4.08 -7.78
N ALA B 215 -36.52 -3.14 -8.72
CA ALA B 215 -36.78 -1.74 -8.41
C ALA B 215 -38.24 -1.47 -8.10
N SER B 216 -39.13 -2.42 -8.37
CA SER B 216 -40.56 -2.20 -8.13
C SER B 216 -40.87 -2.02 -6.65
N TYR B 217 -40.07 -2.64 -5.77
CA TYR B 217 -40.32 -2.57 -4.33
C TYR B 217 -39.99 -1.21 -3.74
N CYS B 218 -39.35 -0.33 -4.50
CA CYS B 218 -38.85 0.92 -3.98
C CYS B 218 -39.95 1.98 -3.88
N GLY B 219 -39.62 3.11 -3.27
CA GLY B 219 -40.55 4.20 -3.14
C GLY B 219 -40.25 5.39 -4.04
N ARG B 220 -38.97 5.75 -4.17
CA ARG B 220 -38.53 6.83 -5.04
C ARG B 220 -37.50 6.30 -6.01
N VAL B 221 -37.61 6.70 -7.27
CA VAL B 221 -36.71 6.24 -8.32
C VAL B 221 -36.10 7.47 -9.00
N ILE B 222 -34.78 7.47 -9.15
CA ILE B 222 -34.06 8.57 -9.78
C ILE B 222 -33.48 8.05 -11.08
N PHE B 223 -33.84 8.70 -12.20
CA PHE B 223 -33.42 8.27 -13.53
C PHE B 223 -32.23 9.11 -13.96
N ILE B 224 -31.05 8.75 -13.47
CA ILE B 224 -29.83 9.43 -13.89
C ILE B 224 -29.59 9.12 -15.36
N LYS B 225 -29.49 10.17 -16.17
CA LYS B 225 -29.26 10.03 -17.61
C LYS B 225 -28.16 11.01 -18.00
N ASP B 226 -26.94 10.50 -18.17
CA ASP B 226 -25.79 11.30 -18.58
C ASP B 226 -25.55 12.46 -17.62
N GLY B 227 -25.55 12.15 -16.33
CA GLY B 227 -25.31 13.16 -15.31
C GLY B 227 -26.40 14.21 -15.21
N GLN B 228 -27.66 13.83 -15.46
CA GLN B 228 -28.79 14.74 -15.35
C GLN B 228 -29.91 14.05 -14.59
N MET B 229 -30.74 14.86 -13.93
CA MET B 229 -31.79 14.31 -13.09
C MET B 229 -32.85 13.58 -13.93
N TYR B 230 -33.34 14.24 -14.98
CA TYR B 230 -34.44 13.72 -15.78
C TYR B 230 -35.60 13.28 -14.89
N THR B 231 -36.03 14.20 -14.01
CA THR B 231 -37.12 13.98 -13.07
C THR B 231 -36.87 12.78 -12.16
N GLN B 232 -37.88 12.41 -11.38
CA GLN B 232 -37.77 11.28 -10.47
C GLN B 232 -39.18 10.85 -10.06
N LEU B 233 -39.50 9.58 -10.32
CA LEU B 233 -40.80 9.06 -9.94
C LEU B 233 -40.93 9.01 -8.42
N ASN B 234 -42.16 9.03 -7.94
CA ASN B 234 -42.41 9.07 -6.51
C ASN B 234 -43.39 8.02 -6.02
N LYS B 235 -43.91 7.17 -6.89
CA LYS B 235 -44.83 6.10 -6.50
C LYS B 235 -45.99 6.64 -5.68
N GLY B 236 -45.96 6.44 -4.38
CA GLY B 236 -47.07 6.77 -3.51
C GLY B 236 -47.82 5.53 -3.05
N GLY B 237 -49.07 5.73 -2.68
CA GLY B 237 -49.91 4.65 -2.19
C GLY B 237 -50.69 3.94 -3.29
N GLN B 238 -50.00 3.18 -4.13
CA GLN B 238 -50.63 2.44 -5.21
C GLN B 238 -50.14 1.00 -5.20
N ASP B 239 -50.77 0.18 -6.03
CA ASP B 239 -50.41 -1.22 -6.11
C ASP B 239 -49.04 -1.39 -6.78
N ARG B 240 -48.38 -2.50 -6.48
CA ARG B 240 -47.05 -2.76 -7.01
C ARG B 240 -47.07 -2.87 -8.53
N GLN B 241 -48.08 -3.55 -9.08
CA GLN B 241 -48.12 -3.75 -10.53
C GLN B 241 -48.37 -2.46 -11.29
N THR B 242 -49.13 -1.53 -10.71
CA THR B 242 -49.34 -0.25 -11.37
C THR B 242 -48.03 0.52 -11.52
N PHE B 243 -47.25 0.61 -10.44
CA PHE B 243 -45.95 1.25 -10.51
C PHE B 243 -45.01 0.48 -11.42
N PHE B 244 -45.15 -0.85 -11.47
CA PHE B 244 -44.32 -1.66 -12.36
C PHE B 244 -44.59 -1.32 -13.82
N GLN B 245 -45.86 -1.20 -14.18
CA GLN B 245 -46.18 -0.82 -15.56
C GLN B 245 -45.79 0.63 -15.84
N ASP B 246 -45.88 1.50 -14.83
CA ASP B 246 -45.43 2.87 -15.00
C ASP B 246 -43.95 2.93 -15.30
N ILE B 247 -43.14 2.16 -14.58
CA ILE B 247 -41.71 2.18 -14.85
C ILE B 247 -41.41 1.48 -16.17
N MET B 248 -42.23 0.50 -16.57
CA MET B 248 -42.13 -0.04 -17.93
C MET B 248 -42.27 1.06 -18.96
N LYS B 249 -43.32 1.86 -18.87
CA LYS B 249 -43.52 2.88 -19.90
C LYS B 249 -42.46 3.96 -19.82
N THR B 250 -41.98 4.28 -18.60
CA THR B 250 -40.90 5.25 -18.48
C THR B 250 -39.62 4.74 -19.13
N GLN B 251 -39.29 3.46 -18.94
CA GLN B 251 -38.13 2.89 -19.60
C GLN B 251 -38.30 2.85 -21.10
N GLY B 252 -39.51 2.53 -21.56
CA GLY B 252 -39.79 2.55 -22.98
C GLY B 252 -39.65 3.91 -23.60
N VAL B 253 -39.91 4.97 -22.82
CA VAL B 253 -39.65 6.32 -23.28
C VAL B 253 -38.18 6.50 -23.61
N LEU B 254 -37.29 5.98 -22.77
CA LEU B 254 -35.86 6.04 -23.01
C LEU B 254 -35.45 5.11 -24.14
N ILE C 11 -15.65 -25.97 -36.55
CA ILE C 11 -14.36 -26.50 -36.94
C ILE C 11 -14.15 -27.90 -36.36
N LEU C 12 -14.53 -28.08 -35.10
CA LEU C 12 -14.41 -29.36 -34.42
C LEU C 12 -15.67 -30.19 -34.65
N GLU C 13 -15.50 -31.37 -35.21
CA GLU C 13 -16.57 -32.36 -35.33
C GLU C 13 -16.15 -33.55 -34.49
N ALA C 14 -16.46 -33.50 -33.21
CA ALA C 14 -16.13 -34.59 -32.30
C ALA C 14 -17.05 -35.78 -32.57
N ASN C 15 -16.46 -36.97 -32.54
CA ASN C 15 -17.21 -38.20 -32.79
C ASN C 15 -16.75 -39.24 -31.78
N LYS C 16 -17.61 -39.54 -30.81
CA LYS C 16 -17.37 -40.59 -29.81
C LYS C 16 -16.08 -40.32 -29.04
N ILE C 17 -16.06 -39.19 -28.34
CA ILE C 17 -14.90 -38.78 -27.58
C ILE C 17 -14.88 -39.54 -26.26
N ARG C 18 -13.84 -40.36 -26.06
CA ARG C 18 -13.68 -41.15 -24.85
C ARG C 18 -12.28 -40.94 -24.28
N LYS C 19 -12.21 -40.79 -22.97
CA LYS C 19 -10.93 -40.66 -22.26
C LYS C 19 -10.64 -41.96 -21.55
N SER C 20 -9.45 -42.51 -21.77
CA SER C 20 -9.08 -43.78 -21.17
C SER C 20 -8.87 -43.61 -19.66
N TYR C 21 -9.23 -44.66 -18.93
CA TYR C 21 -9.05 -44.70 -17.48
C TYR C 21 -8.63 -46.12 -17.10
N GLY C 22 -8.69 -46.42 -15.81
CA GLY C 22 -8.31 -47.74 -15.34
C GLY C 22 -7.20 -47.71 -14.31
N ASN C 23 -7.08 -46.60 -13.58
CA ASN C 23 -6.08 -46.50 -12.52
C ASN C 23 -6.35 -47.55 -11.46
N LYS C 24 -5.26 -48.09 -10.90
CA LYS C 24 -5.27 -49.23 -9.97
C LYS C 24 -6.34 -50.25 -10.35
N LEU C 25 -7.37 -50.38 -9.52
CA LEU C 25 -8.48 -51.30 -9.78
C LEU C 25 -9.76 -50.60 -10.20
N ASN C 26 -10.10 -49.47 -9.59
CA ASN C 26 -11.33 -48.77 -9.92
C ASN C 26 -11.19 -48.01 -11.22
N LYS C 27 -12.17 -48.14 -12.11
CA LYS C 27 -12.20 -47.43 -13.37
C LYS C 27 -13.50 -46.65 -13.47
N GLN C 28 -13.41 -45.37 -13.81
CA GLN C 28 -14.56 -44.50 -13.91
C GLN C 28 -14.73 -44.07 -15.37
N GLU C 29 -15.94 -44.23 -15.89
CA GLU C 29 -16.25 -43.83 -17.26
C GLU C 29 -16.68 -42.37 -17.29
N VAL C 30 -15.68 -41.49 -17.11
CA VAL C 30 -15.94 -40.06 -17.15
C VAL C 30 -16.38 -39.64 -18.54
N LEU C 31 -15.73 -40.16 -19.57
CA LEU C 31 -16.08 -39.88 -20.96
C LEU C 31 -16.50 -41.20 -21.61
N LYS C 32 -17.70 -41.21 -22.20
CA LYS C 32 -18.25 -42.42 -22.81
C LYS C 32 -18.72 -42.17 -24.23
N GLY C 33 -18.08 -41.24 -24.93
CA GLY C 33 -18.42 -40.96 -26.32
C GLY C 33 -19.28 -39.72 -26.46
N ILE C 34 -18.66 -38.61 -26.85
CA ILE C 34 -19.35 -37.32 -26.95
C ILE C 34 -19.16 -36.79 -28.36
N ASP C 35 -20.24 -36.28 -28.94
CA ASP C 35 -20.22 -35.73 -30.29
C ASP C 35 -20.49 -34.23 -30.22
N ILE C 36 -19.57 -33.44 -30.79
CA ILE C 36 -19.68 -31.99 -30.82
C ILE C 36 -19.52 -31.52 -32.26
N HIS C 37 -20.48 -30.72 -32.72
CA HIS C 37 -20.49 -30.21 -34.09
C HIS C 37 -20.53 -28.68 -34.03
N ILE C 38 -19.43 -28.04 -34.40
CA ILE C 38 -19.31 -26.58 -34.35
C ILE C 38 -18.79 -26.08 -35.69
N GLU C 39 -18.97 -24.78 -35.91
CA GLU C 39 -18.49 -24.12 -37.12
C GLU C 39 -17.82 -22.81 -36.73
N LYS C 40 -17.19 -22.17 -37.70
CA LYS C 40 -16.50 -20.91 -37.45
C LYS C 40 -17.49 -19.81 -37.08
N GLY C 41 -16.99 -18.81 -36.36
CA GLY C 41 -17.82 -17.72 -35.89
C GLY C 41 -18.84 -18.12 -34.84
N GLU C 42 -18.43 -18.93 -33.86
CA GLU C 42 -19.32 -19.37 -32.80
C GLU C 42 -18.75 -18.97 -31.45
N PHE C 43 -19.55 -19.21 -30.41
CA PHE C 43 -19.16 -18.95 -29.03
C PHE C 43 -19.68 -20.08 -28.14
N VAL C 44 -19.66 -21.30 -28.68
CA VAL C 44 -20.22 -22.44 -27.96
C VAL C 44 -19.47 -22.66 -26.65
N SER C 45 -20.21 -22.98 -25.59
CA SER C 45 -19.60 -23.20 -24.30
C SER C 45 -20.22 -24.43 -23.64
N ILE C 46 -19.41 -25.18 -22.90
CA ILE C 46 -19.87 -26.37 -22.21
C ILE C 46 -19.71 -26.15 -20.71
N MET C 47 -20.76 -26.49 -19.96
CA MET C 47 -20.78 -26.33 -18.51
C MET C 47 -21.50 -27.54 -17.92
N GLY C 48 -20.92 -28.11 -16.87
CA GLY C 48 -21.49 -29.30 -16.27
C GLY C 48 -21.59 -29.21 -14.76
N ALA C 49 -21.02 -30.19 -14.07
CA ALA C 49 -21.04 -30.22 -12.62
C ALA C 49 -19.70 -30.73 -12.11
N SER C 50 -19.44 -30.46 -10.82
CA SER C 50 -18.19 -30.91 -10.22
C SER C 50 -18.10 -32.43 -10.23
N GLY C 51 -16.93 -32.94 -10.63
CA GLY C 51 -16.73 -34.37 -10.76
C GLY C 51 -17.03 -34.95 -12.12
N SER C 52 -17.41 -34.11 -13.10
CA SER C 52 -17.69 -34.58 -14.45
C SER C 52 -16.46 -34.58 -15.34
N GLY C 53 -15.31 -34.19 -14.82
CA GLY C 53 -14.09 -34.16 -15.60
C GLY C 53 -14.07 -33.15 -16.73
N LYS C 54 -14.55 -31.93 -16.46
CA LYS C 54 -14.49 -30.87 -17.48
C LYS C 54 -13.04 -30.55 -17.83
N THR C 55 -12.16 -30.54 -16.84
CA THR C 55 -10.73 -30.42 -17.12
C THR C 55 -10.26 -31.57 -17.99
N THR C 56 -10.83 -32.78 -17.81
CA THR C 56 -10.51 -33.88 -18.71
C THR C 56 -11.03 -33.63 -20.11
N LEU C 57 -12.16 -32.92 -20.24
CA LEU C 57 -12.58 -32.48 -21.57
C LEU C 57 -11.56 -31.55 -22.19
N LEU C 58 -11.02 -30.60 -21.41
CA LEU C 58 -9.94 -29.77 -21.94
C LEU C 58 -8.76 -30.63 -22.36
N ASN C 59 -8.42 -31.63 -21.55
CA ASN C 59 -7.27 -32.48 -21.85
C ASN C 59 -7.47 -33.23 -23.16
N VAL C 60 -8.67 -33.78 -23.37
CA VAL C 60 -8.90 -34.55 -24.59
C VAL C 60 -8.98 -33.64 -25.81
N LEU C 61 -9.54 -32.44 -25.65
CA LEU C 61 -9.69 -31.55 -26.79
C LEU C 61 -8.47 -30.68 -27.06
N SER C 62 -7.77 -30.23 -26.01
CA SER C 62 -6.64 -29.32 -26.20
C SER C 62 -5.31 -30.03 -26.37
N SER C 63 -5.29 -31.37 -26.36
CA SER C 63 -4.07 -32.16 -26.48
C SER C 63 -3.06 -31.84 -25.38
N ILE C 64 -3.56 -31.43 -24.20
CA ILE C 64 -2.67 -31.28 -23.04
C ILE C 64 -2.10 -32.63 -22.64
N ASP C 65 -2.95 -33.66 -22.59
CA ASP C 65 -2.50 -35.03 -22.35
C ASP C 65 -2.64 -35.83 -23.65
N GLN C 66 -2.36 -37.12 -23.55
CA GLN C 66 -2.47 -37.99 -24.71
C GLN C 66 -3.93 -38.35 -24.96
N VAL C 67 -4.37 -38.16 -26.20
CA VAL C 67 -5.75 -38.48 -26.55
C VAL C 67 -5.92 -39.99 -26.65
N SER C 68 -7.07 -40.48 -26.20
CA SER C 68 -7.36 -41.90 -26.16
C SER C 68 -8.35 -42.34 -27.23
N HIS C 69 -9.49 -41.66 -27.33
CA HIS C 69 -10.51 -42.03 -28.30
C HIS C 69 -11.21 -40.77 -28.80
N GLY C 70 -11.83 -40.89 -29.96
CA GLY C 70 -12.57 -39.79 -30.56
C GLY C 70 -11.90 -39.31 -31.84
N THR C 71 -12.72 -38.99 -32.84
CA THR C 71 -12.25 -38.48 -34.12
C THR C 71 -12.57 -36.99 -34.19
N ILE C 72 -11.53 -36.16 -34.11
CA ILE C 72 -11.67 -34.72 -34.15
C ILE C 72 -10.75 -34.18 -35.23
N HIS C 73 -11.29 -33.34 -36.11
CA HIS C 73 -10.51 -32.68 -37.14
C HIS C 73 -10.47 -31.19 -36.87
N ILE C 74 -9.27 -30.60 -37.00
CA ILE C 74 -9.06 -29.19 -36.70
C ILE C 74 -8.74 -28.48 -38.01
N ASN C 75 -9.61 -27.54 -38.39
CA ASN C 75 -9.47 -26.79 -39.64
C ASN C 75 -9.37 -27.74 -40.83
N GLY C 76 -10.15 -28.82 -40.79
CA GLY C 76 -10.12 -29.84 -41.81
C GLY C 76 -8.97 -30.81 -41.69
N ASN C 77 -8.14 -30.69 -40.65
CA ASN C 77 -6.99 -31.55 -40.46
C ASN C 77 -7.20 -32.43 -39.22
N ASP C 78 -7.07 -33.73 -39.40
CA ASP C 78 -7.18 -34.66 -38.28
C ASP C 78 -5.93 -34.59 -37.41
N MET C 79 -6.12 -34.64 -36.10
CA MET C 79 -5.04 -34.54 -35.14
C MET C 79 -4.52 -35.90 -34.67
N THR C 80 -5.00 -36.99 -35.27
CA THR C 80 -4.60 -38.34 -34.89
C THR C 80 -3.61 -38.96 -35.87
N ALA C 81 -2.99 -38.18 -36.75
CA ALA C 81 -2.14 -38.70 -37.80
C ALA C 81 -0.80 -37.99 -37.83
N MET C 82 -0.19 -37.80 -36.66
CA MET C 82 1.16 -37.25 -36.59
C MET C 82 1.79 -37.64 -35.27
N LYS C 83 3.10 -37.43 -35.18
CA LYS C 83 3.86 -37.74 -33.98
C LYS C 83 3.66 -36.65 -32.92
N GLU C 84 4.40 -36.76 -31.82
CA GLU C 84 4.26 -35.81 -30.72
C GLU C 84 4.78 -34.43 -31.13
N LYS C 85 5.92 -34.37 -31.81
CA LYS C 85 6.49 -33.08 -32.21
C LYS C 85 5.60 -32.37 -33.22
N GLN C 86 5.04 -33.12 -34.18
CA GLN C 86 4.15 -32.49 -35.16
C GLN C 86 2.89 -31.96 -34.49
N LEU C 87 2.33 -32.71 -33.53
CA LEU C 87 1.20 -32.21 -32.77
C LEU C 87 1.58 -30.96 -31.99
N ALA C 88 2.79 -30.94 -31.43
CA ALA C 88 3.24 -29.77 -30.66
C ALA C 88 3.35 -28.54 -31.54
N GLU C 89 3.96 -28.68 -32.71
CA GLU C 89 4.06 -27.52 -33.60
C GLU C 89 2.68 -27.08 -34.08
N PHE C 90 1.79 -28.04 -34.35
CA PHE C 90 0.44 -27.68 -34.78
C PHE C 90 -0.30 -26.90 -33.71
N ARG C 91 -0.24 -27.35 -32.46
CA ARG C 91 -0.92 -26.61 -31.40
C ARG C 91 -0.26 -25.26 -31.14
N LYS C 92 1.05 -25.16 -31.29
CA LYS C 92 1.70 -23.88 -31.04
C LYS C 92 1.44 -22.88 -32.15
N GLN C 93 1.19 -23.33 -33.38
CA GLN C 93 0.95 -22.40 -34.47
C GLN C 93 -0.52 -22.28 -34.86
N HIS C 94 -1.42 -23.01 -34.19
CA HIS C 94 -2.81 -23.04 -34.63
C HIS C 94 -3.83 -22.86 -33.51
N LEU C 95 -3.42 -22.94 -32.25
CA LEU C 95 -4.34 -22.84 -31.11
C LEU C 95 -3.95 -21.68 -30.21
N GLY C 96 -4.82 -21.38 -29.26
CA GLY C 96 -4.55 -20.39 -28.24
C GLY C 96 -5.23 -20.77 -26.94
N PHE C 97 -4.63 -20.37 -25.83
CA PHE C 97 -5.13 -20.75 -24.51
C PHE C 97 -5.20 -19.55 -23.59
N ILE C 98 -6.17 -19.61 -22.67
CA ILE C 98 -6.27 -18.67 -21.56
C ILE C 98 -6.50 -19.49 -20.30
N PHE C 99 -5.74 -19.21 -19.26
CA PHE C 99 -5.81 -19.99 -18.03
C PHE C 99 -6.64 -19.26 -16.98
N GLN C 100 -7.14 -20.04 -16.02
CA GLN C 100 -7.88 -19.47 -14.91
C GLN C 100 -6.99 -18.55 -14.07
N ASP C 101 -5.77 -18.98 -13.80
CA ASP C 101 -4.79 -18.18 -13.09
C ASP C 101 -3.77 -17.65 -14.10
N TYR C 102 -3.77 -16.33 -14.29
CA TYR C 102 -2.89 -15.68 -15.24
C TYR C 102 -1.42 -15.97 -14.94
N ASN C 103 -0.67 -16.27 -15.99
CA ASN C 103 0.75 -16.59 -15.91
C ASN C 103 1.52 -15.44 -16.54
N LEU C 104 1.98 -14.51 -15.70
CA LEU C 104 2.79 -13.39 -16.16
C LEU C 104 4.09 -13.37 -15.36
N LEU C 105 5.20 -13.34 -16.09
CA LEU C 105 6.51 -13.28 -15.44
C LEU C 105 6.69 -11.91 -14.81
N ASP C 106 7.08 -11.88 -13.53
CA ASP C 106 7.17 -10.61 -12.82
C ASP C 106 8.32 -9.77 -13.36
N THR C 107 9.34 -10.39 -13.92
CA THR C 107 10.55 -9.68 -14.29
C THR C 107 10.45 -8.97 -15.63
N LEU C 108 9.35 -9.15 -16.37
CA LEU C 108 9.22 -8.54 -17.68
C LEU C 108 8.25 -7.36 -17.64
N THR C 109 8.00 -6.78 -18.80
CA THR C 109 7.04 -5.69 -18.96
C THR C 109 5.77 -6.23 -19.62
N VAL C 110 4.73 -5.40 -19.60
CA VAL C 110 3.46 -5.78 -20.21
C VAL C 110 3.65 -6.02 -21.71
N LYS C 111 4.33 -5.07 -22.38
CA LYS C 111 4.58 -5.22 -23.81
C LYS C 111 5.43 -6.45 -24.10
N GLU C 112 6.46 -6.68 -23.30
CA GLU C 112 7.31 -7.85 -23.51
C GLU C 112 6.54 -9.14 -23.22
N ASN C 113 5.67 -9.13 -22.22
CA ASN C 113 4.84 -10.31 -21.96
C ASN C 113 3.97 -10.64 -23.15
N ILE C 114 3.30 -9.65 -23.72
CA ILE C 114 2.42 -9.94 -24.84
C ILE C 114 3.22 -10.30 -26.09
N LEU C 115 4.45 -9.79 -26.22
CA LEU C 115 5.23 -10.03 -27.42
C LEU C 115 6.16 -11.24 -27.33
N LEU C 116 6.31 -11.85 -26.15
CA LEU C 116 7.27 -12.95 -25.99
C LEU C 116 6.99 -14.13 -26.93
N PRO C 117 5.75 -14.59 -27.11
CA PRO C 117 5.54 -15.73 -28.02
C PRO C 117 6.01 -15.48 -29.44
N LEU C 118 6.07 -14.23 -29.89
CA LEU C 118 6.52 -13.91 -31.24
C LEU C 118 8.01 -13.64 -31.32
N SER C 119 8.75 -13.72 -30.22
CA SER C 119 10.17 -13.39 -30.21
C SER C 119 11.07 -14.61 -30.42
N ILE C 120 10.53 -15.69 -30.98
CA ILE C 120 11.32 -16.89 -31.21
C ILE C 120 11.34 -17.20 -32.70
N THR C 121 10.27 -16.84 -33.40
CA THR C 121 10.19 -17.10 -34.83
C THR C 121 10.99 -16.13 -35.67
N LYS C 122 11.49 -15.04 -35.08
CA LYS C 122 12.39 -14.09 -35.73
C LYS C 122 11.76 -13.48 -36.99
N LEU C 123 10.75 -12.66 -36.76
CA LEU C 123 10.12 -11.86 -37.80
C LEU C 123 10.59 -10.41 -37.69
N SER C 124 10.15 -9.59 -38.65
CA SER C 124 10.50 -8.18 -38.64
C SER C 124 9.89 -7.49 -37.43
N LYS C 125 10.66 -6.57 -36.84
CA LYS C 125 10.21 -5.88 -35.63
C LYS C 125 9.03 -4.95 -35.92
N LYS C 126 8.98 -4.35 -37.12
CA LYS C 126 7.98 -3.33 -37.39
C LYS C 126 6.57 -3.89 -37.38
N GLU C 127 6.34 -5.00 -38.09
CA GLU C 127 4.99 -5.56 -38.13
C GLU C 127 4.60 -6.15 -36.79
N ALA C 128 5.56 -6.69 -36.04
CA ALA C 128 5.25 -7.15 -34.69
C ALA C 128 4.81 -6.01 -33.79
N ASN C 129 5.51 -4.87 -33.87
CA ASN C 129 5.10 -3.70 -33.10
C ASN C 129 3.73 -3.22 -33.55
N ARG C 130 3.45 -3.29 -34.85
CA ARG C 130 2.13 -2.91 -35.34
C ARG C 130 1.04 -3.81 -34.77
N LYS C 131 1.29 -5.12 -34.73
CA LYS C 131 0.32 -6.05 -34.17
C LYS C 131 0.09 -5.78 -32.70
N PHE C 132 1.16 -5.55 -31.94
CA PHE C 132 0.98 -5.23 -30.53
C PHE C 132 0.19 -3.95 -30.35
N GLU C 133 0.49 -2.93 -31.15
CA GLU C 133 -0.24 -1.67 -31.06
C GLU C 133 -1.73 -1.90 -31.30
N GLU C 134 -2.05 -2.65 -32.36
CA GLU C 134 -3.44 -2.93 -32.68
C GLU C 134 -4.15 -3.65 -31.53
N VAL C 135 -3.53 -4.71 -31.01
CA VAL C 135 -4.18 -5.53 -29.99
C VAL C 135 -4.35 -4.74 -28.70
N ALA C 136 -3.31 -4.01 -28.29
CA ALA C 136 -3.40 -3.22 -27.06
C ALA C 136 -4.43 -2.12 -27.19
N LYS C 137 -4.53 -1.49 -28.37
CA LYS C 137 -5.53 -0.46 -28.58
C LYS C 137 -6.93 -1.04 -28.56
N GLU C 138 -7.10 -2.25 -29.10
CA GLU C 138 -8.43 -2.86 -29.12
C GLU C 138 -8.86 -3.28 -27.72
N LEU C 139 -7.98 -3.93 -26.97
CA LEU C 139 -8.36 -4.44 -25.65
C LEU C 139 -8.47 -3.33 -24.62
N GLY C 140 -7.60 -2.32 -24.69
CA GLY C 140 -7.66 -1.20 -23.77
C GLY C 140 -6.63 -1.21 -22.65
N ILE C 141 -5.38 -1.58 -22.93
CA ILE C 141 -4.33 -1.56 -21.93
C ILE C 141 -3.14 -0.78 -22.47
N TYR C 142 -3.34 -0.02 -23.55
CA TYR C 142 -2.22 0.57 -24.26
C TYR C 142 -1.49 1.61 -23.41
N GLU C 143 -2.21 2.30 -22.52
CA GLU C 143 -1.54 3.21 -21.60
C GLU C 143 -0.64 2.47 -20.63
N LEU C 144 -0.93 1.19 -20.36
CA LEU C 144 -0.09 0.35 -19.52
C LEU C 144 0.92 -0.41 -20.36
N ARG C 145 1.71 0.30 -21.17
CA ARG C 145 2.64 -0.35 -22.08
C ARG C 145 4.02 -0.54 -21.49
N ASP C 146 4.45 0.34 -20.59
CA ASP C 146 5.79 0.30 -20.03
C ASP C 146 5.76 0.14 -18.51
N LYS C 147 4.93 -0.78 -18.04
CA LYS C 147 4.79 -1.05 -16.62
C LYS C 147 5.10 -2.52 -16.35
N TYR C 148 5.27 -2.84 -15.08
CA TYR C 148 5.49 -4.20 -14.65
C TYR C 148 4.21 -4.78 -14.09
N PRO C 149 4.04 -6.10 -14.13
CA PRO C 149 2.78 -6.71 -13.67
C PRO C 149 2.57 -6.68 -12.17
N ASN C 150 3.41 -5.98 -11.41
CA ASN C 150 3.24 -5.90 -9.96
C ASN C 150 2.68 -4.58 -9.49
N GLU C 151 2.26 -3.70 -10.41
CA GLU C 151 1.60 -2.45 -10.02
C GLU C 151 0.33 -2.23 -10.83
N ILE C 152 -0.30 -3.32 -11.28
CA ILE C 152 -1.60 -3.27 -11.92
C ILE C 152 -2.49 -4.32 -11.28
N SER C 153 -3.81 -4.09 -11.32
CA SER C 153 -4.76 -4.94 -10.63
C SER C 153 -4.91 -6.29 -11.35
N GLY C 154 -5.70 -7.17 -10.74
CA GLY C 154 -5.91 -8.48 -11.31
C GLY C 154 -6.63 -8.44 -12.65
N GLY C 155 -7.58 -7.52 -12.81
CA GLY C 155 -8.30 -7.44 -14.07
C GLY C 155 -7.38 -7.12 -15.23
N GLN C 156 -6.44 -6.19 -15.03
CA GLN C 156 -5.51 -5.83 -16.09
C GLN C 156 -4.56 -6.98 -16.40
N LYS C 157 -4.14 -7.74 -15.37
CA LYS C 157 -3.31 -8.91 -15.62
C LYS C 157 -4.05 -9.96 -16.43
N GLN C 158 -5.32 -10.20 -16.12
CA GLN C 158 -6.08 -11.19 -16.89
C GLN C 158 -6.34 -10.69 -18.31
N ARG C 159 -6.53 -9.38 -18.49
CA ARG C 159 -6.66 -8.86 -19.84
C ARG C 159 -5.38 -9.01 -20.63
N THR C 160 -4.22 -8.83 -19.97
CA THR C 160 -2.95 -9.09 -20.63
C THR C 160 -2.79 -10.54 -21.03
N SER C 161 -3.18 -11.46 -20.13
CA SER C 161 -3.12 -12.88 -20.47
C SER C 161 -4.05 -13.21 -21.62
N ALA C 162 -5.23 -12.58 -21.66
CA ALA C 162 -6.14 -12.78 -22.77
C ALA C 162 -5.55 -12.27 -24.08
N GLY C 163 -4.88 -11.11 -24.03
CA GLY C 163 -4.25 -10.57 -25.22
C GLY C 163 -3.04 -11.36 -25.68
N ARG C 164 -2.39 -12.08 -24.76
CA ARG C 164 -1.25 -12.91 -25.16
C ARG C 164 -1.65 -14.00 -26.13
N ALA C 165 -2.87 -14.52 -26.01
CA ALA C 165 -3.34 -15.61 -26.86
C ALA C 165 -4.02 -15.11 -28.12
N PHE C 166 -4.11 -13.79 -28.32
CA PHE C 166 -4.73 -13.23 -29.51
C PHE C 166 -3.71 -12.61 -30.46
N ILE C 167 -2.42 -12.73 -30.17
CA ILE C 167 -1.41 -12.01 -30.92
C ILE C 167 -0.69 -12.87 -31.95
N HIS C 168 -0.68 -14.19 -31.77
CA HIS C 168 0.02 -15.08 -32.71
C HIS C 168 -0.92 -15.64 -33.77
N ASP C 169 -1.96 -14.88 -34.12
CA ASP C 169 -2.89 -15.20 -35.20
C ASP C 169 -3.43 -16.62 -35.07
N PRO C 170 -4.17 -16.93 -34.02
CA PRO C 170 -4.70 -18.28 -33.84
C PRO C 170 -5.94 -18.49 -34.70
N SER C 171 -6.52 -19.68 -34.56
CA SER C 171 -7.79 -19.98 -35.20
C SER C 171 -8.89 -20.30 -34.20
N ILE C 172 -8.57 -21.01 -33.13
CA ILE C 172 -9.52 -21.38 -32.08
C ILE C 172 -8.92 -20.98 -30.74
N ILE C 173 -9.68 -20.23 -29.95
CA ILE C 173 -9.22 -19.79 -28.64
C ILE C 173 -9.88 -20.72 -27.62
N PHE C 174 -9.19 -21.82 -27.30
CA PHE C 174 -9.59 -22.59 -26.12
C PHE C 174 -9.43 -21.71 -24.90
N ALA C 175 -10.28 -21.92 -23.91
CA ALA C 175 -10.23 -21.08 -22.73
C ALA C 175 -10.86 -21.81 -21.57
N ASP C 176 -10.14 -21.88 -20.46
CA ASP C 176 -10.73 -22.31 -19.20
C ASP C 176 -11.57 -21.17 -18.67
N GLU C 177 -11.99 -21.28 -17.43
CA GLU C 177 -12.82 -20.25 -16.82
C GLU C 177 -11.97 -19.02 -16.52
N PRO C 178 -12.04 -17.96 -17.32
CA PRO C 178 -11.20 -16.80 -17.03
C PRO C 178 -11.89 -15.86 -16.07
N THR C 179 -12.56 -16.40 -15.07
CA THR C 179 -13.33 -15.58 -14.14
C THR C 179 -13.32 -16.10 -12.72
N GLY C 180 -12.58 -17.18 -12.43
CA GLY C 180 -12.62 -17.74 -11.08
C GLY C 180 -12.02 -16.81 -10.05
N ALA C 181 -10.90 -16.17 -10.38
CA ALA C 181 -10.15 -15.34 -9.44
C ALA C 181 -10.40 -13.85 -9.65
N LEU C 182 -11.56 -13.49 -10.21
CA LEU C 182 -11.88 -12.10 -10.50
C LEU C 182 -13.20 -11.74 -9.82
N ASP C 183 -13.33 -10.47 -9.47
CA ASP C 183 -14.56 -9.95 -8.90
C ASP C 183 -15.58 -9.70 -10.02
N SER C 184 -16.72 -9.11 -9.67
CA SER C 184 -17.83 -9.02 -10.63
C SER C 184 -17.52 -8.07 -11.77
N LYS C 185 -17.04 -6.86 -11.44
CA LYS C 185 -16.83 -5.84 -12.47
C LYS C 185 -15.78 -6.28 -13.48
N SER C 186 -14.64 -6.79 -13.00
CA SER C 186 -13.58 -7.19 -13.91
C SER C 186 -13.99 -8.37 -14.78
N ALA C 187 -14.73 -9.32 -14.20
CA ALA C 187 -15.21 -10.45 -14.99
C ALA C 187 -16.17 -9.99 -16.08
N SER C 188 -17.08 -9.08 -15.74
CA SER C 188 -18.00 -8.56 -16.75
C SER C 188 -17.25 -7.83 -17.84
N ASP C 189 -16.24 -7.03 -17.47
CA ASP C 189 -15.47 -6.29 -18.47
C ASP C 189 -14.71 -7.25 -19.39
N LEU C 190 -14.10 -8.28 -18.83
CA LEU C 190 -13.34 -9.21 -19.66
C LEU C 190 -14.26 -9.96 -20.63
N LEU C 191 -15.42 -10.41 -20.15
CA LEU C 191 -16.34 -11.11 -21.03
C LEU C 191 -16.87 -10.17 -22.12
N ASN C 192 -17.15 -8.92 -21.76
CA ASN C 192 -17.56 -7.94 -22.76
C ASN C 192 -16.50 -7.77 -23.84
N LYS C 193 -15.24 -7.62 -23.44
CA LYS C 193 -14.18 -7.41 -24.41
C LYS C 193 -13.98 -8.63 -25.30
N LEU C 194 -14.04 -9.83 -24.71
CA LEU C 194 -13.89 -11.04 -25.53
C LEU C 194 -15.02 -11.17 -26.54
N SER C 195 -16.26 -10.91 -26.12
CA SER C 195 -17.38 -10.97 -27.04
C SER C 195 -17.24 -9.92 -28.14
N GLN C 196 -16.79 -8.72 -27.79
CA GLN C 196 -16.57 -7.69 -28.80
C GLN C 196 -15.52 -8.12 -29.80
N LEU C 197 -14.41 -8.70 -29.32
CA LEU C 197 -13.34 -9.10 -30.22
C LEU C 197 -13.74 -10.27 -31.10
N ASN C 198 -14.66 -11.13 -30.63
CA ASN C 198 -15.09 -12.25 -31.44
C ASN C 198 -15.76 -11.79 -32.73
N GLN C 199 -16.41 -10.62 -32.71
CA GLN C 199 -17.09 -10.14 -33.90
C GLN C 199 -16.11 -9.55 -34.91
N LYS C 200 -15.06 -8.89 -34.44
CA LYS C 200 -14.15 -8.21 -35.36
C LYS C 200 -13.41 -9.21 -36.24
N ARG C 201 -12.90 -10.28 -35.66
CA ARG C 201 -12.19 -11.31 -36.40
C ARG C 201 -12.84 -12.66 -36.11
N ASN C 202 -12.91 -13.52 -37.12
CA ASN C 202 -13.54 -14.82 -36.94
C ASN C 202 -12.61 -15.74 -36.17
N ALA C 203 -13.06 -16.17 -34.99
CA ALA C 203 -12.29 -17.10 -34.17
C ALA C 203 -13.24 -17.76 -33.18
N THR C 204 -13.29 -19.09 -33.19
CA THR C 204 -14.22 -19.81 -32.33
C THR C 204 -13.67 -19.87 -30.91
N ILE C 205 -14.52 -19.56 -29.94
CA ILE C 205 -14.18 -19.67 -28.53
C ILE C 205 -15.07 -20.75 -27.92
N ILE C 206 -14.47 -21.71 -27.24
CA ILE C 206 -15.21 -22.74 -26.51
C ILE C 206 -14.81 -22.62 -25.04
N MET C 207 -15.56 -21.81 -24.31
CA MET C 207 -15.32 -21.66 -22.88
C MET C 207 -15.73 -22.93 -22.16
N VAL C 208 -15.11 -23.18 -21.01
CA VAL C 208 -15.51 -24.27 -20.12
C VAL C 208 -15.59 -23.67 -18.73
N THR C 209 -16.77 -23.21 -18.35
CA THR C 209 -16.96 -22.47 -17.11
C THR C 209 -17.85 -23.28 -16.18
N HIS C 210 -18.01 -22.75 -14.96
CA HIS C 210 -18.90 -23.35 -13.98
C HIS C 210 -20.04 -22.43 -13.56
N ASP C 211 -19.84 -21.13 -13.60
CA ASP C 211 -20.89 -20.19 -13.23
C ASP C 211 -21.74 -19.86 -14.46
N PRO C 212 -23.07 -19.84 -14.34
CA PRO C 212 -23.89 -19.51 -15.51
C PRO C 212 -23.72 -18.08 -16.00
N VAL C 213 -23.21 -17.18 -15.16
CA VAL C 213 -23.10 -15.78 -15.56
C VAL C 213 -22.17 -15.64 -16.75
N ALA C 214 -21.01 -16.30 -16.70
CA ALA C 214 -20.07 -16.20 -17.81
C ALA C 214 -20.63 -16.83 -19.07
N ALA C 215 -21.26 -18.00 -18.94
CA ALA C 215 -21.77 -18.71 -20.10
C ALA C 215 -23.07 -18.11 -20.63
N SER C 216 -23.68 -17.16 -19.92
CA SER C 216 -24.89 -16.52 -20.42
C SER C 216 -24.60 -15.58 -21.58
N TYR C 217 -23.34 -15.23 -21.81
CA TYR C 217 -22.97 -14.38 -22.94
C TYR C 217 -22.83 -15.17 -24.24
N CYS C 218 -22.97 -16.49 -24.21
CA CYS C 218 -22.60 -17.34 -25.32
C CYS C 218 -23.71 -17.39 -26.36
N GLY C 219 -23.54 -18.25 -27.36
CA GLY C 219 -24.52 -18.46 -28.41
C GLY C 219 -25.00 -19.90 -28.48
N ARG C 220 -24.42 -20.76 -27.64
CA ARG C 220 -24.83 -22.15 -27.56
C ARG C 220 -24.31 -22.71 -26.25
N VAL C 221 -25.11 -23.56 -25.61
CA VAL C 221 -24.74 -24.18 -24.34
C VAL C 221 -24.96 -25.68 -24.46
N ILE C 222 -23.99 -26.46 -23.98
CA ILE C 222 -24.06 -27.91 -24.02
C ILE C 222 -23.93 -28.45 -22.60
N PHE C 223 -24.89 -29.27 -22.18
CA PHE C 223 -24.96 -29.81 -20.84
C PHE C 223 -24.57 -31.29 -20.84
N ILE C 224 -23.70 -31.67 -19.92
CA ILE C 224 -23.34 -33.06 -19.70
C ILE C 224 -23.36 -33.33 -18.20
N LYS C 225 -23.83 -34.51 -17.82
CA LYS C 225 -23.86 -34.88 -16.42
C LYS C 225 -22.98 -36.07 -16.09
N ASP C 226 -22.89 -37.06 -16.98
CA ASP C 226 -21.87 -38.08 -16.89
C ASP C 226 -21.33 -38.50 -18.24
N GLY C 227 -21.73 -37.84 -19.31
CA GLY C 227 -21.30 -38.22 -20.65
C GLY C 227 -22.31 -37.83 -21.71
N GLN C 228 -22.75 -38.81 -22.48
CA GLN C 228 -23.68 -38.56 -23.59
C GLN C 228 -25.03 -38.15 -23.02
N MET C 229 -25.28 -36.84 -22.97
CA MET C 229 -26.54 -36.36 -22.42
C MET C 229 -27.13 -35.28 -23.33
N TYR C 230 -26.26 -34.56 -24.05
CA TYR C 230 -26.67 -33.46 -24.93
C TYR C 230 -27.48 -32.39 -24.20
N THR C 231 -28.80 -32.46 -24.33
CA THR C 231 -29.75 -31.44 -23.83
C THR C 231 -29.18 -30.03 -23.98
N GLN C 232 -28.86 -29.66 -25.22
CA GLN C 232 -28.27 -28.37 -25.50
C GLN C 232 -29.35 -27.30 -25.72
N LEU C 233 -29.02 -26.08 -25.33
CA LEU C 233 -29.87 -24.92 -25.57
C LEU C 233 -29.41 -24.18 -26.81
N ASN C 234 -30.18 -23.16 -27.21
CA ASN C 234 -29.94 -22.50 -28.48
C ASN C 234 -29.97 -20.97 -28.44
N LYS C 235 -30.61 -20.35 -27.46
CA LYS C 235 -30.82 -18.91 -27.46
C LYS C 235 -31.55 -18.46 -28.71
N GLY C 236 -30.81 -18.02 -29.73
CA GLY C 236 -31.40 -17.56 -30.96
C GLY C 236 -31.78 -16.09 -30.96
N GLY C 237 -32.82 -15.73 -30.22
CA GLY C 237 -33.29 -14.36 -30.19
C GLY C 237 -33.67 -13.85 -28.81
N GLN C 238 -32.99 -14.36 -27.78
CA GLN C 238 -33.32 -13.99 -26.41
C GLN C 238 -32.75 -12.60 -26.11
N ASP C 239 -32.74 -12.21 -24.83
CA ASP C 239 -32.27 -10.90 -24.41
C ASP C 239 -31.18 -10.97 -23.36
N ARG C 240 -30.52 -12.13 -23.21
CA ARG C 240 -29.39 -12.36 -22.31
C ARG C 240 -29.82 -12.39 -20.85
N GLN C 241 -31.06 -12.01 -20.56
CA GLN C 241 -31.59 -12.10 -19.19
C GLN C 241 -32.55 -13.28 -19.05
N THR C 242 -33.56 -13.34 -19.92
CA THR C 242 -34.38 -14.54 -20.01
C THR C 242 -33.52 -15.75 -20.34
N PHE C 243 -32.53 -15.57 -21.22
CA PHE C 243 -31.62 -16.67 -21.55
C PHE C 243 -30.82 -17.11 -20.33
N PHE C 244 -30.35 -16.15 -19.53
CA PHE C 244 -29.61 -16.49 -18.33
C PHE C 244 -30.47 -17.26 -17.34
N GLN C 245 -31.72 -16.81 -17.14
CA GLN C 245 -32.62 -17.52 -16.24
C GLN C 245 -32.91 -18.93 -16.76
N ASP C 246 -33.10 -19.07 -18.08
CA ASP C 246 -33.35 -20.38 -18.66
C ASP C 246 -32.16 -21.31 -18.47
N ILE C 247 -30.94 -20.81 -18.71
CA ILE C 247 -29.74 -21.61 -18.49
C ILE C 247 -29.70 -22.10 -17.05
N MET C 248 -29.89 -21.20 -16.09
CA MET C 248 -29.68 -21.60 -14.71
C MET C 248 -30.80 -22.51 -14.22
N LYS C 249 -32.03 -22.30 -14.68
CA LYS C 249 -33.12 -23.21 -14.30
C LYS C 249 -32.94 -24.59 -14.92
N THR C 250 -32.45 -24.66 -16.15
CA THR C 250 -32.22 -25.98 -16.74
C THR C 250 -31.09 -26.70 -16.05
N GLN C 251 -30.06 -25.96 -15.62
CA GLN C 251 -29.03 -26.59 -14.80
C GLN C 251 -29.59 -27.07 -13.47
N GLY C 252 -30.49 -26.29 -12.87
CA GLY C 252 -31.06 -26.68 -11.59
C GLY C 252 -31.93 -27.93 -11.68
N VAL C 253 -32.77 -28.02 -12.71
CA VAL C 253 -33.65 -29.17 -12.84
C VAL C 253 -32.86 -30.44 -13.13
N LEU C 254 -31.71 -30.31 -13.78
CA LEU C 254 -30.89 -31.47 -14.12
C LEU C 254 -30.02 -31.88 -12.94
N MET D 1 11.37 16.88 20.11
CA MET D 1 11.70 16.42 18.78
C MET D 1 13.05 15.71 18.84
N ILE D 2 13.61 15.69 20.06
CA ILE D 2 14.83 14.93 20.32
C ILE D 2 14.61 13.46 20.01
N LYS D 3 13.39 12.96 20.28
CA LYS D 3 13.06 11.58 19.94
C LYS D 3 13.18 11.34 18.44
N ALA D 4 12.75 12.32 17.64
CA ALA D 4 12.87 12.17 16.19
C ALA D 4 14.33 12.12 15.76
N PHE D 5 15.18 12.97 16.34
CA PHE D 5 16.59 12.93 15.98
C PHE D 5 17.21 11.60 16.37
N LEU D 6 16.87 11.08 17.55
CA LEU D 6 17.44 9.81 17.97
C LEU D 6 16.98 8.68 17.07
N ILE D 7 15.71 8.69 16.64
CA ILE D 7 15.24 7.64 15.75
C ILE D 7 15.80 7.83 14.34
N GLU D 8 16.28 9.03 14.03
CA GLU D 8 17.00 9.24 12.77
C GLU D 8 18.29 8.44 12.74
N ARG D 9 19.12 8.59 13.76
CA ARG D 9 20.45 8.00 13.80
C ARG D 9 20.49 6.76 14.67
N ARG D 10 19.42 5.97 14.69
CA ARG D 10 19.45 4.73 15.44
C ARG D 10 20.30 3.66 14.76
N SER D 11 20.78 3.92 13.55
CA SER D 11 21.62 2.97 12.85
C SER D 11 23.10 3.29 12.92
N TRP D 12 23.49 4.52 13.29
CA TRP D 12 24.89 4.84 13.47
C TRP D 12 25.34 4.62 14.91
N ILE D 13 24.46 4.82 15.88
CA ILE D 13 24.80 4.52 17.27
C ILE D 13 25.01 3.03 17.45
N ALA D 14 24.21 2.20 16.78
CA ALA D 14 24.42 0.76 16.83
C ALA D 14 25.78 0.38 16.27
N ALA D 15 26.18 1.00 15.15
CA ALA D 15 27.50 0.71 14.60
C ALA D 15 28.60 1.10 15.57
N PHE D 16 28.49 2.27 16.20
CA PHE D 16 29.53 2.67 17.16
C PHE D 16 29.61 1.67 18.31
N LEU D 17 28.46 1.24 18.84
CA LEU D 17 28.48 0.32 19.97
C LEU D 17 29.05 -1.04 19.57
N PHE D 18 28.75 -1.50 18.36
CA PHE D 18 29.34 -2.75 17.89
C PHE D 18 30.85 -2.62 17.76
N GLN D 19 31.33 -1.46 17.30
CA GLN D 19 32.76 -1.23 17.25
C GLN D 19 33.38 -1.32 18.62
N GLN D 20 32.76 -0.71 19.63
CA GLN D 20 33.29 -0.79 20.99
C GLN D 20 33.34 -2.23 21.48
N ALA D 21 32.26 -2.98 21.25
CA ALA D 21 32.21 -4.36 21.72
C ALA D 21 33.28 -5.22 21.06
N LEU D 22 33.45 -5.11 19.75
CA LEU D 22 34.48 -5.88 19.07
C LEU D 22 35.87 -5.51 19.57
N MET D 23 36.13 -4.21 19.74
CA MET D 23 37.44 -3.77 20.17
C MET D 23 37.76 -4.24 21.58
N LEU D 24 36.73 -4.42 22.42
CA LEU D 24 36.97 -4.99 23.74
C LEU D 24 37.17 -6.51 23.70
N PHE D 25 36.38 -7.21 22.89
CA PHE D 25 36.48 -8.66 22.84
C PHE D 25 37.86 -9.12 22.37
N ILE D 26 38.30 -8.58 21.22
CA ILE D 26 39.60 -8.96 20.67
C ILE D 26 40.74 -8.54 21.59
N ALA D 27 40.50 -7.59 22.49
CA ALA D 27 41.55 -7.25 23.46
C ALA D 27 41.53 -8.19 24.64
N PHE D 28 40.35 -8.64 25.05
CA PHE D 28 40.25 -9.58 26.16
C PHE D 28 40.87 -10.92 25.80
N VAL D 29 40.69 -11.37 24.55
CA VAL D 29 41.20 -12.68 24.16
C VAL D 29 42.72 -12.70 24.16
N ASP D 30 43.36 -11.63 23.66
CA ASP D 30 44.81 -11.63 23.52
C ASP D 30 45.53 -11.66 24.86
N PRO D 31 46.71 -12.28 24.91
CA PRO D 31 47.55 -12.22 26.11
C PRO D 31 48.60 -11.10 26.09
N SER D 32 48.80 -10.44 24.96
CA SER D 32 49.72 -9.32 24.86
C SER D 32 49.06 -7.98 25.17
N ILE D 33 47.82 -7.80 24.75
CA ILE D 33 47.09 -6.56 24.98
C ILE D 33 46.52 -6.58 26.39
N SER D 34 46.84 -5.56 27.17
CA SER D 34 46.34 -5.46 28.54
C SER D 34 44.91 -4.96 28.53
N PHE D 35 44.08 -5.55 29.40
CA PHE D 35 42.65 -5.24 29.38
C PHE D 35 42.36 -3.88 29.98
N GLY D 36 43.09 -3.50 31.04
CA GLY D 36 42.75 -2.27 31.75
C GLY D 36 42.87 -1.03 30.90
N ASN D 37 43.94 -0.94 30.10
CA ASN D 37 44.14 0.24 29.28
C ASN D 37 43.05 0.41 28.23
N VAL D 38 42.69 -0.69 27.57
CA VAL D 38 41.63 -0.61 26.57
C VAL D 38 40.30 -0.26 27.22
N LEU D 39 40.03 -0.81 28.40
CA LEU D 39 38.80 -0.45 29.10
C LEU D 39 38.76 1.04 29.43
N TYR D 40 39.89 1.60 29.87
CA TYR D 40 39.92 3.03 30.18
C TYR D 40 39.71 3.87 28.92
N MET D 41 40.32 3.46 27.81
CA MET D 41 40.12 4.21 26.57
C MET D 41 38.66 4.18 26.14
N VAL D 42 38.00 3.03 26.29
CA VAL D 42 36.59 2.96 25.93
C VAL D 42 35.76 3.89 26.81
N TYR D 43 36.06 3.90 28.13
CA TYR D 43 35.36 4.82 29.01
C TYR D 43 35.53 6.28 28.59
N LEU D 44 36.74 6.67 28.20
CA LEU D 44 36.93 8.07 27.81
C LEU D 44 36.44 8.38 26.40
N CYS D 45 36.20 7.39 25.56
CA CYS D 45 35.64 7.65 24.24
C CYS D 45 34.12 7.71 24.23
N ILE D 46 33.45 6.87 25.02
CA ILE D 46 32.00 6.98 25.14
C ILE D 46 31.56 8.30 25.74
N LEU D 47 32.42 8.95 26.53
CA LEU D 47 32.07 10.28 27.03
C LEU D 47 32.15 11.36 25.97
N PHE D 48 33.16 11.31 25.10
CA PHE D 48 33.25 12.30 24.03
C PHE D 48 32.19 12.09 22.96
N PHE D 49 31.75 10.84 22.75
CA PHE D 49 30.70 10.62 21.77
C PHE D 49 29.40 11.32 22.15
N ILE D 50 29.10 11.42 23.44
CA ILE D 50 27.87 12.10 23.86
C ILE D 50 27.93 13.58 23.47
N ILE D 51 29.06 14.24 23.74
CA ILE D 51 29.22 15.64 23.39
C ILE D 51 29.12 15.84 21.89
N PHE D 52 29.76 14.96 21.12
CA PHE D 52 29.67 15.06 19.67
C PHE D 52 28.22 14.93 19.22
N LEU D 53 27.48 13.98 19.81
CA LEU D 53 26.09 13.77 19.45
C LEU D 53 25.25 15.01 19.75
N TRP D 54 25.46 15.63 20.90
CA TRP D 54 24.72 16.84 21.26
C TRP D 54 25.00 17.97 20.28
N PHE D 55 26.28 18.20 19.96
CA PHE D 55 26.61 19.27 19.04
C PHE D 55 26.00 19.03 17.67
N ARG D 56 26.06 17.78 17.18
CA ARG D 56 25.53 17.48 15.87
C ARG D 56 24.02 17.66 15.83
N TYR D 57 23.31 17.24 16.88
CA TYR D 57 21.87 17.46 16.90
C TYR D 57 21.53 18.94 16.85
N ARG D 58 22.20 19.73 17.69
CA ARG D 58 21.91 21.16 17.77
C ARG D 58 22.14 21.84 16.43
N LYS D 59 23.23 21.50 15.75
CA LYS D 59 23.45 22.09 14.43
C LYS D 59 22.46 21.55 13.40
N GLU D 60 22.10 20.28 13.50
CA GLU D 60 21.52 19.54 12.40
C GLU D 60 20.01 19.74 12.26
N THR D 61 19.29 19.85 13.38
CA THR D 61 17.82 19.97 13.28
C THR D 61 17.39 21.44 13.34
N ALA D 62 17.70 22.16 12.26
CA ALA D 62 17.19 23.52 12.14
C ALA D 62 16.47 23.78 10.83
N PHE D 63 17.01 23.29 9.71
CA PHE D 63 16.43 23.59 8.40
C PHE D 63 15.04 22.97 8.25
N TYR D 64 14.91 21.71 8.63
CA TYR D 64 13.62 21.04 8.54
C TYR D 64 12.62 21.68 9.48
N LYS D 65 13.07 22.09 10.66
CA LYS D 65 12.19 22.75 11.61
C LYS D 65 11.69 24.08 11.06
N SER D 66 12.56 24.84 10.41
CA SER D 66 12.14 26.11 9.83
C SER D 66 11.09 25.89 8.75
N LEU D 67 11.34 24.95 7.83
CA LEU D 67 10.33 24.76 6.78
C LEU D 67 9.04 24.20 7.36
N LYS D 68 9.11 23.43 8.45
CA LYS D 68 7.89 22.97 9.12
C LYS D 68 7.13 24.11 9.77
N THR D 69 7.84 25.12 10.27
CA THR D 69 7.18 26.34 10.69
C THR D 69 6.50 27.03 9.51
N TRP D 70 7.15 27.03 8.34
CA TRP D 70 6.61 27.71 7.18
C TRP D 70 5.38 27.02 6.57
N GLU D 71 5.18 25.73 6.83
CA GLU D 71 4.20 24.96 6.08
C GLU D 71 2.78 25.50 6.23
N ASN D 72 2.51 26.30 7.26
CA ASN D 72 1.23 27.00 7.37
C ASN D 72 1.37 28.46 7.76
N ASN D 73 2.59 28.95 7.99
CA ASN D 73 2.77 30.33 8.41
C ASN D 73 2.52 31.29 7.24
N LEU D 74 2.21 32.53 7.59
CA LEU D 74 1.90 33.54 6.57
C LEU D 74 3.13 33.88 5.74
N ASP D 75 4.29 34.04 6.38
CA ASP D 75 5.51 34.35 5.65
C ASP D 75 5.99 33.13 4.87
N VAL D 76 6.74 33.40 3.80
CA VAL D 76 7.16 32.34 2.89
C VAL D 76 8.67 32.18 2.93
N THR D 77 9.37 33.28 3.23
CA THR D 77 10.83 33.30 3.21
C THR D 77 11.46 32.82 4.51
N ALA D 78 10.71 32.09 5.34
CA ALA D 78 11.22 31.65 6.63
C ALA D 78 12.25 30.54 6.51
N ILE D 79 12.39 29.90 5.36
CA ILE D 79 13.32 28.78 5.23
C ILE D 79 14.75 29.30 5.27
N ASN D 80 15.63 28.53 5.90
CA ASN D 80 17.00 28.96 6.08
C ASN D 80 17.81 28.70 4.82
N GLU D 81 19.05 29.19 4.82
CA GLU D 81 19.94 28.98 3.69
C GLU D 81 20.50 27.55 3.72
N PRO D 82 20.24 26.74 2.70
CA PRO D 82 20.80 25.38 2.69
C PRO D 82 22.32 25.41 2.63
N GLU D 83 22.93 24.42 3.27
CA GLU D 83 24.38 24.26 3.26
C GLU D 83 24.83 22.94 2.67
N THR D 84 24.30 21.82 3.17
CA THR D 84 24.66 20.49 2.72
C THR D 84 23.99 20.14 1.39
N PRO D 85 24.59 19.26 0.59
CA PRO D 85 23.96 18.88 -0.69
C PRO D 85 22.64 18.15 -0.56
N PHE D 86 22.28 17.62 0.61
CA PHE D 86 20.97 17.01 0.78
C PHE D 86 19.89 18.02 1.15
N GLU D 87 20.24 19.30 1.25
CA GLU D 87 19.25 20.36 1.44
C GLU D 87 19.07 21.22 0.20
N ALA D 88 20.06 21.26 -0.68
CA ALA D 88 19.92 21.99 -1.93
C ALA D 88 18.79 21.41 -2.78
N MET D 89 18.61 20.09 -2.77
CA MET D 89 17.55 19.48 -3.57
C MET D 89 16.18 19.92 -3.08
N VAL D 90 15.96 19.90 -1.77
CA VAL D 90 14.66 20.33 -1.23
C VAL D 90 14.42 21.80 -1.51
N GLU D 91 15.45 22.64 -1.30
CA GLU D 91 15.30 24.05 -1.58
C GLU D 91 14.96 24.30 -3.04
N ARG D 92 15.62 23.60 -3.96
CA ARG D 92 15.36 23.80 -5.38
C ARG D 92 13.95 23.38 -5.75
N SER D 93 13.47 22.25 -5.21
CA SER D 93 12.11 21.81 -5.49
C SER D 93 11.09 22.85 -5.04
N ILE D 94 11.24 23.32 -3.79
CA ILE D 94 10.26 24.27 -3.26
C ILE D 94 10.32 25.58 -4.04
N ALA D 95 11.53 26.00 -4.43
CA ALA D 95 11.65 27.21 -5.24
C ALA D 95 10.92 27.06 -6.57
N GLY D 96 11.04 25.90 -7.20
CA GLY D 96 10.33 25.68 -8.45
C GLY D 96 8.83 25.83 -8.30
N GLN D 97 8.27 25.18 -7.27
CA GLN D 97 6.82 25.28 -7.08
C GLN D 97 6.39 26.71 -6.77
N THR D 98 7.14 27.40 -5.92
CA THR D 98 6.71 28.74 -5.52
C THR D 98 6.91 29.76 -6.63
N GLU D 99 7.74 29.46 -7.63
CA GLU D 99 7.74 30.32 -8.82
C GLU D 99 6.57 29.98 -9.73
N HIS D 100 6.26 28.69 -9.89
CA HIS D 100 5.21 28.31 -10.83
C HIS D 100 3.85 28.85 -10.40
N LEU D 101 3.56 28.81 -9.09
CA LEU D 101 2.27 29.32 -8.62
C LEU D 101 2.10 30.80 -8.96
N LYS D 102 3.14 31.59 -8.72
CA LYS D 102 3.07 33.02 -9.00
C LYS D 102 2.90 33.27 -10.49
N GLN D 103 3.59 32.48 -11.32
CA GLN D 103 3.38 32.60 -12.77
C GLN D 103 1.93 32.36 -13.13
N THR D 104 1.32 31.30 -12.57
CA THR D 104 -0.07 30.99 -12.90
C THR D 104 -1.00 32.13 -12.49
N ALA D 105 -0.80 32.67 -11.29
CA ALA D 105 -1.65 33.76 -10.84
C ALA D 105 -1.52 34.98 -11.75
N ALA D 106 -0.29 35.31 -12.15
CA ALA D 106 -0.10 36.44 -13.04
C ALA D 106 -0.81 36.25 -14.36
N ARG D 107 -0.71 35.04 -14.94
CA ARG D 107 -1.38 34.78 -16.21
C ARG D 107 -2.90 34.92 -16.09
N HIS D 108 -3.47 34.37 -15.01
CA HIS D 108 -4.92 34.47 -14.84
C HIS D 108 -5.36 35.92 -14.72
N ARG D 109 -4.67 36.71 -13.90
CA ARG D 109 -5.08 38.10 -13.75
C ARG D 109 -4.95 38.85 -15.06
N LEU D 110 -3.86 38.60 -15.80
CA LEU D 110 -3.68 39.24 -17.10
C LEU D 110 -4.85 38.98 -18.03
N ALA D 111 -5.27 37.71 -18.14
CA ALA D 111 -6.44 37.38 -18.94
C ALA D 111 -7.66 38.16 -18.44
N LEU D 112 -7.76 38.34 -17.13
CA LEU D 112 -8.90 39.08 -16.58
C LEU D 112 -8.96 40.51 -17.11
N GLU D 113 -7.86 41.27 -16.99
CA GLU D 113 -8.00 42.66 -17.46
C GLU D 113 -8.10 42.70 -18.98
N ASN D 114 -7.56 41.69 -19.67
CA ASN D 114 -7.73 41.65 -21.13
C ASN D 114 -9.21 41.59 -21.48
N GLU D 115 -9.95 40.67 -20.88
CA GLU D 115 -11.37 40.56 -21.20
C GLU D 115 -12.14 41.80 -20.74
N LYS D 116 -11.74 42.38 -19.60
CA LYS D 116 -12.42 43.59 -19.14
C LYS D 116 -12.20 44.75 -20.11
N ASP D 117 -11.00 44.88 -20.66
CA ASP D 117 -10.73 45.95 -21.62
C ASP D 117 -11.53 45.73 -22.90
N GLU D 118 -11.64 44.49 -23.35
CA GLU D 118 -12.49 44.21 -24.51
C GLU D 118 -13.93 44.61 -24.23
N LEU D 119 -14.42 44.32 -23.02
CA LEU D 119 -15.77 44.70 -22.66
C LEU D 119 -15.95 46.22 -22.71
N MET D 120 -14.97 46.96 -22.18
CA MET D 120 -15.09 48.42 -22.20
C MET D 120 -15.10 48.95 -23.62
N ALA D 121 -14.26 48.40 -24.50
CA ALA D 121 -14.27 48.85 -25.90
C ALA D 121 -15.63 48.61 -26.54
N TRP D 122 -16.19 47.43 -26.32
CA TRP D 122 -17.53 47.15 -26.84
C TRP D 122 -18.56 48.11 -26.26
N ILE D 123 -18.43 48.45 -24.98
CA ILE D 123 -19.38 49.34 -24.34
C ILE D 123 -19.34 50.73 -24.96
N HIS D 124 -18.15 51.27 -25.21
CA HIS D 124 -18.09 52.58 -25.87
C HIS D 124 -18.62 52.52 -27.30
N GLU D 125 -18.34 51.41 -28.00
CA GLU D 125 -18.92 51.21 -29.33
C GLU D 125 -20.43 51.27 -29.26
N VAL D 126 -21.01 50.72 -28.19
CA VAL D 126 -22.46 50.80 -28.00
C VAL D 126 -22.88 52.22 -27.67
N LYS D 127 -22.02 52.96 -26.97
CA LYS D 127 -22.36 54.33 -26.57
C LYS D 127 -22.56 55.23 -27.78
N THR D 128 -21.71 55.10 -28.79
CA THR D 128 -21.77 56.09 -29.87
C THR D 128 -23.13 56.19 -30.59
N PRO D 129 -23.79 55.08 -30.98
CA PRO D 129 -25.10 55.21 -31.65
C PRO D 129 -26.15 55.84 -30.76
N LEU D 130 -25.97 55.76 -29.45
CA LEU D 130 -26.93 56.39 -28.54
C LEU D 130 -26.76 57.91 -28.53
N THR D 131 -25.53 58.39 -28.75
CA THR D 131 -25.38 59.80 -29.08
C THR D 131 -26.05 60.13 -30.41
N ALA D 132 -25.93 59.22 -31.39
CA ALA D 132 -26.73 59.36 -32.60
C ALA D 132 -28.22 59.33 -32.29
N MET D 133 -28.62 58.47 -31.35
CA MET D 133 -30.02 58.42 -30.96
C MET D 133 -30.48 59.75 -30.36
N HIS D 134 -29.63 60.38 -29.55
CA HIS D 134 -29.94 61.71 -29.05
C HIS D 134 -30.06 62.75 -30.14
N LEU D 135 -29.15 62.74 -31.13
CA LEU D 135 -29.30 63.75 -32.17
C LEU D 135 -30.62 63.57 -32.91
N ILE D 136 -31.00 62.31 -33.19
CA ILE D 136 -32.28 62.06 -33.85
C ILE D 136 -33.45 62.47 -32.96
N ILE D 137 -33.38 62.17 -31.66
CA ILE D 137 -34.45 62.53 -30.73
C ILE D 137 -34.61 64.05 -30.68
N ASP D 138 -33.49 64.77 -30.56
CA ASP D 138 -33.54 66.23 -30.58
C ASP D 138 -34.11 66.73 -31.90
N ARG D 139 -34.00 65.94 -32.96
CA ARG D 139 -34.65 66.28 -34.23
C ARG D 139 -36.00 65.59 -34.34
N MET D 140 -36.94 66.01 -33.47
CA MET D 140 -38.33 65.61 -33.59
C MET D 140 -39.23 66.81 -33.30
N GLU D 141 -40.50 66.66 -33.66
CA GLU D 141 -41.49 67.72 -33.52
C GLU D 141 -42.63 67.37 -32.58
N GLU D 142 -43.26 66.22 -32.76
CA GLU D 142 -44.45 65.88 -31.97
C GLU D 142 -44.12 65.80 -30.49
N LYS D 143 -44.96 66.41 -29.66
CA LYS D 143 -44.64 66.58 -28.24
C LYS D 143 -44.68 65.26 -27.49
N ALA D 144 -45.76 64.49 -27.65
CA ALA D 144 -45.95 63.30 -26.83
C ALA D 144 -44.95 62.20 -27.18
N LEU D 145 -44.78 61.92 -28.47
CA LEU D 145 -43.83 60.90 -28.88
C LEU D 145 -42.41 61.29 -28.50
N LYS D 146 -42.05 62.57 -28.67
CA LYS D 146 -40.73 63.02 -28.27
C LYS D 146 -40.53 62.88 -26.77
N SER D 147 -41.56 63.21 -25.99
CA SER D 147 -41.45 63.07 -24.54
C SER D 147 -41.22 61.62 -24.13
N GLN D 148 -42.00 60.71 -24.73
CA GLN D 148 -41.85 59.29 -24.39
C GLN D 148 -40.47 58.77 -24.79
N LEU D 149 -40.01 59.15 -26.00
CA LEU D 149 -38.72 58.69 -26.46
C LEU D 149 -37.59 59.26 -25.59
N SER D 150 -37.73 60.51 -25.15
CA SER D 150 -36.72 61.10 -24.27
C SER D 150 -36.73 60.41 -22.90
N TYR D 151 -37.92 60.08 -22.39
CA TYR D 151 -38.03 59.30 -21.15
C TYR D 151 -37.25 58.00 -21.26
N GLU D 152 -37.49 57.25 -22.33
CA GLU D 152 -36.83 55.97 -22.50
C GLU D 152 -35.33 56.14 -22.74
N TRP D 153 -34.96 57.19 -23.47
CA TRP D 153 -33.55 57.50 -23.68
C TRP D 153 -32.87 57.73 -22.34
N LEU D 154 -33.50 58.51 -21.46
CA LEU D 154 -32.94 58.75 -20.14
C LEU D 154 -32.80 57.45 -19.36
N ARG D 155 -33.81 56.58 -19.43
CA ARG D 155 -33.71 55.31 -18.72
C ARG D 155 -32.50 54.51 -19.17
N ILE D 156 -32.37 54.29 -20.48
CA ILE D 156 -31.26 53.49 -20.98
C ILE D 156 -29.93 54.20 -20.75
N HIS D 157 -29.93 55.52 -20.82
CA HIS D 157 -28.69 56.29 -20.68
C HIS D 157 -28.18 56.26 -19.24
N LEU D 158 -29.09 56.38 -18.27
CA LEU D 158 -28.67 56.24 -16.89
C LEU D 158 -28.22 54.81 -16.60
N LEU D 159 -28.87 53.82 -17.23
CA LEU D 159 -28.43 52.44 -17.03
C LEU D 159 -27.01 52.23 -17.56
N LEU D 160 -26.73 52.72 -18.76
CA LEU D 160 -25.39 52.57 -19.32
C LEU D 160 -24.36 53.37 -18.55
N ASP D 161 -24.69 54.57 -18.08
CA ASP D 161 -23.74 55.31 -17.26
C ASP D 161 -23.50 54.62 -15.92
N GLN D 162 -24.54 53.98 -15.37
CA GLN D 162 -24.37 53.18 -14.16
C GLN D 162 -23.40 52.03 -14.41
N GLN D 163 -23.54 51.36 -15.55
CA GLN D 163 -22.59 50.29 -15.88
C GLN D 163 -21.18 50.84 -16.05
N LEU D 164 -21.06 52.00 -16.71
CA LEU D 164 -19.76 52.64 -16.86
C LEU D 164 -19.11 52.89 -15.50
N HIS D 165 -19.88 53.45 -14.57
CA HIS D 165 -19.31 53.77 -13.27
C HIS D 165 -18.99 52.52 -12.46
N GLN D 166 -19.84 51.49 -12.55
CA GLN D 166 -19.60 50.27 -11.79
C GLN D 166 -18.48 49.42 -12.37
N LYS D 167 -18.10 49.63 -13.63
CA LYS D 167 -16.87 49.00 -14.09
C LYS D 167 -15.65 49.88 -13.87
N ARG D 168 -15.81 51.20 -13.81
CA ARG D 168 -14.70 52.06 -13.45
C ARG D 168 -14.34 51.97 -11.98
N ILE D 169 -15.29 51.62 -11.12
CA ILE D 169 -15.00 51.46 -9.69
C ILE D 169 -14.11 50.24 -9.43
N SER D 170 -13.90 49.40 -10.44
CA SER D 170 -12.95 48.30 -10.31
C SER D 170 -11.51 48.80 -10.24
N PHE D 171 -11.21 49.95 -10.85
CA PHE D 171 -9.88 50.53 -10.80
C PHE D 171 -9.93 52.00 -10.39
N ILE D 172 -10.99 52.41 -9.69
CA ILE D 172 -11.11 53.74 -9.09
C ILE D 172 -9.81 54.18 -8.41
N GLU D 173 -9.10 53.22 -7.81
CA GLU D 173 -7.87 53.56 -7.09
C GLU D 173 -6.81 54.18 -7.99
N ASN D 174 -6.88 53.94 -9.30
CA ASN D 174 -5.92 54.51 -10.24
C ASN D 174 -6.40 55.82 -10.86
N ASP D 175 -7.59 56.29 -10.50
CA ASP D 175 -8.18 57.49 -11.10
C ASP D 175 -8.60 58.48 -10.01
N LEU D 176 -7.72 58.74 -9.06
CA LEU D 176 -8.02 59.63 -7.95
C LEU D 176 -7.41 61.01 -8.19
N SER D 177 -8.19 62.05 -7.91
CA SER D 177 -7.75 63.43 -8.11
C SER D 177 -8.61 64.34 -7.24
N VAL D 178 -8.17 65.59 -7.11
CA VAL D 178 -8.90 66.62 -6.36
C VAL D 178 -8.97 67.88 -7.22
N GLU D 179 -10.18 68.45 -7.34
CA GLU D 179 -10.38 69.66 -8.12
C GLU D 179 -11.54 70.45 -7.52
N PHE D 180 -11.59 71.74 -7.86
CA PHE D 180 -12.65 72.63 -7.42
C PHE D 180 -13.79 72.65 -8.44
N ILE D 181 -15.02 72.75 -7.93
CA ILE D 181 -16.21 72.54 -8.74
C ILE D 181 -17.23 73.64 -8.47
N GLN D 182 -17.94 74.05 -9.52
CA GLN D 182 -19.12 74.88 -9.39
C GLN D 182 -20.36 73.98 -9.42
N LEU D 183 -21.24 74.17 -8.44
CA LEU D 183 -22.36 73.25 -8.21
C LEU D 183 -23.64 73.68 -8.94
N GLN D 184 -23.95 74.97 -8.95
CA GLN D 184 -25.20 75.43 -9.55
C GLN D 184 -25.31 75.13 -11.04
N PRO D 185 -24.31 75.43 -11.88
CA PRO D 185 -24.45 75.07 -13.30
C PRO D 185 -24.61 73.58 -13.53
N LEU D 186 -23.88 72.75 -12.78
CA LEU D 186 -24.02 71.30 -12.94
C LEU D 186 -25.42 70.84 -12.53
N ILE D 187 -25.94 71.38 -11.42
CA ILE D 187 -27.27 71.01 -10.98
C ILE D 187 -28.32 71.42 -12.00
N PHE D 188 -28.18 72.63 -12.56
CA PHE D 188 -29.14 73.09 -13.56
C PHE D 188 -29.07 72.24 -14.83
N LYS D 189 -27.85 71.87 -15.26
CA LYS D 189 -27.72 71.04 -16.44
C LYS D 189 -28.32 69.66 -16.21
N GLU D 190 -28.12 69.08 -15.02
CA GLU D 190 -28.70 67.78 -14.72
C GLU D 190 -30.22 67.86 -14.65
N ILE D 191 -30.76 68.94 -14.10
CA ILE D 191 -32.21 69.12 -14.06
C ILE D 191 -32.76 69.23 -15.48
N LYS D 192 -32.08 69.99 -16.34
CA LYS D 192 -32.50 70.09 -17.74
C LYS D 192 -32.39 68.75 -18.45
N ASP D 193 -31.46 67.90 -18.02
CA ASP D 193 -31.35 66.57 -18.61
C ASP D 193 -32.59 65.74 -18.34
N LEU D 194 -33.15 65.85 -17.13
CA LEU D 194 -34.33 65.10 -16.73
C LEU D 194 -35.63 65.86 -16.97
N GLN D 195 -35.65 66.76 -17.95
CA GLN D 195 -36.86 67.55 -18.20
C GLN D 195 -38.04 66.67 -18.61
N SER D 196 -37.79 65.64 -19.42
CA SER D 196 -38.87 64.76 -19.83
C SER D 196 -39.47 64.02 -18.64
N TRP D 197 -38.62 63.62 -17.68
CA TRP D 197 -39.12 62.93 -16.50
C TRP D 197 -40.14 63.78 -15.76
N CYS D 198 -39.77 65.02 -15.44
CA CYS D 198 -40.64 65.88 -14.67
C CYS D 198 -41.84 66.35 -15.48
N ILE D 199 -41.68 66.49 -16.79
CA ILE D 199 -42.82 66.85 -17.63
C ILE D 199 -43.86 65.73 -17.60
N GLN D 200 -43.41 64.47 -17.69
CA GLN D 200 -44.35 63.36 -17.68
C GLN D 200 -44.95 63.15 -16.30
N LYS D 201 -44.15 63.24 -15.24
CA LYS D 201 -44.58 62.89 -13.90
C LYS D 201 -44.93 64.09 -13.02
N GLY D 202 -44.67 65.31 -13.48
CA GLY D 202 -45.04 66.49 -12.71
C GLY D 202 -44.34 66.61 -11.38
N ILE D 203 -43.03 66.41 -11.35
CA ILE D 203 -42.25 66.50 -10.12
C ILE D 203 -41.65 67.90 -10.02
N GLY D 204 -41.93 68.58 -8.89
CA GLY D 204 -41.38 69.90 -8.66
C GLY D 204 -40.07 69.85 -7.88
N PHE D 205 -39.43 71.02 -7.80
CA PHE D 205 -38.15 71.14 -7.10
C PHE D 205 -38.10 72.47 -6.35
N ASP D 206 -37.61 72.41 -5.12
CA ASP D 206 -37.37 73.59 -4.30
C ASP D 206 -35.87 73.71 -4.03
N ILE D 207 -35.31 74.85 -4.40
CA ILE D 207 -33.86 75.07 -4.35
C ILE D 207 -33.55 76.00 -3.18
N GLN D 208 -32.79 75.48 -2.21
CA GLN D 208 -32.34 76.26 -1.05
C GLN D 208 -30.89 75.87 -0.79
N LEU D 209 -29.96 76.66 -1.34
CA LEU D 209 -28.53 76.34 -1.28
C LEU D 209 -27.82 77.42 -0.46
N GLU D 210 -27.07 76.99 0.54
CA GLU D 210 -26.24 77.89 1.33
C GLU D 210 -24.75 77.63 1.16
N ALA D 211 -24.36 76.41 0.78
CA ALA D 211 -22.98 76.06 0.53
C ALA D 211 -22.76 75.83 -0.96
N LYS D 212 -21.61 76.26 -1.46
CA LYS D 212 -21.32 76.21 -2.90
C LYS D 212 -20.01 75.53 -3.27
N GLU D 213 -19.07 75.38 -2.34
CA GLU D 213 -17.75 74.84 -2.65
C GLU D 213 -17.51 73.56 -1.86
N VAL D 214 -16.92 72.56 -2.53
CA VAL D 214 -16.56 71.29 -1.92
C VAL D 214 -15.16 70.92 -2.38
N LEU D 215 -14.54 69.99 -1.65
CA LEU D 215 -13.17 69.57 -1.88
C LEU D 215 -13.14 68.05 -2.10
N SER D 216 -13.21 67.64 -3.36
CA SER D 216 -13.12 66.23 -3.74
C SER D 216 -12.95 66.17 -5.26
N ASP D 217 -12.95 64.95 -5.80
CA ASP D 217 -12.78 64.78 -7.23
C ASP D 217 -14.02 65.21 -7.99
N ALA D 218 -13.81 65.78 -9.18
CA ALA D 218 -14.92 66.26 -9.99
C ALA D 218 -15.85 65.12 -10.39
N LYS D 219 -15.32 64.16 -11.14
CA LYS D 219 -16.17 63.13 -11.73
C LYS D 219 -16.83 62.26 -10.67
N TRP D 220 -16.11 61.95 -9.59
CA TRP D 220 -16.63 60.97 -8.64
C TRP D 220 -17.79 61.53 -7.83
N LEU D 221 -17.64 62.73 -7.24
CA LEU D 221 -18.79 63.31 -6.56
C LEU D 221 -19.85 63.73 -7.56
N ALA D 222 -19.47 64.02 -8.81
CA ALA D 222 -20.45 64.33 -9.82
C ALA D 222 -21.37 63.16 -10.10
N PHE D 223 -20.80 61.96 -10.23
CA PHE D 223 -21.64 60.78 -10.38
C PHE D 223 -22.36 60.45 -9.09
N ILE D 224 -21.79 60.80 -7.94
CA ILE D 224 -22.53 60.67 -6.69
C ILE D 224 -23.78 61.55 -6.73
N ILE D 225 -23.64 62.76 -7.27
CA ILE D 225 -24.78 63.65 -7.43
C ILE D 225 -25.81 63.04 -8.35
N ARG D 226 -25.38 62.51 -9.49
CA ARG D 226 -26.34 61.83 -10.38
C ARG D 226 -27.03 60.66 -9.69
N GLN D 227 -26.27 59.81 -8.99
CA GLN D 227 -26.90 58.62 -8.42
C GLN D 227 -27.89 58.99 -7.31
N LEU D 228 -27.53 59.95 -6.46
CA LEU D 228 -28.48 60.38 -5.42
C LEU D 228 -29.70 61.05 -6.04
N LEU D 229 -29.48 61.88 -7.07
CA LEU D 229 -30.61 62.55 -7.72
C LEU D 229 -31.54 61.53 -8.37
N THR D 230 -30.99 60.54 -9.07
CA THR D 230 -31.82 59.52 -9.70
C THR D 230 -32.55 58.67 -8.65
N ASN D 231 -31.88 58.37 -7.53
CA ASN D 231 -32.54 57.61 -6.48
C ASN D 231 -33.74 58.38 -5.93
N ALA D 232 -33.54 59.65 -5.60
CA ALA D 232 -34.63 60.47 -5.09
C ALA D 232 -35.74 60.63 -6.14
N VAL D 233 -35.34 60.82 -7.39
CA VAL D 233 -36.29 61.01 -8.48
C VAL D 233 -37.15 59.76 -8.70
N LYS D 234 -36.52 58.57 -8.70
CA LYS D 234 -37.28 57.35 -8.90
C LYS D 234 -38.05 56.93 -7.66
N TYR D 235 -37.68 57.44 -6.48
CA TYR D 235 -38.41 57.14 -5.25
C TYR D 235 -39.40 58.23 -4.88
N SER D 236 -39.64 59.20 -5.75
CA SER D 236 -40.62 60.25 -5.52
C SER D 236 -41.47 60.43 -6.77
N GLU D 237 -42.74 60.82 -6.56
CA GLU D 237 -43.67 61.01 -7.66
C GLU D 237 -44.58 62.20 -7.34
N ALA D 238 -44.61 63.18 -8.23
CA ALA D 238 -45.49 64.35 -8.10
C ALA D 238 -45.26 65.06 -6.76
N SER D 239 -43.99 65.20 -6.39
CA SER D 239 -43.62 65.83 -5.13
C SER D 239 -42.55 66.88 -5.38
N GLU D 240 -42.59 67.95 -4.58
CA GLU D 240 -41.62 69.02 -4.66
C GLU D 240 -40.39 68.63 -3.86
N ILE D 241 -39.31 68.26 -4.55
CA ILE D 241 -38.08 67.82 -3.89
C ILE D 241 -37.34 69.05 -3.39
N GLU D 242 -37.27 69.22 -2.07
CA GLU D 242 -36.60 70.36 -1.46
C GLU D 242 -35.15 69.98 -1.20
N ILE D 243 -34.24 70.53 -2.01
CA ILE D 243 -32.81 70.30 -1.84
C ILE D 243 -32.28 71.39 -0.91
N LYS D 244 -31.61 70.98 0.15
CA LYS D 244 -31.07 71.90 1.15
C LYS D 244 -29.58 71.60 1.33
N SER D 245 -28.73 72.51 0.85
CA SER D 245 -27.28 72.39 0.99
C SER D 245 -26.81 73.55 1.85
N PHE D 246 -26.45 73.26 3.09
CA PHE D 246 -25.98 74.27 4.04
C PHE D 246 -24.71 73.79 4.71
N GLN D 247 -23.87 74.75 5.10
CA GLN D 247 -22.60 74.45 5.76
C GLN D 247 -22.87 74.23 7.25
N LYS D 248 -23.40 73.05 7.55
CA LYS D 248 -23.65 72.65 8.94
C LYS D 248 -22.31 72.33 9.58
N GLY D 249 -21.80 73.26 10.39
CA GLY D 249 -20.47 73.09 10.93
C GLY D 249 -19.42 73.33 9.87
N GLU D 250 -18.35 72.53 9.91
CA GLU D 250 -17.28 72.63 8.94
C GLU D 250 -17.44 71.66 7.77
N GLN D 251 -18.55 70.91 7.72
CA GLN D 251 -18.79 69.92 6.69
C GLN D 251 -20.02 70.30 5.88
N THR D 252 -19.86 70.30 4.56
CA THR D 252 -20.99 70.58 3.67
C THR D 252 -21.95 69.38 3.69
N GLN D 253 -23.25 69.67 3.79
CA GLN D 253 -24.29 68.65 3.85
C GLN D 253 -25.27 68.87 2.70
N LEU D 254 -25.31 67.93 1.76
CA LEU D 254 -26.27 67.98 0.65
C LEU D 254 -27.56 67.26 1.08
N GLN D 255 -28.28 67.91 1.99
CA GLN D 255 -29.51 67.35 2.53
C GLN D 255 -30.62 67.51 1.50
N VAL D 256 -30.96 66.42 0.83
CA VAL D 256 -32.05 66.41 -0.14
C VAL D 256 -33.29 65.85 0.55
N LYS D 257 -34.43 66.54 0.38
CA LYS D 257 -35.67 66.14 1.01
C LYS D 257 -36.78 66.14 -0.05
N ASP D 258 -37.60 65.08 -0.04
CA ASP D 258 -38.69 64.93 -0.98
C ASP D 258 -39.97 64.60 -0.25
N CYS D 259 -41.09 64.88 -0.89
CA CYS D 259 -42.42 64.60 -0.36
C CYS D 259 -43.02 63.33 -0.96
N GLY D 260 -42.19 62.34 -1.24
CA GLY D 260 -42.63 61.10 -1.87
C GLY D 260 -42.96 60.02 -0.87
N ARG D 261 -42.85 58.77 -1.32
CA ARG D 261 -43.18 57.63 -0.46
C ARG D 261 -42.12 57.39 0.59
N GLY D 262 -40.86 57.67 0.29
CA GLY D 262 -39.79 57.37 1.21
C GLY D 262 -39.41 55.89 1.18
N ILE D 263 -38.62 55.51 2.19
CA ILE D 263 -38.13 54.15 2.32
C ILE D 263 -38.60 53.59 3.66
N ASP D 264 -39.02 52.33 3.66
CA ASP D 264 -39.48 51.69 4.89
C ASP D 264 -38.34 51.66 5.91
N PRO D 265 -38.63 51.99 7.17
CA PRO D 265 -37.55 52.03 8.18
C PRO D 265 -36.81 50.71 8.34
N LYS D 266 -37.50 49.58 8.16
CA LYS D 266 -36.82 48.29 8.27
C LYS D 266 -35.78 48.11 7.17
N ASP D 267 -36.03 48.65 5.99
CA ASP D 267 -35.12 48.51 4.85
C ASP D 267 -34.12 49.65 4.76
N VAL D 268 -34.19 50.65 5.64
CA VAL D 268 -33.26 51.77 5.58
C VAL D 268 -31.81 51.33 5.77
N PRO D 269 -31.47 50.51 6.78
CA PRO D 269 -30.07 50.06 6.89
C PRO D 269 -29.62 49.19 5.73
N ARG D 270 -30.55 48.58 4.99
CA ARG D 270 -30.20 47.65 3.91
C ARG D 270 -30.13 48.32 2.54
N ILE D 271 -30.32 49.64 2.46
CA ILE D 271 -30.29 50.30 1.15
C ILE D 271 -28.90 50.22 0.54
N PHE D 272 -27.85 50.28 1.36
CA PHE D 272 -26.48 50.30 0.86
C PHE D 272 -25.95 48.91 0.55
N ASP D 273 -26.74 47.86 0.80
CA ASP D 273 -26.30 46.51 0.52
C ASP D 273 -26.23 46.28 -1.00
N LYS D 274 -25.47 45.25 -1.37
CA LYS D 274 -25.28 44.93 -2.78
C LYS D 274 -26.54 44.30 -3.36
N GLY D 275 -26.98 44.83 -4.50
CA GLY D 275 -28.14 44.28 -5.18
C GLY D 275 -29.46 44.50 -4.47
N PHE D 276 -29.52 45.42 -3.52
CA PHE D 276 -30.76 45.67 -2.80
C PHE D 276 -31.75 46.42 -3.69
N THR D 277 -32.98 45.93 -3.72
CA THR D 277 -34.05 46.56 -4.48
C THR D 277 -35.28 46.71 -3.60
N SER D 278 -36.01 47.81 -3.82
CA SER D 278 -37.22 48.07 -3.05
C SER D 278 -38.35 47.17 -3.53
N THR D 279 -38.99 46.47 -2.58
CA THR D 279 -40.08 45.57 -2.89
C THR D 279 -41.46 46.16 -2.59
N THR D 280 -41.51 47.39 -2.07
CA THR D 280 -42.80 48.01 -1.77
C THR D 280 -43.61 48.27 -3.05
N ASP D 281 -42.95 48.75 -4.10
CA ASP D 281 -43.60 49.03 -5.37
C ASP D 281 -42.95 48.22 -6.48
N HIS D 282 -43.77 47.76 -7.43
CA HIS D 282 -43.26 46.96 -8.54
C HIS D 282 -42.41 47.77 -9.50
N HIS D 283 -42.52 49.11 -9.48
CA HIS D 283 -41.73 49.94 -10.38
C HIS D 283 -40.26 49.97 -9.98
N ASP D 284 -39.92 49.58 -8.76
CA ASP D 284 -38.53 49.57 -8.31
C ASP D 284 -37.79 48.30 -8.71
N GLN D 285 -38.50 47.27 -9.20
CA GLN D 285 -37.81 46.06 -9.64
C GLN D 285 -36.98 46.32 -10.88
N ALA D 286 -37.38 47.28 -11.72
CA ALA D 286 -36.59 47.61 -12.90
C ALA D 286 -35.24 48.20 -12.51
N SER D 287 -35.16 48.85 -11.36
CA SER D 287 -33.88 49.37 -10.89
C SER D 287 -32.93 48.24 -10.55
N THR D 288 -31.67 48.39 -10.96
CA THR D 288 -30.67 47.36 -10.68
C THR D 288 -30.40 47.25 -9.19
N GLY D 289 -30.36 48.40 -8.49
CA GLY D 289 -30.00 48.43 -7.10
C GLY D 289 -28.51 48.49 -6.83
N MET D 290 -27.68 48.46 -7.88
CA MET D 290 -26.24 48.53 -7.69
C MET D 290 -25.79 49.94 -7.31
N GLY D 291 -26.62 50.94 -7.59
CA GLY D 291 -26.19 52.32 -7.44
C GLY D 291 -25.81 52.67 -6.02
N LEU D 292 -26.61 52.25 -5.04
CA LEU D 292 -26.30 52.55 -3.66
C LEU D 292 -25.04 51.83 -3.20
N TYR D 293 -24.87 50.57 -3.61
CA TYR D 293 -23.69 49.82 -3.21
C TYR D 293 -22.42 50.44 -3.77
N LEU D 294 -22.43 50.79 -5.06
CA LEU D 294 -21.26 51.44 -5.64
C LEU D 294 -21.04 52.83 -5.06
N ALA D 295 -22.11 53.54 -4.72
CA ALA D 295 -21.95 54.85 -4.08
C ALA D 295 -21.27 54.70 -2.73
N LYS D 296 -21.67 53.70 -1.94
CA LYS D 296 -21.01 53.45 -0.67
C LYS D 296 -19.55 53.04 -0.88
N LYS D 297 -19.30 52.21 -1.89
CA LYS D 297 -17.93 51.76 -2.16
C LYS D 297 -17.02 52.92 -2.53
N ALA D 298 -17.52 53.85 -3.35
CA ALA D 298 -16.73 54.98 -3.81
C ALA D 298 -16.75 56.16 -2.84
N ALA D 299 -17.61 56.14 -1.82
CA ALA D 299 -17.68 57.23 -0.86
C ALA D 299 -16.69 57.06 0.28
N ALA D 300 -16.38 55.83 0.65
CA ALA D 300 -15.42 55.60 1.75
C ALA D 300 -14.03 56.16 1.45
N PRO D 301 -13.42 55.93 0.27
CA PRO D 301 -12.12 56.57 0.01
C PRO D 301 -12.17 58.09 0.03
N LEU D 302 -13.30 58.68 -0.36
CA LEU D 302 -13.43 60.13 -0.42
C LEU D 302 -13.92 60.74 0.89
N LEU D 303 -14.14 59.91 1.92
CA LEU D 303 -14.51 60.38 3.26
C LEU D 303 -15.80 61.20 3.24
N ILE D 304 -16.76 60.76 2.44
CA ILE D 304 -18.08 61.39 2.37
C ILE D 304 -19.04 60.50 3.14
N HIS D 305 -19.57 61.02 4.24
CA HIS D 305 -20.46 60.25 5.11
C HIS D 305 -21.89 60.39 4.64
N ILE D 306 -22.50 59.28 4.22
CA ILE D 306 -23.87 59.28 3.72
C ILE D 306 -24.77 59.01 4.92
N ASP D 307 -25.29 60.07 5.52
CA ASP D 307 -26.21 59.98 6.64
C ASP D 307 -27.63 59.90 6.09
N VAL D 308 -28.28 58.76 6.27
CA VAL D 308 -29.61 58.51 5.74
C VAL D 308 -30.63 58.68 6.87
N GLU D 309 -31.64 59.51 6.62
CA GLU D 309 -32.76 59.72 7.54
C GLU D 309 -34.03 59.60 6.71
N SER D 310 -34.52 58.38 6.55
CA SER D 310 -35.64 58.09 5.66
C SER D 310 -36.86 57.72 6.49
N GLU D 311 -38.00 58.34 6.17
CA GLU D 311 -39.28 58.07 6.82
C GLU D 311 -40.26 57.58 5.78
N PHE D 312 -40.90 56.45 6.05
CA PHE D 312 -41.85 55.88 5.10
C PHE D 312 -43.14 56.69 5.08
N GLY D 313 -43.62 56.98 3.87
CA GLY D 313 -44.84 57.73 3.70
C GLY D 313 -44.65 59.23 3.57
N ALA D 314 -43.48 59.76 3.90
CA ALA D 314 -43.19 61.18 3.80
C ALA D 314 -42.06 61.48 2.84
N GLY D 315 -40.95 60.78 2.94
CA GLY D 315 -39.83 61.00 2.04
C GLY D 315 -38.54 60.51 2.65
N THR D 316 -37.49 60.59 1.84
CA THR D 316 -36.14 60.17 2.24
C THR D 316 -35.22 61.38 2.26
N VAL D 317 -34.51 61.56 3.36
CA VAL D 317 -33.58 62.67 3.52
C VAL D 317 -32.18 62.07 3.54
N PHE D 318 -31.38 62.36 2.51
CA PHE D 318 -30.01 61.90 2.43
C PHE D 318 -29.10 63.06 2.81
N THR D 319 -28.30 62.87 3.86
CA THR D 319 -27.34 63.87 4.32
C THR D 319 -25.96 63.47 3.85
N LEU D 320 -25.43 64.19 2.86
CA LEU D 320 -24.10 63.92 2.31
C LEU D 320 -23.10 64.76 3.08
N THR D 321 -22.52 64.17 4.12
CA THR D 321 -21.56 64.87 4.98
C THR D 321 -20.20 64.86 4.29
N PHE D 322 -19.81 66.01 3.75
CA PHE D 322 -18.53 66.12 3.07
C PHE D 322 -17.39 66.08 4.08
N PRO D 323 -16.21 65.61 3.66
CA PRO D 323 -15.07 65.58 4.58
C PRO D 323 -14.57 66.97 4.91
N ILE D 324 -13.87 67.06 6.05
CA ILE D 324 -13.32 68.33 6.50
C ILE D 324 -12.21 68.76 5.55
N ARG D 325 -12.15 70.07 5.27
CA ARG D 325 -11.13 70.59 4.35
C ARG D 325 -9.72 70.37 4.90
N ASN D 326 -9.53 70.55 6.20
CA ASN D 326 -8.20 70.40 6.80
C ASN D 326 -7.70 68.97 6.76
N GLN D 327 -8.60 67.99 6.59
CA GLN D 327 -8.18 66.60 6.53
C GLN D 327 -7.47 66.24 5.23
N PHE D 328 -7.57 67.07 4.21
CA PHE D 328 -6.93 66.82 2.91
C PHE D 328 -5.50 67.32 2.86
N GLU D 329 -5.02 68.01 3.91
CA GLU D 329 -3.65 68.49 3.91
C GLU D 329 -2.66 67.34 3.87
N HIS D 330 -2.93 66.27 4.62
CA HIS D 330 -2.05 65.10 4.61
C HIS D 330 -2.00 64.46 3.23
N VAL D 331 -3.16 64.35 2.57
CA VAL D 331 -3.20 63.77 1.23
C VAL D 331 -2.43 64.64 0.24
N ILE D 332 -2.62 65.96 0.31
CA ILE D 332 -1.93 66.86 -0.61
C ILE D 332 -0.43 66.86 -0.32
N SER D 333 -0.04 66.86 0.95
CA SER D 333 1.38 66.89 1.30
C SER D 333 2.09 65.64 0.80
N VAL D 334 1.47 64.47 0.97
CA VAL D 334 2.07 63.22 0.52
C VAL D 334 1.95 63.09 -1.00
N MET E 1 26.31 10.49 -7.04
CA MET E 1 25.61 10.67 -5.78
C MET E 1 26.46 10.18 -4.61
N ILE E 2 27.55 9.48 -4.92
CA ILE E 2 28.48 9.06 -3.88
C ILE E 2 29.11 10.29 -3.22
N LYS E 3 29.49 11.29 -4.03
CA LYS E 3 30.08 12.50 -3.48
C LYS E 3 29.13 13.19 -2.51
N ALA E 4 27.85 13.26 -2.86
CA ALA E 4 26.88 13.90 -1.98
C ALA E 4 26.78 13.18 -0.64
N PHE E 5 26.81 11.85 -0.66
CA PHE E 5 26.69 11.10 0.58
C PHE E 5 27.96 11.24 1.42
N LEU E 6 29.13 11.24 0.78
CA LEU E 6 30.38 11.36 1.53
C LEU E 6 30.63 12.77 2.01
N ILE E 7 29.93 13.76 1.46
CA ILE E 7 30.06 15.12 1.98
C ILE E 7 28.96 15.44 3.00
N GLU E 8 27.80 14.81 2.89
CA GLU E 8 26.74 15.08 3.85
C GLU E 8 27.11 14.57 5.24
N ARG E 9 27.53 13.31 5.34
CA ARG E 9 27.90 12.72 6.61
C ARG E 9 29.39 12.89 6.87
N ARG E 10 29.83 14.14 6.79
CA ARG E 10 31.26 14.41 6.90
C ARG E 10 31.79 14.10 8.29
N SER E 11 31.02 14.39 9.33
CA SER E 11 31.52 14.24 10.68
C SER E 11 31.41 12.83 11.22
N TRP E 12 30.41 12.05 10.79
CA TRP E 12 30.27 10.70 11.35
C TRP E 12 31.35 9.76 10.84
N ILE E 13 31.80 9.94 9.60
CA ILE E 13 32.88 9.10 9.05
C ILE E 13 34.23 9.46 9.63
N ALA E 14 34.35 10.59 10.32
CA ALA E 14 35.57 10.93 11.03
C ALA E 14 35.49 10.67 12.53
N ALA E 15 34.29 10.72 13.11
CA ALA E 15 34.12 10.35 14.50
C ALA E 15 34.45 8.90 14.77
N PHE E 16 34.49 8.07 13.72
CA PHE E 16 34.95 6.69 13.89
C PHE E 16 36.44 6.59 13.60
N LEU E 17 36.89 7.14 12.47
CA LEU E 17 38.28 7.03 12.08
C LEU E 17 39.23 7.75 13.02
N PHE E 18 38.72 8.61 13.91
CA PHE E 18 39.58 9.16 14.95
C PHE E 18 39.97 8.10 15.96
N GLN E 19 39.10 7.14 16.23
CA GLN E 19 39.37 6.17 17.28
C GLN E 19 40.40 5.11 16.87
N GLN E 20 40.38 4.65 15.62
CA GLN E 20 41.44 3.75 15.19
C GLN E 20 42.80 4.43 15.24
N ALA E 21 42.87 5.69 14.80
CA ALA E 21 44.14 6.40 14.89
C ALA E 21 44.57 6.61 16.33
N LEU E 22 43.61 6.88 17.23
CA LEU E 22 43.97 7.02 18.64
C LEU E 22 44.51 5.72 19.20
N MET E 23 43.90 4.58 18.88
CA MET E 23 44.43 3.31 19.37
C MET E 23 45.81 3.04 18.79
N LEU E 24 46.00 3.30 17.50
CA LEU E 24 47.30 3.07 16.88
C LEU E 24 48.36 4.06 17.35
N PHE E 25 47.96 5.16 18.00
CA PHE E 25 48.96 5.99 18.64
C PHE E 25 49.24 5.57 20.08
N ILE E 26 48.21 5.27 20.86
CA ILE E 26 48.44 4.84 22.23
C ILE E 26 49.19 3.51 22.26
N ALA E 27 49.06 2.70 21.22
CA ALA E 27 49.77 1.42 21.13
C ALA E 27 51.09 1.54 20.40
N PHE E 28 51.71 2.71 20.43
CA PHE E 28 53.04 2.90 19.85
C PHE E 28 54.08 3.27 20.88
N VAL E 29 53.70 3.92 21.98
CA VAL E 29 54.64 4.32 23.00
C VAL E 29 54.51 3.49 24.28
N ASP E 30 53.30 3.07 24.64
CA ASP E 30 53.12 2.29 25.86
C ASP E 30 53.62 0.87 25.66
N PRO E 31 54.57 0.40 26.47
CA PRO E 31 55.20 -0.91 26.20
C PRO E 31 54.35 -2.11 26.54
N SER E 32 53.27 -1.95 27.28
CA SER E 32 52.47 -3.10 27.70
C SER E 32 51.58 -3.62 26.58
N ILE E 33 51.40 -2.84 25.52
CA ILE E 33 50.57 -3.21 24.38
C ILE E 33 51.46 -3.28 23.14
N SER E 34 51.21 -4.28 22.29
CA SER E 34 52.02 -4.49 21.10
C SER E 34 51.42 -3.75 19.90
N PHE E 35 52.12 -3.85 18.76
CA PHE E 35 51.71 -3.16 17.54
C PHE E 35 51.10 -4.11 16.52
N GLY E 36 51.80 -5.19 16.20
CA GLY E 36 51.25 -6.19 15.30
C GLY E 36 50.04 -6.90 15.83
N ASN E 37 49.67 -6.67 17.09
CA ASN E 37 48.48 -7.24 17.68
C ASN E 37 47.35 -6.23 17.86
N VAL E 38 47.58 -4.95 17.59
CA VAL E 38 46.49 -3.99 17.48
C VAL E 38 46.20 -3.66 16.02
N LEU E 39 47.14 -3.90 15.10
CA LEU E 39 46.81 -3.79 13.69
C LEU E 39 45.67 -4.74 13.33
N TYR E 40 45.56 -5.86 14.03
CA TYR E 40 44.46 -6.81 13.79
C TYR E 40 43.11 -6.21 14.17
N MET E 41 43.03 -5.58 15.35
CA MET E 41 41.79 -4.92 15.74
C MET E 41 41.41 -3.86 14.71
N VAL E 42 42.40 -3.06 14.30
CA VAL E 42 42.14 -1.99 13.33
C VAL E 42 41.62 -2.57 12.03
N TYR E 43 42.23 -3.65 11.53
CA TYR E 43 41.82 -4.25 10.27
C TYR E 43 40.38 -4.75 10.33
N LEU E 44 40.03 -5.47 11.40
CA LEU E 44 38.67 -5.99 11.50
C LEU E 44 37.64 -4.86 11.59
N CYS E 45 37.94 -3.84 12.40
CA CYS E 45 37.00 -2.73 12.52
C CYS E 45 36.81 -2.01 11.19
N ILE E 46 37.90 -1.81 10.44
CA ILE E 46 37.80 -1.14 9.14
C ILE E 46 36.92 -1.94 8.19
N LEU E 47 37.09 -3.26 8.16
CA LEU E 47 36.25 -4.08 7.29
C LEU E 47 34.76 -3.91 7.63
N PHE E 48 34.42 -3.99 8.91
CA PHE E 48 33.02 -3.84 9.28
C PHE E 48 32.49 -2.47 8.86
N PHE E 49 33.28 -1.42 9.09
CA PHE E 49 32.81 -0.06 8.79
C PHE E 49 32.59 0.12 7.30
N ILE E 50 33.49 -0.40 6.47
CA ILE E 50 33.34 -0.26 5.02
C ILE E 50 32.05 -0.93 4.56
N ILE E 51 31.80 -2.16 5.01
CA ILE E 51 30.58 -2.84 4.59
C ILE E 51 29.34 -2.09 5.06
N PHE E 52 29.39 -1.53 6.27
CA PHE E 52 28.25 -0.80 6.80
C PHE E 52 27.94 0.45 5.96
N LEU E 53 28.98 1.19 5.55
CA LEU E 53 28.75 2.33 4.67
C LEU E 53 28.15 1.90 3.33
N TRP E 54 28.65 0.80 2.76
CA TRP E 54 28.08 0.39 1.48
C TRP E 54 26.61 0.06 1.62
N PHE E 55 26.23 -0.64 2.69
CA PHE E 55 24.82 -1.00 2.84
C PHE E 55 23.97 0.17 3.29
N ARG E 56 24.58 1.23 3.81
CA ARG E 56 23.81 2.40 4.23
C ARG E 56 23.56 3.37 3.09
N TYR E 57 24.51 3.49 2.16
CA TYR E 57 24.41 4.48 1.08
C TYR E 57 23.19 4.25 0.21
N ARG E 58 22.97 3.00 -0.21
CA ARG E 58 21.86 2.70 -1.12
C ARG E 58 20.52 2.96 -0.47
N LYS E 59 20.37 2.61 0.81
CA LYS E 59 19.11 2.82 1.48
C LYS E 59 18.88 4.29 1.81
N GLU E 60 19.95 5.08 1.96
CA GLU E 60 19.71 6.45 2.37
C GLU E 60 19.50 7.40 1.20
N THR E 61 20.25 7.26 0.11
CA THR E 61 20.11 8.20 -1.01
C THR E 61 19.18 7.62 -2.08
N ALA E 62 17.90 7.49 -1.72
CA ALA E 62 16.86 7.07 -2.64
C ALA E 62 15.73 8.09 -2.75
N PHE E 63 15.23 8.55 -1.62
CA PHE E 63 14.14 9.53 -1.61
C PHE E 63 14.54 10.81 -2.32
N TYR E 64 15.76 11.28 -2.09
CA TYR E 64 16.21 12.50 -2.74
C TYR E 64 16.45 12.32 -4.23
N LYS E 65 16.90 11.15 -4.66
CA LYS E 65 16.97 10.89 -6.10
C LYS E 65 15.59 10.90 -6.73
N SER E 66 14.59 10.34 -6.05
CA SER E 66 13.22 10.42 -6.57
C SER E 66 12.74 11.86 -6.64
N LEU E 67 13.01 12.65 -5.61
CA LEU E 67 12.63 14.06 -5.62
C LEU E 67 13.25 14.78 -6.81
N LYS E 68 14.54 14.55 -7.05
CA LYS E 68 15.20 15.20 -8.17
C LYS E 68 14.60 14.76 -9.49
N THR E 69 14.29 13.47 -9.64
CA THR E 69 13.71 12.98 -10.89
C THR E 69 12.36 13.62 -11.16
N TRP E 70 11.51 13.75 -10.13
CA TRP E 70 10.20 14.35 -10.35
C TRP E 70 10.32 15.82 -10.70
N GLU E 71 11.05 16.59 -9.91
CA GLU E 71 11.18 18.04 -10.09
C GLU E 71 9.80 18.69 -10.19
N ASN E 72 9.52 19.34 -11.31
CA ASN E 72 8.23 19.99 -11.49
C ASN E 72 7.66 19.79 -12.91
N ASN E 73 8.01 18.69 -13.58
CA ASN E 73 7.53 18.48 -14.94
C ASN E 73 6.20 17.74 -14.95
N LEU E 74 6.16 16.54 -14.38
CA LEU E 74 4.96 15.71 -14.35
C LEU E 74 5.17 14.62 -13.31
N ASP E 75 4.15 13.78 -13.13
CA ASP E 75 4.15 12.70 -12.15
C ASP E 75 4.38 13.26 -10.74
N VAL E 76 3.39 14.04 -10.30
CA VAL E 76 3.45 14.68 -8.99
C VAL E 76 3.50 13.65 -7.86
N THR E 77 3.03 12.43 -8.10
CA THR E 77 3.05 11.36 -7.11
C THR E 77 4.28 10.47 -7.23
N ALA E 78 5.27 10.87 -8.04
CA ALA E 78 6.44 10.03 -8.25
C ALA E 78 7.30 9.91 -7.00
N ILE E 79 7.18 10.81 -6.04
CA ILE E 79 8.03 10.76 -4.86
C ILE E 79 7.72 9.50 -4.06
N ASN E 80 8.77 8.88 -3.52
CA ASN E 80 8.62 7.64 -2.79
C ASN E 80 7.92 7.88 -1.46
N GLU E 81 7.34 6.82 -0.92
CA GLU E 81 6.69 6.92 0.38
C GLU E 81 7.74 7.19 1.45
N PRO E 82 7.54 8.18 2.31
CA PRO E 82 8.54 8.48 3.33
C PRO E 82 8.68 7.35 4.34
N GLU E 83 9.88 7.22 4.88
CA GLU E 83 10.18 6.25 5.93
C GLU E 83 10.69 6.90 7.20
N THR E 84 11.63 7.81 7.09
CA THR E 84 12.25 8.55 8.18
C THR E 84 11.47 9.82 8.50
N PRO E 85 11.62 10.36 9.72
CA PRO E 85 10.86 11.57 10.07
C PRO E 85 11.11 12.77 9.16
N PHE E 86 12.37 13.01 8.77
CA PHE E 86 12.66 14.20 7.98
C PHE E 86 11.98 14.12 6.61
N GLU E 87 11.99 12.94 6.00
CA GLU E 87 11.27 12.76 4.75
C GLU E 87 9.78 13.02 4.94
N ALA E 88 9.23 12.62 6.09
CA ALA E 88 7.82 12.89 6.36
C ALA E 88 7.55 14.38 6.41
N MET E 89 8.43 15.15 7.05
CA MET E 89 8.24 16.59 7.09
C MET E 89 8.28 17.20 5.69
N VAL E 90 9.23 16.75 4.87
CA VAL E 90 9.30 17.25 3.49
C VAL E 90 8.03 16.91 2.73
N GLU E 91 7.53 15.68 2.91
CA GLU E 91 6.33 15.26 2.19
C GLU E 91 5.12 16.09 2.58
N ARG E 92 4.99 16.41 3.88
CA ARG E 92 3.87 17.25 4.29
C ARG E 92 3.99 18.65 3.67
N SER E 93 5.19 19.20 3.61
CA SER E 93 5.37 20.49 2.96
C SER E 93 4.91 20.47 1.51
N ILE E 94 5.35 19.46 0.76
CA ILE E 94 5.01 19.37 -0.66
C ILE E 94 3.49 19.25 -0.83
N ALA E 95 2.86 18.38 -0.03
CA ALA E 95 1.42 18.20 -0.17
C ALA E 95 0.67 19.49 0.14
N GLY E 96 1.09 20.21 1.18
CA GLY E 96 0.43 21.46 1.51
C GLY E 96 0.51 22.47 0.38
N GLN E 97 1.70 22.61 -0.23
CA GLN E 97 1.86 23.56 -1.31
C GLN E 97 0.95 23.21 -2.49
N THR E 98 0.92 21.92 -2.88
CA THR E 98 0.08 21.53 -4.01
C THR E 98 -1.39 21.78 -3.73
N GLU E 99 -1.84 21.44 -2.52
CA GLU E 99 -3.24 21.66 -2.16
C GLU E 99 -3.60 23.14 -2.23
N HIS E 100 -2.70 24.01 -1.74
CA HIS E 100 -2.97 25.44 -1.79
C HIS E 100 -3.08 25.92 -3.24
N LEU E 101 -2.22 25.42 -4.13
CA LEU E 101 -2.31 25.83 -5.52
C LEU E 101 -3.63 25.41 -6.14
N LYS E 102 -4.09 24.20 -5.83
CA LYS E 102 -5.38 23.75 -6.35
C LYS E 102 -6.52 24.65 -5.85
N GLN E 103 -6.48 25.01 -4.57
CA GLN E 103 -7.51 25.89 -4.02
C GLN E 103 -7.54 27.23 -4.76
N THR E 104 -6.36 27.80 -5.00
CA THR E 104 -6.30 29.08 -5.71
C THR E 104 -6.89 28.97 -7.11
N ALA E 105 -6.55 27.90 -7.84
CA ALA E 105 -7.10 27.72 -9.18
C ALA E 105 -8.63 27.62 -9.15
N ALA E 106 -9.16 26.84 -8.21
CA ALA E 106 -10.62 26.68 -8.12
C ALA E 106 -11.29 28.01 -7.81
N ARG E 107 -10.72 28.79 -6.89
CA ARG E 107 -11.32 30.08 -6.55
C ARG E 107 -11.29 31.02 -7.74
N HIS E 108 -10.19 31.01 -8.51
CA HIS E 108 -10.14 31.84 -9.71
C HIS E 108 -11.23 31.46 -10.70
N ARG E 109 -11.44 30.15 -10.90
CA ARG E 109 -12.48 29.72 -11.82
C ARG E 109 -13.86 30.16 -11.35
N LEU E 110 -14.13 30.04 -10.04
CA LEU E 110 -15.43 30.45 -9.51
C LEU E 110 -15.65 31.95 -9.70
N ALA E 111 -14.60 32.75 -9.46
CA ALA E 111 -14.73 34.19 -9.64
C ALA E 111 -15.03 34.53 -11.11
N LEU E 112 -14.35 33.86 -12.04
CA LEU E 112 -14.62 34.11 -13.45
C LEU E 112 -16.06 33.75 -13.81
N GLU E 113 -16.54 32.63 -13.30
CA GLU E 113 -17.92 32.23 -13.58
C GLU E 113 -18.92 33.24 -13.02
N ASN E 114 -18.65 33.76 -11.82
CA ASN E 114 -19.52 34.77 -11.24
C ASN E 114 -19.54 36.03 -12.10
N GLU E 115 -18.37 36.44 -12.60
CA GLU E 115 -18.32 37.61 -13.48
C GLU E 115 -19.14 37.39 -14.75
N LYS E 116 -19.01 36.20 -15.35
CA LYS E 116 -19.79 35.90 -16.54
C LYS E 116 -21.28 35.91 -16.25
N ASP E 117 -21.68 35.38 -15.10
CA ASP E 117 -23.09 35.39 -14.73
C ASP E 117 -23.62 36.81 -14.56
N GLU E 118 -22.82 37.68 -13.93
CA GLU E 118 -23.23 39.07 -13.77
C GLU E 118 -23.36 39.76 -15.12
N LEU E 119 -22.45 39.45 -16.05
CA LEU E 119 -22.57 39.99 -17.41
C LEU E 119 -23.85 39.48 -18.08
N MET E 120 -24.21 38.22 -17.86
CA MET E 120 -25.47 37.69 -18.36
C MET E 120 -26.64 38.50 -17.82
N ALA E 121 -26.64 38.76 -16.52
CA ALA E 121 -27.72 39.53 -15.91
C ALA E 121 -27.81 40.91 -16.55
N TRP E 122 -26.67 41.57 -16.73
CA TRP E 122 -26.68 42.91 -17.31
C TRP E 122 -27.20 42.89 -18.74
N ILE E 123 -26.78 41.92 -19.55
CA ILE E 123 -27.18 41.95 -20.95
C ILE E 123 -28.67 41.67 -21.08
N HIS E 124 -29.22 40.81 -20.23
CA HIS E 124 -30.68 40.66 -20.22
C HIS E 124 -31.36 41.95 -19.77
N GLU E 125 -30.80 42.60 -18.75
CA GLU E 125 -31.38 43.82 -18.21
C GLU E 125 -31.33 44.98 -19.20
N VAL E 126 -30.41 44.93 -20.17
CA VAL E 126 -30.41 45.92 -21.24
C VAL E 126 -31.12 45.44 -22.51
N LYS E 127 -31.37 44.14 -22.63
CA LYS E 127 -32.21 43.65 -23.72
C LYS E 127 -33.67 44.05 -23.50
N THR E 128 -34.16 43.93 -22.27
CA THR E 128 -35.57 44.24 -22.03
C THR E 128 -35.95 45.68 -22.37
N PRO E 129 -35.18 46.72 -22.01
CA PRO E 129 -35.56 48.07 -22.43
C PRO E 129 -35.52 48.26 -23.93
N LEU E 130 -34.80 47.41 -24.67
CA LEU E 130 -34.89 47.45 -26.12
C LEU E 130 -36.25 46.99 -26.62
N THR E 131 -36.83 45.95 -26.01
CA THR E 131 -38.18 45.56 -26.35
C THR E 131 -39.17 46.68 -26.01
N ALA E 132 -38.96 47.32 -24.84
CA ALA E 132 -39.78 48.48 -24.51
C ALA E 132 -39.61 49.59 -25.54
N MET E 133 -38.37 49.79 -26.02
CA MET E 133 -38.09 50.75 -27.07
C MET E 133 -38.89 50.45 -28.32
N HIS E 134 -38.87 49.19 -28.76
CA HIS E 134 -39.59 48.83 -29.98
C HIS E 134 -41.09 49.07 -29.83
N LEU E 135 -41.66 48.66 -28.69
CA LEU E 135 -43.10 48.81 -28.52
C LEU E 135 -43.49 50.29 -28.45
N ILE E 136 -42.66 51.13 -27.82
CA ILE E 136 -42.98 52.56 -27.76
C ILE E 136 -42.80 53.19 -29.14
N ILE E 137 -41.76 52.80 -29.87
CA ILE E 137 -41.49 53.36 -31.19
C ILE E 137 -42.62 53.06 -32.17
N ASP E 138 -43.14 51.83 -32.16
CA ASP E 138 -44.02 51.49 -33.27
C ASP E 138 -45.35 52.20 -33.18
N ARG E 139 -45.32 53.55 -33.17
CA ARG E 139 -46.54 54.34 -33.10
C ARG E 139 -46.54 55.63 -33.93
N MET E 140 -45.44 56.00 -34.60
CA MET E 140 -45.44 57.29 -35.26
C MET E 140 -46.00 57.19 -36.68
N GLU E 141 -45.99 58.32 -37.38
CA GLU E 141 -46.53 58.44 -38.72
C GLU E 141 -45.56 58.96 -39.76
N GLU E 142 -44.43 59.55 -39.33
CA GLU E 142 -43.46 60.10 -40.27
C GLU E 142 -42.78 58.98 -41.06
N LYS E 143 -42.01 59.38 -42.07
CA LYS E 143 -41.35 58.42 -42.96
C LYS E 143 -39.83 58.48 -42.86
N ALA E 144 -39.23 59.64 -43.11
CA ALA E 144 -37.77 59.72 -43.15
C ALA E 144 -37.16 59.52 -41.77
N LEU E 145 -37.64 60.26 -40.77
CA LEU E 145 -37.14 60.09 -39.41
C LEU E 145 -37.49 58.70 -38.87
N LYS E 146 -38.67 58.19 -39.23
CA LYS E 146 -39.04 56.84 -38.84
C LYS E 146 -38.03 55.83 -39.36
N SER E 147 -37.69 55.90 -40.65
CA SER E 147 -36.73 54.97 -41.23
C SER E 147 -35.35 55.13 -40.60
N GLN E 148 -34.94 56.38 -40.34
CA GLN E 148 -33.66 56.66 -39.70
C GLN E 148 -33.55 55.98 -38.34
N LEU E 149 -34.47 56.32 -37.43
CA LEU E 149 -34.49 55.69 -36.13
C LEU E 149 -34.64 54.18 -36.26
N SER E 150 -35.36 53.72 -37.28
CA SER E 150 -35.55 52.29 -37.47
C SER E 150 -34.22 51.59 -37.72
N TYR E 151 -33.42 52.07 -38.67
CA TYR E 151 -32.21 51.29 -38.95
C TYR E 151 -31.14 51.53 -37.90
N GLU E 152 -31.13 52.67 -37.20
CA GLU E 152 -30.17 52.78 -36.11
C GLU E 152 -30.56 51.86 -34.95
N TRP E 153 -31.87 51.74 -34.69
CA TRP E 153 -32.34 50.72 -33.76
C TRP E 153 -31.91 49.33 -34.22
N LEU E 154 -32.00 49.06 -35.52
CA LEU E 154 -31.63 47.75 -36.04
C LEU E 154 -30.14 47.47 -35.85
N ARG E 155 -29.29 48.48 -36.06
CA ARG E 155 -27.86 48.25 -35.86
C ARG E 155 -27.54 48.05 -34.37
N ILE E 156 -28.23 48.76 -33.49
CA ILE E 156 -28.09 48.48 -32.06
C ILE E 156 -28.51 47.04 -31.76
N HIS E 157 -29.63 46.62 -32.34
CA HIS E 157 -30.11 45.26 -32.15
C HIS E 157 -29.11 44.23 -32.64
N LEU E 158 -28.49 44.49 -33.80
CA LEU E 158 -27.58 43.50 -34.35
C LEU E 158 -26.29 43.41 -33.55
N LEU E 159 -25.79 44.55 -33.05
CA LEU E 159 -24.59 44.48 -32.20
C LEU E 159 -24.89 43.74 -30.90
N LEU E 160 -26.05 43.99 -30.29
CA LEU E 160 -26.41 43.25 -29.08
C LEU E 160 -26.60 41.77 -29.37
N ASP E 161 -27.22 41.45 -30.51
CA ASP E 161 -27.37 40.06 -30.90
C ASP E 161 -26.01 39.42 -31.13
N GLN E 162 -25.05 40.19 -31.63
CA GLN E 162 -23.69 39.69 -31.81
C GLN E 162 -23.05 39.36 -30.47
N GLN E 163 -23.21 40.22 -29.47
CA GLN E 163 -22.62 39.90 -28.17
C GLN E 163 -23.30 38.68 -27.55
N LEU E 164 -24.62 38.55 -27.75
CA LEU E 164 -25.33 37.35 -27.28
C LEU E 164 -24.84 36.10 -27.99
N HIS E 165 -24.59 36.20 -29.30
CA HIS E 165 -24.05 35.07 -30.04
C HIS E 165 -22.66 34.71 -29.54
N GLN E 166 -21.86 35.71 -29.16
CA GLN E 166 -20.55 35.44 -28.60
C GLN E 166 -20.67 34.69 -27.28
N LYS E 167 -21.55 35.16 -26.40
CA LYS E 167 -21.69 34.50 -25.11
C LYS E 167 -22.20 33.07 -25.27
N ARG E 168 -23.07 32.84 -26.27
CA ARG E 168 -23.60 31.49 -26.43
C ARG E 168 -22.64 30.59 -27.20
N ILE E 169 -21.81 31.14 -28.08
CA ILE E 169 -20.77 30.35 -28.72
C ILE E 169 -19.64 30.05 -27.77
N SER E 170 -19.58 30.75 -26.63
CA SER E 170 -18.67 30.35 -25.57
C SER E 170 -18.93 28.92 -25.10
N PHE E 171 -20.18 28.44 -25.24
CA PHE E 171 -20.53 27.09 -24.80
C PHE E 171 -21.42 26.34 -25.80
N ILE E 172 -21.42 26.78 -27.06
CA ILE E 172 -22.16 26.15 -28.15
C ILE E 172 -22.06 24.63 -28.16
N GLU E 173 -20.92 24.09 -27.71
CA GLU E 173 -20.63 22.67 -27.88
C GLU E 173 -21.71 21.78 -27.29
N ASN E 174 -22.42 22.24 -26.27
CA ASN E 174 -23.44 21.43 -25.60
C ASN E 174 -24.86 21.80 -26.02
N ASP E 175 -25.05 22.28 -27.26
CA ASP E 175 -26.38 22.64 -27.76
C ASP E 175 -26.55 22.19 -29.20
N LEU E 176 -26.07 20.99 -29.53
CA LEU E 176 -26.20 20.47 -30.88
C LEU E 176 -27.59 19.87 -31.10
N SER E 177 -28.15 20.11 -32.28
CA SER E 177 -29.45 19.56 -32.64
C SER E 177 -29.54 19.50 -34.16
N VAL E 178 -29.83 18.32 -34.70
CA VAL E 178 -29.86 18.09 -36.14
C VAL E 178 -31.27 17.68 -36.53
N GLU E 179 -31.90 18.45 -37.42
CA GLU E 179 -33.23 18.14 -37.92
C GLU E 179 -33.47 18.96 -39.18
N PHE E 180 -34.52 18.58 -39.92
CA PHE E 180 -34.86 19.28 -41.14
C PHE E 180 -35.39 20.67 -40.86
N ILE E 181 -34.98 21.64 -41.68
CA ILE E 181 -35.44 23.03 -41.56
C ILE E 181 -35.89 23.50 -42.92
N GLN E 182 -36.82 24.47 -42.92
CA GLN E 182 -37.30 25.11 -44.14
C GLN E 182 -36.57 26.43 -44.32
N LEU E 183 -35.88 26.57 -45.45
CA LEU E 183 -35.07 27.76 -45.69
C LEU E 183 -35.90 29.00 -46.01
N GLN E 184 -37.07 28.81 -46.63
CA GLN E 184 -37.88 29.96 -47.04
C GLN E 184 -38.34 30.83 -45.87
N PRO E 185 -38.90 30.28 -44.78
CA PRO E 185 -39.25 31.16 -43.65
C PRO E 185 -38.06 31.89 -43.06
N LEU E 186 -36.90 31.22 -42.99
CA LEU E 186 -35.71 31.88 -42.47
C LEU E 186 -35.27 33.03 -43.36
N ILE E 187 -35.28 32.82 -44.67
CA ILE E 187 -34.89 33.89 -45.60
C ILE E 187 -35.89 35.04 -45.54
N PHE E 188 -37.18 34.72 -45.42
CA PHE E 188 -38.19 35.77 -45.32
C PHE E 188 -38.02 36.57 -44.03
N LYS E 189 -37.72 35.90 -42.93
CA LYS E 189 -37.47 36.61 -41.67
C LYS E 189 -36.24 37.50 -41.76
N GLU E 190 -35.17 37.00 -42.39
CA GLU E 190 -33.97 37.81 -42.56
C GLU E 190 -34.25 39.04 -43.42
N ILE E 191 -35.04 38.87 -44.49
CA ILE E 191 -35.38 40.01 -45.34
C ILE E 191 -36.25 41.00 -44.58
N LYS E 192 -37.22 40.50 -43.79
CA LYS E 192 -38.05 41.38 -43.00
C LYS E 192 -37.22 42.18 -41.99
N ASP E 193 -36.21 41.54 -41.40
CA ASP E 193 -35.32 42.25 -40.51
C ASP E 193 -34.52 43.34 -41.22
N LEU E 194 -34.39 43.25 -42.55
CA LEU E 194 -33.68 44.24 -43.33
C LEU E 194 -34.58 45.03 -44.27
N GLN E 195 -35.90 45.00 -44.05
CA GLN E 195 -36.82 45.66 -44.97
C GLN E 195 -36.53 47.14 -45.07
N SER E 196 -36.46 47.83 -43.92
CA SER E 196 -36.22 49.27 -43.94
C SER E 196 -34.83 49.58 -44.49
N TRP E 197 -33.82 48.81 -44.09
CA TRP E 197 -32.46 49.09 -44.52
C TRP E 197 -32.27 48.78 -46.01
N CYS E 198 -32.88 47.69 -46.49
CA CYS E 198 -32.82 47.39 -47.92
C CYS E 198 -33.56 48.44 -48.73
N ILE E 199 -34.71 48.92 -48.24
CA ILE E 199 -35.42 50.00 -48.92
C ILE E 199 -34.56 51.26 -48.97
N GLN E 200 -33.87 51.57 -47.86
CA GLN E 200 -32.98 52.72 -47.85
C GLN E 200 -31.86 52.57 -48.86
N LYS E 201 -31.27 51.37 -48.95
CA LYS E 201 -30.24 51.10 -49.94
C LYS E 201 -30.80 50.77 -51.32
N GLY E 202 -32.11 50.56 -51.43
CA GLY E 202 -32.74 50.32 -52.71
C GLY E 202 -32.26 49.07 -53.43
N ILE E 203 -32.17 47.96 -52.69
CA ILE E 203 -31.70 46.69 -53.23
C ILE E 203 -32.84 45.69 -53.15
N GLY E 204 -33.23 45.12 -54.29
CA GLY E 204 -34.29 44.13 -54.32
C GLY E 204 -33.79 42.73 -54.02
N PHE E 205 -34.74 41.81 -53.94
CA PHE E 205 -34.45 40.41 -53.66
C PHE E 205 -35.04 39.53 -54.76
N ASP E 206 -34.23 38.62 -55.29
CA ASP E 206 -34.66 37.64 -56.28
C ASP E 206 -34.40 36.26 -55.70
N ILE E 207 -35.45 35.64 -55.16
CA ILE E 207 -35.33 34.37 -54.45
C ILE E 207 -35.76 33.25 -55.40
N GLN E 208 -34.88 32.26 -55.57
CA GLN E 208 -35.17 31.07 -56.37
C GLN E 208 -34.74 29.85 -55.56
N LEU E 209 -35.72 29.08 -55.08
CA LEU E 209 -35.46 27.94 -54.21
C LEU E 209 -35.77 26.66 -54.96
N GLU E 210 -34.78 26.13 -55.67
CA GLU E 210 -34.91 24.80 -56.26
C GLU E 210 -34.81 23.71 -55.20
N ALA E 211 -33.90 23.88 -54.24
CA ALA E 211 -33.79 22.98 -53.13
C ALA E 211 -34.83 23.33 -52.06
N LYS E 212 -35.22 22.33 -51.27
CA LYS E 212 -36.27 22.50 -50.29
C LYS E 212 -35.80 22.29 -48.86
N GLU E 213 -35.10 21.19 -48.59
CA GLU E 213 -34.75 20.79 -47.23
C GLU E 213 -33.26 20.94 -46.99
N VAL E 214 -32.92 21.41 -45.79
CA VAL E 214 -31.54 21.48 -45.31
C VAL E 214 -31.48 20.78 -43.96
N LEU E 215 -30.29 20.29 -43.62
CA LEU E 215 -30.09 19.50 -42.40
C LEU E 215 -28.95 20.14 -41.62
N SER E 216 -29.31 21.05 -40.71
CA SER E 216 -28.36 21.79 -39.90
C SER E 216 -29.11 22.37 -38.71
N ASP E 217 -28.48 23.30 -38.00
CA ASP E 217 -29.13 24.02 -36.90
C ASP E 217 -29.70 25.33 -37.40
N ALA E 218 -30.69 25.85 -36.68
CA ALA E 218 -31.47 26.98 -37.17
C ALA E 218 -30.77 28.31 -36.92
N LYS E 219 -30.49 28.64 -35.66
CA LYS E 219 -30.10 30.00 -35.31
C LYS E 219 -28.72 30.36 -35.84
N TRP E 220 -27.75 29.44 -35.74
CA TRP E 220 -26.40 29.76 -36.17
C TRP E 220 -26.33 29.94 -37.69
N LEU E 221 -26.97 29.04 -38.44
CA LEU E 221 -27.02 29.21 -39.89
C LEU E 221 -27.80 30.46 -40.26
N ALA E 222 -28.85 30.78 -39.50
CA ALA E 222 -29.63 32.00 -39.75
C ALA E 222 -28.75 33.23 -39.60
N PHE E 223 -27.95 33.29 -38.54
CA PHE E 223 -27.09 34.44 -38.34
C PHE E 223 -25.95 34.48 -39.34
N ILE E 224 -25.45 33.31 -39.76
CA ILE E 224 -24.41 33.28 -40.78
C ILE E 224 -24.93 33.87 -42.09
N ILE E 225 -26.12 33.42 -42.51
CA ILE E 225 -26.75 33.99 -43.70
C ILE E 225 -27.04 35.46 -43.51
N ARG E 226 -27.43 35.84 -42.29
CA ARG E 226 -27.72 37.24 -41.98
C ARG E 226 -26.50 38.12 -42.23
N GLN E 227 -25.35 37.74 -41.65
CA GLN E 227 -24.16 38.57 -41.80
C GLN E 227 -23.61 38.52 -43.22
N LEU E 228 -23.71 37.36 -43.90
CA LEU E 228 -23.31 37.31 -45.29
C LEU E 228 -24.16 38.24 -46.14
N LEU E 229 -25.47 38.26 -45.90
CA LEU E 229 -26.35 39.17 -46.64
C LEU E 229 -26.02 40.62 -46.34
N THR E 230 -25.74 40.95 -45.08
CA THR E 230 -25.37 42.33 -44.75
C THR E 230 -24.10 42.73 -45.47
N ASN E 231 -23.09 41.86 -45.49
CA ASN E 231 -21.84 42.17 -46.18
C ASN E 231 -22.09 42.35 -47.67
N ALA E 232 -22.88 41.47 -48.28
CA ALA E 232 -23.17 41.58 -49.70
C ALA E 232 -23.91 42.86 -50.03
N VAL E 233 -24.87 43.25 -49.18
CA VAL E 233 -25.64 44.46 -49.45
C VAL E 233 -24.77 45.70 -49.28
N LYS E 234 -23.93 45.73 -48.24
CA LYS E 234 -23.05 46.88 -48.05
C LYS E 234 -21.89 46.89 -49.04
N TYR E 235 -21.68 45.80 -49.79
CA TYR E 235 -20.80 45.81 -50.93
C TYR E 235 -21.47 46.34 -52.20
N SER E 236 -22.75 46.69 -52.14
CA SER E 236 -23.51 47.07 -53.32
C SER E 236 -24.32 48.33 -53.03
N GLU E 237 -24.70 49.02 -54.11
CA GLU E 237 -25.54 50.20 -54.01
C GLU E 237 -26.49 50.23 -55.20
N ALA E 238 -27.79 50.18 -54.92
CA ALA E 238 -28.84 50.24 -55.95
C ALA E 238 -28.64 49.16 -57.00
N SER E 239 -28.41 47.93 -56.53
CA SER E 239 -28.22 46.78 -57.41
C SER E 239 -29.10 45.64 -56.95
N GLU E 240 -29.52 44.82 -57.91
CA GLU E 240 -30.36 43.67 -57.62
C GLU E 240 -29.51 42.46 -57.28
N ILE E 241 -29.85 41.78 -56.19
CA ILE E 241 -29.10 40.62 -55.72
C ILE E 241 -29.75 39.37 -56.29
N GLU E 242 -28.94 38.54 -56.95
CA GLU E 242 -29.42 37.28 -57.53
C GLU E 242 -29.18 36.18 -56.52
N ILE E 243 -30.25 35.75 -55.85
CA ILE E 243 -30.18 34.68 -54.86
C ILE E 243 -30.74 33.43 -55.53
N LYS E 244 -29.86 32.52 -55.92
CA LYS E 244 -30.24 31.27 -56.56
C LYS E 244 -29.76 30.11 -55.70
N SER E 245 -30.68 29.21 -55.35
CA SER E 245 -30.37 28.02 -54.58
C SER E 245 -30.84 26.80 -55.36
N PHE E 246 -29.92 25.90 -55.68
CA PHE E 246 -30.21 24.71 -56.45
C PHE E 246 -29.58 23.49 -55.81
N GLN E 247 -30.28 22.36 -55.93
CA GLN E 247 -29.82 21.10 -55.35
C GLN E 247 -28.83 20.45 -56.31
N LYS E 248 -27.57 20.83 -56.14
CA LYS E 248 -26.48 20.25 -56.94
C LYS E 248 -26.22 18.84 -56.46
N GLY E 249 -26.74 17.85 -57.19
CA GLY E 249 -26.55 16.47 -56.79
C GLY E 249 -27.29 16.19 -55.49
N GLU E 250 -26.57 15.64 -54.51
CA GLU E 250 -27.14 15.26 -53.23
C GLU E 250 -26.99 16.32 -52.15
N GLN E 251 -26.43 17.48 -52.48
CA GLN E 251 -26.18 18.53 -51.51
C GLN E 251 -26.91 19.81 -51.92
N THR E 252 -27.35 20.56 -50.90
CA THR E 252 -27.99 21.84 -51.12
C THR E 252 -26.94 22.94 -51.30
N GLN E 253 -27.15 23.79 -52.30
CA GLN E 253 -26.20 24.85 -52.63
C GLN E 253 -26.96 26.15 -52.80
N LEU E 254 -26.63 27.14 -51.97
CA LEU E 254 -27.25 28.46 -52.02
C LEU E 254 -26.23 29.46 -52.54
N GLN E 255 -26.52 30.06 -53.69
CA GLN E 255 -25.65 31.03 -54.31
C GLN E 255 -26.30 32.41 -54.22
N VAL E 256 -25.58 33.36 -53.65
CA VAL E 256 -26.04 34.75 -53.52
C VAL E 256 -25.15 35.60 -54.40
N LYS E 257 -25.62 35.88 -55.61
CA LYS E 257 -24.84 36.63 -56.60
C LYS E 257 -25.26 38.10 -56.54
N ASP E 258 -24.26 38.98 -56.50
CA ASP E 258 -24.49 40.42 -56.41
C ASP E 258 -23.72 41.12 -57.51
N CYS E 259 -24.14 42.36 -57.79
CA CYS E 259 -23.53 43.19 -58.83
C CYS E 259 -22.86 44.43 -58.24
N GLY E 260 -22.34 44.32 -57.02
CA GLY E 260 -21.71 45.44 -56.35
C GLY E 260 -20.22 45.50 -56.60
N ARG E 261 -19.53 46.19 -55.70
CA ARG E 261 -18.07 46.33 -55.83
C ARG E 261 -17.35 45.01 -55.64
N GLY E 262 -17.95 44.08 -54.90
CA GLY E 262 -17.33 42.78 -54.71
C GLY E 262 -16.13 42.83 -53.78
N ILE E 263 -15.37 41.74 -53.79
CA ILE E 263 -14.16 41.59 -52.99
C ILE E 263 -12.98 41.38 -53.93
N ASP E 264 -11.86 42.01 -53.61
CA ASP E 264 -10.66 41.86 -54.42
C ASP E 264 -10.21 40.40 -54.40
N PRO E 265 -9.78 39.85 -55.54
CA PRO E 265 -9.39 38.43 -55.57
C PRO E 265 -8.29 38.08 -54.60
N LYS E 266 -7.38 39.02 -54.32
CA LYS E 266 -6.34 38.77 -53.32
C LYS E 266 -6.95 38.61 -51.92
N ASP E 267 -8.01 39.36 -51.63
CA ASP E 267 -8.66 39.32 -50.33
C ASP E 267 -9.82 38.33 -50.27
N VAL E 268 -10.13 37.65 -51.37
CA VAL E 268 -11.20 36.65 -51.36
C VAL E 268 -10.90 35.51 -50.38
N PRO E 269 -9.70 34.91 -50.36
CA PRO E 269 -9.44 33.89 -49.33
C PRO E 269 -9.23 34.44 -47.94
N ARG E 270 -9.10 35.76 -47.79
CA ARG E 270 -8.79 36.37 -46.50
C ARG E 270 -9.98 37.12 -45.90
N ILE E 271 -11.21 36.75 -46.28
CA ILE E 271 -12.37 37.42 -45.70
C ILE E 271 -12.70 36.86 -44.32
N PHE E 272 -12.38 35.58 -44.09
CA PHE E 272 -12.72 34.93 -42.82
C PHE E 272 -11.68 35.15 -41.73
N ASP E 273 -10.62 35.90 -42.00
CA ASP E 273 -9.58 36.12 -41.02
C ASP E 273 -10.07 37.01 -39.87
N LYS E 274 -9.18 37.26 -38.92
CA LYS E 274 -9.52 38.01 -37.72
C LYS E 274 -9.38 39.51 -37.94
N GLY E 275 -10.44 40.24 -37.59
CA GLY E 275 -10.37 41.70 -37.59
C GLY E 275 -10.13 42.33 -38.95
N PHE E 276 -10.85 41.88 -39.98
CA PHE E 276 -10.69 42.42 -41.32
C PHE E 276 -11.58 43.64 -41.50
N THR E 277 -10.96 44.77 -41.87
CA THR E 277 -11.67 46.01 -42.11
C THR E 277 -11.30 46.54 -43.49
N SER E 278 -12.30 47.01 -44.22
CA SER E 278 -12.09 47.54 -45.57
C SER E 278 -11.78 49.03 -45.48
N THR E 279 -10.61 49.42 -45.95
CA THR E 279 -10.18 50.81 -45.95
C THR E 279 -10.53 51.54 -47.24
N THR E 280 -11.09 50.84 -48.23
CA THR E 280 -11.48 51.50 -49.48
C THR E 280 -12.59 52.52 -49.25
N ASP E 281 -13.57 52.16 -48.42
CA ASP E 281 -14.69 53.03 -48.10
C ASP E 281 -14.72 53.29 -46.60
N HIS E 282 -14.92 54.55 -46.23
CA HIS E 282 -14.96 54.90 -44.81
C HIS E 282 -16.20 54.36 -44.11
N HIS E 283 -17.26 54.06 -44.86
CA HIS E 283 -18.45 53.48 -44.25
C HIS E 283 -18.25 52.05 -43.80
N ASP E 284 -17.22 51.38 -44.30
CA ASP E 284 -16.95 50.00 -43.91
C ASP E 284 -16.34 49.88 -42.51
N GLN E 285 -15.95 51.00 -41.90
CA GLN E 285 -15.40 50.95 -40.55
C GLN E 285 -16.45 50.53 -39.53
N ALA E 286 -17.73 50.72 -39.85
CA ALA E 286 -18.79 50.33 -38.92
C ALA E 286 -18.86 48.82 -38.73
N SER E 287 -18.40 48.06 -39.71
CA SER E 287 -18.42 46.60 -39.61
C SER E 287 -17.47 46.13 -38.52
N THR E 288 -17.96 45.26 -37.64
CA THR E 288 -17.12 44.76 -36.55
C THR E 288 -16.02 43.85 -37.08
N GLY E 289 -16.34 43.00 -38.05
CA GLY E 289 -15.39 42.04 -38.58
C GLY E 289 -15.29 40.75 -37.82
N MET E 290 -15.67 40.73 -36.54
CA MET E 290 -15.64 39.50 -35.76
C MET E 290 -16.77 38.55 -36.15
N GLY E 291 -17.82 39.07 -36.79
CA GLY E 291 -18.93 38.20 -37.16
C GLY E 291 -18.52 37.10 -38.12
N LEU E 292 -17.62 37.41 -39.06
CA LEU E 292 -17.14 36.40 -39.99
C LEU E 292 -16.34 35.32 -39.26
N TYR E 293 -15.49 35.72 -38.31
CA TYR E 293 -14.68 34.75 -37.58
C TYR E 293 -15.56 33.82 -36.76
N LEU E 294 -16.53 34.37 -36.04
CA LEU E 294 -17.43 33.52 -35.25
C LEU E 294 -18.31 32.66 -36.15
N ALA E 295 -18.71 33.18 -37.31
CA ALA E 295 -19.48 32.38 -38.25
C ALA E 295 -18.66 31.19 -38.74
N LYS E 296 -17.40 31.41 -39.09
CA LYS E 296 -16.57 30.32 -39.59
C LYS E 296 -16.22 29.33 -38.49
N LYS E 297 -16.10 29.79 -37.24
CA LYS E 297 -15.83 28.85 -36.15
C LYS E 297 -17.08 28.08 -35.74
N ALA E 298 -18.27 28.66 -35.94
CA ALA E 298 -19.51 27.95 -35.66
C ALA E 298 -19.96 27.09 -36.83
N ALA E 299 -19.36 27.26 -38.01
CA ALA E 299 -19.71 26.42 -39.15
C ALA E 299 -19.10 25.02 -39.04
N ALA E 300 -18.04 24.85 -38.25
CA ALA E 300 -17.44 23.53 -38.09
C ALA E 300 -18.38 22.51 -37.48
N PRO E 301 -19.06 22.79 -36.36
CA PRO E 301 -20.07 21.82 -35.88
C PRO E 301 -21.21 21.62 -36.85
N LEU E 302 -21.56 22.64 -37.63
CA LEU E 302 -22.63 22.52 -38.62
C LEU E 302 -22.18 21.85 -39.90
N LEU E 303 -20.87 21.67 -40.09
CA LEU E 303 -20.29 21.03 -41.27
C LEU E 303 -20.64 21.76 -42.57
N ILE E 304 -21.02 23.02 -42.49
CA ILE E 304 -21.41 23.80 -43.66
C ILE E 304 -20.17 24.50 -44.20
N HIS E 305 -19.86 24.27 -45.47
CA HIS E 305 -18.71 24.88 -46.12
C HIS E 305 -19.15 26.12 -46.87
N ILE E 306 -18.42 27.22 -46.68
CA ILE E 306 -18.72 28.49 -47.32
C ILE E 306 -17.79 28.67 -48.50
N ASP E 307 -18.36 28.80 -49.69
CA ASP E 307 -17.61 29.05 -50.91
C ASP E 307 -17.85 30.47 -51.36
N VAL E 308 -16.77 31.19 -51.64
CA VAL E 308 -16.85 32.60 -52.05
C VAL E 308 -16.17 32.76 -53.41
N GLU E 309 -16.87 33.40 -54.34
CA GLU E 309 -16.37 33.70 -55.67
C GLU E 309 -16.68 35.18 -55.92
N SER E 310 -15.75 36.05 -55.52
CA SER E 310 -15.95 37.49 -55.59
C SER E 310 -14.88 38.13 -56.47
N GLU E 311 -15.29 39.09 -57.28
CA GLU E 311 -14.40 39.86 -58.14
C GLU E 311 -14.57 41.34 -57.83
N PHE E 312 -13.46 42.06 -57.68
CA PHE E 312 -13.54 43.48 -57.37
C PHE E 312 -14.14 44.24 -58.55
N GLY E 313 -15.13 45.08 -58.25
CA GLY E 313 -15.82 45.84 -59.26
C GLY E 313 -16.93 45.09 -59.98
N ALA E 314 -17.15 43.82 -59.67
CA ALA E 314 -18.18 43.02 -60.31
C ALA E 314 -19.25 42.52 -59.34
N GLY E 315 -18.86 42.06 -58.18
CA GLY E 315 -19.83 41.57 -57.20
C GLY E 315 -19.25 40.43 -56.41
N THR E 316 -20.07 39.90 -55.50
CA THR E 316 -19.70 38.78 -54.65
C THR E 316 -20.73 37.68 -54.78
N VAL E 317 -20.27 36.46 -54.99
CA VAL E 317 -21.13 35.28 -55.10
C VAL E 317 -20.86 34.43 -53.86
N PHE E 318 -21.67 34.62 -52.82
CA PHE E 318 -21.55 33.86 -51.58
C PHE E 318 -22.27 32.53 -51.76
N THR E 319 -21.50 31.44 -51.75
CA THR E 319 -22.04 30.10 -51.97
C THR E 319 -21.88 29.27 -50.69
N LEU E 320 -22.98 28.65 -50.27
CA LEU E 320 -22.97 27.78 -49.09
C LEU E 320 -23.04 26.33 -49.56
N THR E 321 -22.04 25.55 -49.19
CA THR E 321 -21.96 24.14 -49.56
C THR E 321 -22.44 23.31 -48.37
N PHE E 322 -23.75 23.07 -48.33
CA PHE E 322 -24.31 22.23 -47.29
C PHE E 322 -23.81 20.80 -47.46
N PRO E 323 -23.45 20.13 -46.36
CA PRO E 323 -22.94 18.76 -46.47
C PRO E 323 -24.03 17.79 -46.87
N ILE E 324 -23.61 16.65 -47.43
CA ILE E 324 -24.55 15.64 -47.91
C ILE E 324 -25.35 15.09 -46.73
N ARG E 325 -26.61 14.76 -46.99
CA ARG E 325 -27.48 14.20 -45.95
C ARG E 325 -26.93 12.86 -45.45
N ASN E 326 -26.36 12.06 -46.36
CA ASN E 326 -25.80 10.77 -45.95
C ASN E 326 -24.63 10.94 -44.99
N GLN E 327 -23.93 12.08 -45.06
CA GLN E 327 -22.84 12.34 -44.13
C GLN E 327 -23.33 12.54 -42.70
N PHE E 328 -24.61 12.88 -42.53
CA PHE E 328 -25.19 13.04 -41.20
C PHE E 328 -25.68 11.72 -40.62
N GLU E 329 -25.61 10.62 -41.37
CA GLU E 329 -26.00 9.33 -40.82
C GLU E 329 -25.07 8.88 -39.70
N HIS E 330 -23.77 9.15 -39.85
CA HIS E 330 -22.80 8.81 -38.80
C HIS E 330 -22.91 9.72 -37.59
N VAL E 331 -23.66 10.81 -37.68
CA VAL E 331 -23.79 11.76 -36.58
C VAL E 331 -25.12 11.58 -35.84
N ILE E 332 -26.22 11.48 -36.59
CA ILE E 332 -27.54 11.35 -35.97
C ILE E 332 -27.67 9.99 -35.29
N SER E 333 -27.28 8.92 -35.99
CA SER E 333 -27.44 7.58 -35.44
C SER E 333 -26.56 7.37 -34.21
N VAL E 334 -25.33 7.84 -34.24
CA VAL E 334 -24.40 7.67 -33.13
C VAL E 334 -24.68 8.71 -32.05
C1 PLM F . 15.06 -5.56 4.52
O1 PLM F . 15.12 -6.11 3.39
O2 PLM F . 14.23 -4.69 4.92
C2 PLM F . 16.13 -6.03 5.55
C3 PLM F . 16.58 -5.00 6.57
C4 PLM F . 17.02 -5.59 7.92
C5 PLM F . 18.03 -6.72 7.78
C6 PLM F . 19.37 -6.45 8.47
C7 PLM F . 19.23 -5.88 9.88
C8 PLM F . 19.70 -6.84 10.98
C9 PLM F . 21.17 -6.66 11.36
CA PLM F . 21.70 -7.75 12.27
CB PLM F . 21.02 -7.80 13.64
CC PLM F . 21.58 -8.90 14.55
CD PLM F . 22.99 -8.60 15.07
CE PLM F . 23.60 -9.75 15.89
CF PLM F . 24.93 -9.38 16.59
CG PLM F . 25.61 -10.55 17.28
C01 6OU G . 23.36 -14.35 13.90
C02 6OU G . 22.20 -14.21 12.92
C03 6OU G . 22.52 -13.11 11.90
C04 6OU G . 21.48 -13.13 10.78
C05 6OU G . 21.18 -11.72 10.34
C06 6OU G . 21.44 -11.58 8.84
C07 6OU G . 21.63 -10.09 8.49
C08 6OU G . 23.12 -9.83 8.14
C09 6OU G . 23.25 -9.32 6.70
C10 6OU G . 22.18 -8.27 6.39
C11 6OU G . 21.91 -8.27 4.89
C12 6OU G . 21.62 -6.84 4.39
C13 6OU G . 20.27 -6.34 5.02
C14 6OU G . 19.39 -5.68 3.88
C15 6OU G . 18.80 -6.83 2.94
C16 6OU G . 18.25 -6.21 1.58
O17 6OU G . 17.08 -6.15 1.37
O18 6OU G . 19.21 -5.71 0.62
C19 6OU G . 18.62 -4.86 -0.37
C20 6OU G . 19.36 -5.10 -1.72
C21 6OU G . 18.42 -4.63 -2.84
O22 6OU G . 17.09 -4.58 -2.34
P23 6OU G . 16.03 -3.43 -2.85
O24 6OU G . 14.66 -3.72 -2.24
O25 6OU G . 15.91 -3.47 -4.38
O26 6OU G . 16.53 -1.93 -2.37
C27 6OU G . 17.47 -1.22 -3.14
C28 6OU G . 17.75 0.16 -2.48
N29 6OU G . 17.08 1.22 -3.26
O30 6OU G . 19.57 -6.46 -1.82
C31 6OU G . 20.90 -6.91 -1.60
O32 6OU G . 21.78 -6.55 -2.31
C33 6OU G . 21.19 -7.88 -0.44
C34 6OU G . 22.23 -8.94 -0.94
C35 6OU G . 23.44 -8.93 0.02
C36 6OU G . 23.10 -9.88 1.20
C37 6OU G . 23.85 -11.19 0.99
C38 6OU G . 25.29 -11.01 1.51
C39 6OU G . 25.26 -10.52 2.98
C40 6OU G . 26.63 -9.84 3.26
C41 6OU G . 27.16 -10.15 4.46
C42 6OU G . 27.14 -10.87 5.85
C43 6OU G . 28.26 -11.96 5.85
C44 6OU G . 29.35 -11.61 6.91
C45 6OU G . 29.55 -12.82 7.88
C46 6OU G . 31.07 -13.04 8.06
C47 6OU G . 31.31 -14.07 9.18
C48 6OU G . 32.59 -14.84 8.85
C49 6OU G . 32.64 -16.09 9.71
C01 6OU H . 32.50 -12.02 13.73
C02 6OU H . 31.83 -13.36 13.43
C03 6OU H . 32.78 -14.51 13.77
C04 6OU H . 32.02 -15.64 14.45
C05 6OU H . 32.99 -16.51 15.22
C06 6OU H . 33.23 -15.94 16.62
C07 6OU H . 31.90 -15.86 17.41
C08 6OU H . 32.06 -16.52 18.80
C09 6OU H . 31.71 -15.50 19.91
C10 6OU H . 31.92 -16.12 21.30
C11 6OU H . 33.25 -16.86 21.35
C12 6OU H . 33.42 -17.57 22.73
C13 6OU H . 34.14 -16.60 23.72
C14 6OU H . 34.75 -17.44 24.92
C15 6OU H . 36.02 -16.65 25.53
C16 6OU H . 36.60 -17.51 26.72
O17 6OU H . 36.94 -18.64 26.54
O18 6OU H . 36.71 -16.96 28.06
C19 6OU H . 35.67 -17.45 28.92
C20 6OU H . 36.29 -18.15 30.16
C21 6OU H . 37.76 -18.49 29.88
O22 6OU H . 38.46 -18.67 31.11
P23 6OU H . 38.56 -17.44 32.19
O24 6OU H . 37.61 -17.71 33.37
O25 6OU H . 38.16 -16.10 31.56
O26 6OU H . 40.11 -17.31 32.74
C27 6OU H . 41.13 -17.19 31.79
C28 6OU H . 42.39 -16.52 32.42
N29 6OU H . 41.98 -15.70 33.58
O30 6OU H . 35.56 -19.29 30.50
C31 6OU H . 34.97 -20.01 29.41
O32 6OU H . 35.66 -20.56 28.62
C33 6OU H . 33.43 -20.11 29.28
C34 6OU H . 33.07 -20.60 27.83
C35 6OU H . 31.70 -20.00 27.38
C36 6OU H . 31.05 -20.89 26.26
C37 6OU H . 32.12 -21.66 25.46
C38 6OU H . 32.52 -20.86 24.21
C39 6OU H . 31.89 -21.51 22.96
C40 6OU H . 32.54 -20.89 21.69
C41 6OU H . 31.61 -20.53 20.78
C42 6OU H . 30.11 -20.41 20.31
C43 6OU H . 29.65 -18.91 20.33
C44 6OU H . 28.18 -18.83 20.83
C45 6OU H . 27.34 -20.02 20.23
C46 6OU H . 26.17 -20.33 21.19
C47 6OU H . 25.27 -21.43 20.57
C48 6OU H . 24.75 -22.32 21.70
C49 6OU H . 24.27 -23.65 21.12
C1 OLA I . 20.88 -1.67 10.55
O1 OLA I . 21.25 -1.78 11.73
O2 OLA I . 19.67 -1.47 10.30
C2 OLA I . 21.87 -1.79 9.42
C3 OLA I . 21.19 -1.97 8.07
C4 OLA I . 21.89 -3.01 7.21
C5 OLA I . 23.41 -2.98 7.37
C6 OLA I . 23.92 -4.25 8.05
C7 OLA I . 25.10 -4.83 7.28
C8 OLA I . 26.24 -5.28 8.18
C9 OLA I . 27.08 -6.25 7.39
C10 OLA I . 28.05 -7.16 8.02
C11 OLA I . 29.37 -6.64 8.54
C12 OLA I . 30.15 -7.77 9.18
C13 OLA I . 29.64 -8.08 10.59
C14 OLA I . 28.88 -9.40 10.64
C15 OLA I . 27.86 -9.41 11.78
C16 OLA I . 27.41 -10.82 12.10
C17 OLA I . 28.47 -11.53 12.94
C18 OLA I . 28.13 -13.00 13.15
#